data_3O49
# 
_entry.id   3O49 
# 
_audit_conform.dict_name       mmcif_pdbx.dic 
_audit_conform.dict_version    5.387 
_audit_conform.dict_location   http://mmcif.pdb.org/dictionaries/ascii/mmcif_pdbx.dic 
# 
loop_
_database_2.database_id 
_database_2.database_code 
_database_2.pdbx_database_accession 
_database_2.pdbx_DOI 
PDB   3O49         pdb_00003o49 10.2210/pdb3o49/pdb 
RCSB  RCSB060645   ?            ?                   
WWPDB D_1000060645 ?            ?                   
# 
loop_
_pdbx_audit_revision_history.ordinal 
_pdbx_audit_revision_history.data_content_type 
_pdbx_audit_revision_history.major_revision 
_pdbx_audit_revision_history.minor_revision 
_pdbx_audit_revision_history.revision_date 
1 'Structure model' 1 0 2010-12-22 
2 'Structure model' 1 1 2011-07-13 
3 'Structure model' 1 2 2024-02-21 
# 
_pdbx_audit_revision_details.ordinal             1 
_pdbx_audit_revision_details.revision_ordinal    1 
_pdbx_audit_revision_details.data_content_type   'Structure model' 
_pdbx_audit_revision_details.provider            repository 
_pdbx_audit_revision_details.type                'Initial release' 
_pdbx_audit_revision_details.description         ? 
_pdbx_audit_revision_details.details             ? 
# 
loop_
_pdbx_audit_revision_group.ordinal 
_pdbx_audit_revision_group.revision_ordinal 
_pdbx_audit_revision_group.data_content_type 
_pdbx_audit_revision_group.group 
1 2 'Structure model' 'Version format compliance' 
2 3 'Structure model' 'Data collection'           
3 3 'Structure model' 'Database references'       
4 3 'Structure model' 'Derived calculations'      
# 
loop_
_pdbx_audit_revision_category.ordinal 
_pdbx_audit_revision_category.revision_ordinal 
_pdbx_audit_revision_category.data_content_type 
_pdbx_audit_revision_category.category 
1 3 'Structure model' chem_comp_atom 
2 3 'Structure model' chem_comp_bond 
3 3 'Structure model' database_2     
4 3 'Structure model' struct_site    
# 
loop_
_pdbx_audit_revision_item.ordinal 
_pdbx_audit_revision_item.revision_ordinal 
_pdbx_audit_revision_item.data_content_type 
_pdbx_audit_revision_item.item 
1 3 'Structure model' '_database_2.pdbx_DOI'                
2 3 'Structure model' '_database_2.pdbx_database_accession' 
3 3 'Structure model' '_struct_site.pdbx_auth_asym_id'      
4 3 'Structure model' '_struct_site.pdbx_auth_comp_id'      
5 3 'Structure model' '_struct_site.pdbx_auth_seq_id'       
# 
_pdbx_database_status.status_code                     REL 
_pdbx_database_status.entry_id                        3O49 
_pdbx_database_status.recvd_initial_deposition_date   2010-07-26 
_pdbx_database_status.deposit_site                    RCSB 
_pdbx_database_status.process_site                    RCSB 
_pdbx_database_status.status_code_sf                  REL 
_pdbx_database_status.status_code_mr                  ? 
_pdbx_database_status.SG_entry                        ? 
_pdbx_database_status.status_code_cs                  ? 
_pdbx_database_status.pdb_format_compatible           Y 
_pdbx_database_status.status_code_nmr_data            ? 
_pdbx_database_status.methods_development_category    ? 
# 
loop_
_pdbx_database_related.db_name 
_pdbx_database_related.db_id 
_pdbx_database_related.details 
_pdbx_database_related.content_type 
PDB 1JQZ 'Human acidic fibroblast growth factor. 141 amino acid form with amino terminal his tag' unspecified 
PDB 3O3Q .                                                                                        unspecified 
PDB 3O4A .                                                                                        unspecified 
PDB 3O4B .                                                                                        unspecified 
PDB 3O4C .                                                                                        unspecified 
PDB 3O4D .                                                                                        unspecified 
PDB 3O4E .                                                                                        unspecified 
# 
loop_
_audit_author.name 
_audit_author.pdbx_ordinal 
'Lee, J.'    1 
'Blaber, M.' 2 
# 
_citation.id                        primary 
_citation.title                     
'Experimental support for the evolution of symmetric protein architecture from a simple peptide motif.' 
_citation.journal_abbrev            Proc.Natl.Acad.Sci.USA 
_citation.journal_volume            108 
_citation.page_first                126 
_citation.page_last                 130 
_citation.year                      2011 
_citation.journal_id_ASTM           PNASA6 
_citation.country                   US 
_citation.journal_id_ISSN           0027-8424 
_citation.journal_id_CSD            0040 
_citation.book_publisher            ? 
_citation.pdbx_database_id_PubMed   21173271 
_citation.pdbx_database_id_DOI      10.1073/pnas.1015032108 
# 
loop_
_citation_author.citation_id 
_citation_author.name 
_citation_author.ordinal 
_citation_author.identifier_ORCID 
primary 'Lee, J.'    1 ? 
primary 'Blaber, M.' 2 ? 
# 
loop_
_entity.id 
_entity.type 
_entity.src_method 
_entity.pdbx_description 
_entity.formula_weight 
_entity.pdbx_number_of_molecules 
_entity.pdbx_ec 
_entity.pdbx_mutation 
_entity.pdbx_fragment 
_entity.details 
1 polymer     man 'de novo designed beta-trefoil architecture with symmetric primary structure' 15743.063 1   ? ? ? ? 
2 non-polymer syn 2-AMINO-2-HYDROXYMETHYL-PROPANE-1,3-DIOL                                      122.143   1   ? ? ? ? 
3 non-polymer syn 'SULFATE ION'                                                                 96.063    1   ? ? ? ? 
4 water       nat water                                                                         18.015    152 ? ? ? ? 
# 
_entity_poly.entity_id                      1 
_entity_poly.type                           'polypeptide(L)' 
_entity_poly.nstd_linkage                   no 
_entity_poly.nstd_monomer                   no 
_entity_poly.pdbx_seq_one_letter_code       
;HHHHHHFNLPPGNYKKPVLLKSTETGQYLRINPDGTVDGTRDRSDQHIQFQVSPEGGGEVLLKSTETGQYLRINPDGTVD
GTRDRSDQHIQFQVSPEGGGEVLLKSTETGQYLRINPDGTVDGTRDRSDQHIQFQVSPEGGG
;
_entity_poly.pdbx_seq_one_letter_code_can   
;HHHHHHFNLPPGNYKKPVLLKSTETGQYLRINPDGTVDGTRDRSDQHIQFQVSPEGGGEVLLKSTETGQYLRINPDGTVD
GTRDRSDQHIQFQVSPEGGGEVLLKSTETGQYLRINPDGTVDGTRDRSDQHIQFQVSPEGGG
;
_entity_poly.pdbx_strand_id                 A 
_entity_poly.pdbx_target_identifier         ? 
# 
loop_
_pdbx_entity_nonpoly.entity_id 
_pdbx_entity_nonpoly.name 
_pdbx_entity_nonpoly.comp_id 
2 2-AMINO-2-HYDROXYMETHYL-PROPANE-1,3-DIOL TRS 
3 'SULFATE ION'                            SO4 
4 water                                    HOH 
# 
loop_
_entity_poly_seq.entity_id 
_entity_poly_seq.num 
_entity_poly_seq.mon_id 
_entity_poly_seq.hetero 
1 1   HIS n 
1 2   HIS n 
1 3   HIS n 
1 4   HIS n 
1 5   HIS n 
1 6   HIS n 
1 7   PHE n 
1 8   ASN n 
1 9   LEU n 
1 10  PRO n 
1 11  PRO n 
1 12  GLY n 
1 13  ASN n 
1 14  TYR n 
1 15  LYS n 
1 16  LYS n 
1 17  PRO n 
1 18  VAL n 
1 19  LEU n 
1 20  LEU n 
1 21  LYS n 
1 22  SER n 
1 23  THR n 
1 24  GLU n 
1 25  THR n 
1 26  GLY n 
1 27  GLN n 
1 28  TYR n 
1 29  LEU n 
1 30  ARG n 
1 31  ILE n 
1 32  ASN n 
1 33  PRO n 
1 34  ASP n 
1 35  GLY n 
1 36  THR n 
1 37  VAL n 
1 38  ASP n 
1 39  GLY n 
1 40  THR n 
1 41  ARG n 
1 42  ASP n 
1 43  ARG n 
1 44  SER n 
1 45  ASP n 
1 46  GLN n 
1 47  HIS n 
1 48  ILE n 
1 49  GLN n 
1 50  PHE n 
1 51  GLN n 
1 52  VAL n 
1 53  SER n 
1 54  PRO n 
1 55  GLU n 
1 56  GLY n 
1 57  GLY n 
1 58  GLY n 
1 59  GLU n 
1 60  VAL n 
1 61  LEU n 
1 62  LEU n 
1 63  LYS n 
1 64  SER n 
1 65  THR n 
1 66  GLU n 
1 67  THR n 
1 68  GLY n 
1 69  GLN n 
1 70  TYR n 
1 71  LEU n 
1 72  ARG n 
1 73  ILE n 
1 74  ASN n 
1 75  PRO n 
1 76  ASP n 
1 77  GLY n 
1 78  THR n 
1 79  VAL n 
1 80  ASP n 
1 81  GLY n 
1 82  THR n 
1 83  ARG n 
1 84  ASP n 
1 85  ARG n 
1 86  SER n 
1 87  ASP n 
1 88  GLN n 
1 89  HIS n 
1 90  ILE n 
1 91  GLN n 
1 92  PHE n 
1 93  GLN n 
1 94  VAL n 
1 95  SER n 
1 96  PRO n 
1 97  GLU n 
1 98  GLY n 
1 99  GLY n 
1 100 GLY n 
1 101 GLU n 
1 102 VAL n 
1 103 LEU n 
1 104 LEU n 
1 105 LYS n 
1 106 SER n 
1 107 THR n 
1 108 GLU n 
1 109 THR n 
1 110 GLY n 
1 111 GLN n 
1 112 TYR n 
1 113 LEU n 
1 114 ARG n 
1 115 ILE n 
1 116 ASN n 
1 117 PRO n 
1 118 ASP n 
1 119 GLY n 
1 120 THR n 
1 121 VAL n 
1 122 ASP n 
1 123 GLY n 
1 124 THR n 
1 125 ARG n 
1 126 ASP n 
1 127 ARG n 
1 128 SER n 
1 129 ASP n 
1 130 GLN n 
1 131 HIS n 
1 132 ILE n 
1 133 GLN n 
1 134 PHE n 
1 135 GLN n 
1 136 VAL n 
1 137 SER n 
1 138 PRO n 
1 139 GLU n 
1 140 GLY n 
1 141 GLY n 
1 142 GLY n 
# 
_entity_src_gen.entity_id                          1 
_entity_src_gen.pdbx_src_id                        1 
_entity_src_gen.pdbx_alt_source_flag               sample 
_entity_src_gen.pdbx_seq_type                      ? 
_entity_src_gen.pdbx_beg_seq_num                   ? 
_entity_src_gen.pdbx_end_seq_num                   ? 
_entity_src_gen.gene_src_common_name               'artificial gene' 
_entity_src_gen.gene_src_genus                     ? 
_entity_src_gen.pdbx_gene_src_gene                 ? 
_entity_src_gen.gene_src_species                   ? 
_entity_src_gen.gene_src_strain                    ? 
_entity_src_gen.gene_src_tissue                    ? 
_entity_src_gen.gene_src_tissue_fraction           ? 
_entity_src_gen.gene_src_details                   
;Synthetic sequence derived from human acidic fibroblast growth factor with a symmetric deconstruction method. The protein produced by this sequence adopts a beta-trefoil architecture with symmetric primary structure
;
_entity_src_gen.pdbx_gene_src_fragment             ? 
_entity_src_gen.pdbx_gene_src_scientific_name      'synthetic construct' 
_entity_src_gen.pdbx_gene_src_ncbi_taxonomy_id     32630 
_entity_src_gen.pdbx_gene_src_variant              ? 
_entity_src_gen.pdbx_gene_src_cell_line            ? 
_entity_src_gen.pdbx_gene_src_atcc                 ? 
_entity_src_gen.pdbx_gene_src_organ                ? 
_entity_src_gen.pdbx_gene_src_organelle            ? 
_entity_src_gen.pdbx_gene_src_cell                 ? 
_entity_src_gen.pdbx_gene_src_cellular_location    ? 
_entity_src_gen.host_org_common_name               ? 
_entity_src_gen.pdbx_host_org_scientific_name      'Escherichia coli' 
_entity_src_gen.pdbx_host_org_ncbi_taxonomy_id     562 
_entity_src_gen.host_org_genus                     ? 
_entity_src_gen.pdbx_host_org_gene                 ? 
_entity_src_gen.pdbx_host_org_organ                ? 
_entity_src_gen.host_org_species                   ? 
_entity_src_gen.pdbx_host_org_tissue               ? 
_entity_src_gen.pdbx_host_org_tissue_fraction      ? 
_entity_src_gen.pdbx_host_org_strain               ? 
_entity_src_gen.pdbx_host_org_variant              ? 
_entity_src_gen.pdbx_host_org_cell_line            ? 
_entity_src_gen.pdbx_host_org_atcc                 ? 
_entity_src_gen.pdbx_host_org_culture_collection   ? 
_entity_src_gen.pdbx_host_org_cell                 ? 
_entity_src_gen.pdbx_host_org_organelle            ? 
_entity_src_gen.pdbx_host_org_cellular_location    ? 
_entity_src_gen.pdbx_host_org_vector_type          ? 
_entity_src_gen.pdbx_host_org_vector               ? 
_entity_src_gen.host_org_details                   ? 
_entity_src_gen.expression_system_id               ? 
_entity_src_gen.plasmid_name                       ? 
_entity_src_gen.plasmid_details                    ? 
_entity_src_gen.pdbx_description                   ? 
# 
loop_
_chem_comp.id 
_chem_comp.type 
_chem_comp.mon_nstd_flag 
_chem_comp.name 
_chem_comp.pdbx_synonyms 
_chem_comp.formula 
_chem_comp.formula_weight 
ARG 'L-peptide linking' y ARGININE                                 ?             'C6 H15 N4 O2 1' 175.209 
ASN 'L-peptide linking' y ASPARAGINE                               ?             'C4 H8 N2 O3'    132.118 
ASP 'L-peptide linking' y 'ASPARTIC ACID'                          ?             'C4 H7 N O4'     133.103 
GLN 'L-peptide linking' y GLUTAMINE                                ?             'C5 H10 N2 O3'   146.144 
GLU 'L-peptide linking' y 'GLUTAMIC ACID'                          ?             'C5 H9 N O4'     147.129 
GLY 'peptide linking'   y GLYCINE                                  ?             'C2 H5 N O2'     75.067  
HIS 'L-peptide linking' y HISTIDINE                                ?             'C6 H10 N3 O2 1' 156.162 
HOH non-polymer         . WATER                                    ?             'H2 O'           18.015  
ILE 'L-peptide linking' y ISOLEUCINE                               ?             'C6 H13 N O2'    131.173 
LEU 'L-peptide linking' y LEUCINE                                  ?             'C6 H13 N O2'    131.173 
LYS 'L-peptide linking' y LYSINE                                   ?             'C6 H15 N2 O2 1' 147.195 
PHE 'L-peptide linking' y PHENYLALANINE                            ?             'C9 H11 N O2'    165.189 
PRO 'L-peptide linking' y PROLINE                                  ?             'C5 H9 N O2'     115.130 
SER 'L-peptide linking' y SERINE                                   ?             'C3 H7 N O3'     105.093 
SO4 non-polymer         . 'SULFATE ION'                            ?             'O4 S -2'        96.063  
THR 'L-peptide linking' y THREONINE                                ?             'C4 H9 N O3'     119.119 
TRS non-polymer         . 2-AMINO-2-HYDROXYMETHYL-PROPANE-1,3-DIOL 'TRIS BUFFER' 'C4 H12 N O3 1'  122.143 
TYR 'L-peptide linking' y TYROSINE                                 ?             'C9 H11 N O3'    181.189 
VAL 'L-peptide linking' y VALINE                                   ?             'C5 H11 N O2'    117.146 
# 
loop_
_pdbx_poly_seq_scheme.asym_id 
_pdbx_poly_seq_scheme.entity_id 
_pdbx_poly_seq_scheme.seq_id 
_pdbx_poly_seq_scheme.mon_id 
_pdbx_poly_seq_scheme.ndb_seq_num 
_pdbx_poly_seq_scheme.pdb_seq_num 
_pdbx_poly_seq_scheme.auth_seq_num 
_pdbx_poly_seq_scheme.pdb_mon_id 
_pdbx_poly_seq_scheme.auth_mon_id 
_pdbx_poly_seq_scheme.pdb_strand_id 
_pdbx_poly_seq_scheme.pdb_ins_code 
_pdbx_poly_seq_scheme.hetero 
A 1 1   HIS 1   -5  ?   ?   ?   A . n 
A 1 2   HIS 2   -4  ?   ?   ?   A . n 
A 1 3   HIS 3   -3  ?   ?   ?   A . n 
A 1 4   HIS 4   -2  ?   ?   ?   A . n 
A 1 5   HIS 5   -1  ?   ?   ?   A . n 
A 1 6   HIS 6   0   ?   ?   ?   A . n 
A 1 7   PHE 7   1   ?   ?   ?   A . n 
A 1 8   ASN 8   2   ?   ?   ?   A . n 
A 1 9   LEU 9   3   ?   ?   ?   A . n 
A 1 10  PRO 10  4   ?   ?   ?   A . n 
A 1 11  PRO 11  5   ?   ?   ?   A . n 
A 1 12  GLY 12  6   ?   ?   ?   A . n 
A 1 13  ASN 13  7   ?   ?   ?   A . n 
A 1 14  TYR 14  8   ?   ?   ?   A . n 
A 1 15  LYS 15  9   ?   ?   ?   A . n 
A 1 16  LYS 16  10  10  LYS LYS A . n 
A 1 17  PRO 17  11  11  PRO PRO A . n 
A 1 18  VAL 18  12  12  VAL VAL A . n 
A 1 19  LEU 19  13  13  LEU LEU A . n 
A 1 20  LEU 20  14  14  LEU LEU A . n 
A 1 21  LYS 21  15  15  LYS LYS A . n 
A 1 22  SER 22  16  16  SER SER A . n 
A 1 23  THR 23  17  17  THR THR A . n 
A 1 24  GLU 24  18  18  GLU GLU A . n 
A 1 25  THR 25  19  19  THR THR A . n 
A 1 26  GLY 26  20  20  GLY GLY A . n 
A 1 27  GLN 27  21  21  GLN GLN A . n 
A 1 28  TYR 28  22  22  TYR TYR A . n 
A 1 29  LEU 29  23  23  LEU LEU A . n 
A 1 30  ARG 30  24  24  ARG ARG A . n 
A 1 31  ILE 31  25  25  ILE ILE A . n 
A 1 32  ASN 32  26  26  ASN ASN A . n 
A 1 33  PRO 33  27  27  PRO PRO A . n 
A 1 34  ASP 34  28  28  ASP ASP A . n 
A 1 35  GLY 35  29  29  GLY GLY A . n 
A 1 36  THR 36  30  30  THR THR A . n 
A 1 37  VAL 37  31  31  VAL VAL A . n 
A 1 38  ASP 38  32  32  ASP ASP A . n 
A 1 39  GLY 39  33  33  GLY GLY A . n 
A 1 40  THR 40  34  34  THR THR A . n 
A 1 41  ARG 41  35  35  ARG ARG A . n 
A 1 42  ASP 42  36  36  ASP ASP A . n 
A 1 43  ARG 43  37  37  ARG ARG A . n 
A 1 44  SER 44  38  38  SER SER A . n 
A 1 45  ASP 45  39  39  ASP ASP A . n 
A 1 46  GLN 46  40  40  GLN GLN A . n 
A 1 47  HIS 47  41  41  HIS HIS A . n 
A 1 48  ILE 48  42  42  ILE ILE A . n 
A 1 49  GLN 49  43  43  GLN GLN A . n 
A 1 50  PHE 50  44  44  PHE PHE A . n 
A 1 51  GLN 51  45  45  GLN GLN A . n 
A 1 52  VAL 52  46  46  VAL VAL A . n 
A 1 53  SER 53  47  47  SER SER A . n 
A 1 54  PRO 54  48  48  PRO PRO A . n 
A 1 55  GLU 55  49  49  GLU GLU A . n 
A 1 56  GLY 56  50  50  GLY GLY A . n 
A 1 57  GLY 57  51  51  GLY GLY A . n 
A 1 58  GLY 58  52  52  GLY GLY A . n 
A 1 59  GLU 59  53  53  GLU GLU A . n 
A 1 60  VAL 60  54  54  VAL VAL A . n 
A 1 61  LEU 61  55  55  LEU LEU A . n 
A 1 62  LEU 62  56  56  LEU LEU A . n 
A 1 63  LYS 63  57  57  LYS LYS A . n 
A 1 64  SER 64  58  58  SER SER A . n 
A 1 65  THR 65  59  59  THR THR A . n 
A 1 66  GLU 66  60  60  GLU GLU A . n 
A 1 67  THR 67  61  61  THR THR A . n 
A 1 68  GLY 68  62  62  GLY GLY A . n 
A 1 69  GLN 69  63  63  GLN GLN A . n 
A 1 70  TYR 70  64  64  TYR TYR A . n 
A 1 71  LEU 71  65  65  LEU LEU A . n 
A 1 72  ARG 72  66  66  ARG ARG A . n 
A 1 73  ILE 73  67  67  ILE ILE A . n 
A 1 74  ASN 74  68  68  ASN ASN A . n 
A 1 75  PRO 75  69  69  PRO PRO A . n 
A 1 76  ASP 76  70  70  ASP ASP A . n 
A 1 77  GLY 77  71  71  GLY GLY A . n 
A 1 78  THR 78  72  72  THR THR A . n 
A 1 79  VAL 79  73  73  VAL VAL A . n 
A 1 80  ASP 80  74  74  ASP ASP A . n 
A 1 81  GLY 81  75  75  GLY GLY A . n 
A 1 82  THR 82  76  76  THR THR A . n 
A 1 83  ARG 83  76  76  ARG ARG A A n 
A 1 84  ASP 84  77  77  ASP ASP A . n 
A 1 85  ARG 85  78  78  ARG ARG A . n 
A 1 86  SER 86  79  79  SER SER A . n 
A 1 87  ASP 87  80  80  ASP ASP A . n 
A 1 88  GLN 88  81  81  GLN GLN A . n 
A 1 89  HIS 89  82  82  HIS HIS A . n 
A 1 90  ILE 90  83  83  ILE ILE A . n 
A 1 91  GLN 91  84  84  GLN GLN A . n 
A 1 92  PHE 92  85  85  PHE PHE A . n 
A 1 93  GLN 93  86  86  GLN GLN A . n 
A 1 94  VAL 94  87  87  VAL VAL A . n 
A 1 95  SER 95  88  88  SER SER A . n 
A 1 96  PRO 96  89  89  PRO PRO A . n 
A 1 97  GLU 97  90  90  GLU GLU A . n 
A 1 98  GLY 98  91  91  GLY GLY A . n 
A 1 99  GLY 99  92  92  GLY GLY A . n 
A 1 100 GLY 100 93  93  GLY GLY A . n 
A 1 101 GLU 101 94  94  GLU GLU A . n 
A 1 102 VAL 102 95  95  VAL VAL A . n 
A 1 103 LEU 103 96  96  LEU LEU A . n 
A 1 104 LEU 104 97  97  LEU LEU A . n 
A 1 105 LYS 105 98  98  LYS LYS A . n 
A 1 106 SER 106 99  99  SER SER A . n 
A 1 107 THR 107 100 100 THR THR A . n 
A 1 108 GLU 108 101 101 GLU GLU A . n 
A 1 109 THR 109 102 102 THR THR A . n 
A 1 110 GLY 110 103 103 GLY GLY A . n 
A 1 111 GLN 111 107 107 GLN GLN A . n 
A 1 112 TYR 112 108 108 TYR TYR A . n 
A 1 113 LEU 113 109 109 LEU LEU A . n 
A 1 114 ARG 114 110 110 ARG ARG A . n 
A 1 115 ILE 115 111 111 ILE ILE A . n 
A 1 116 ASN 116 112 112 ASN ASN A . n 
A 1 117 PRO 117 113 113 PRO PRO A . n 
A 1 118 ASP 118 114 114 ASP ASP A . n 
A 1 119 GLY 119 115 115 GLY GLY A . n 
A 1 120 THR 120 116 116 THR THR A . n 
A 1 121 VAL 121 117 117 VAL VAL A . n 
A 1 122 ASP 122 118 118 ASP ASP A . n 
A 1 123 GLY 123 119 119 GLY GLY A . n 
A 1 124 THR 124 123 123 THR THR A . n 
A 1 125 ARG 125 123 123 ARG ARG A A n 
A 1 126 ASP 126 124 124 ASP ASP A . n 
A 1 127 ARG 127 125 125 ARG ARG A . n 
A 1 128 SER 128 126 126 SER SER A . n 
A 1 129 ASP 129 127 127 ASP ASP A . n 
A 1 130 GLN 130 128 128 GLN GLN A . n 
A 1 131 HIS 131 129 129 HIS HIS A . n 
A 1 132 ILE 132 130 130 ILE ILE A . n 
A 1 133 GLN 133 131 131 GLN GLN A . n 
A 1 134 PHE 134 132 132 PHE PHE A . n 
A 1 135 GLN 135 133 133 GLN GLN A . n 
A 1 136 VAL 136 134 134 VAL VAL A . n 
A 1 137 SER 137 135 135 SER SER A . n 
A 1 138 PRO 138 136 136 PRO PRO A . n 
A 1 139 GLU 139 137 ?   ?   ?   A . n 
A 1 140 GLY 140 138 ?   ?   ?   A . n 
A 1 141 GLY 141 139 ?   ?   ?   A . n 
A 1 142 GLY 142 140 ?   ?   ?   A . n 
# 
loop_
_pdbx_nonpoly_scheme.asym_id 
_pdbx_nonpoly_scheme.entity_id 
_pdbx_nonpoly_scheme.mon_id 
_pdbx_nonpoly_scheme.ndb_seq_num 
_pdbx_nonpoly_scheme.pdb_seq_num 
_pdbx_nonpoly_scheme.auth_seq_num 
_pdbx_nonpoly_scheme.pdb_mon_id 
_pdbx_nonpoly_scheme.auth_mon_id 
_pdbx_nonpoly_scheme.pdb_strand_id 
_pdbx_nonpoly_scheme.pdb_ins_code 
B 2 TRS 1   7359 7359 TRS TRS A . 
C 3 SO4 1   141  1    SO4 SO4 A . 
D 4 HOH 1   104  104  HOH HOH A . 
D 4 HOH 2   105  105  HOH HOH A . 
D 4 HOH 3   106  106  HOH HOH A . 
D 4 HOH 4   120  120  HOH HOH A . 
D 4 HOH 5   121  121  HOH HOH A . 
D 4 HOH 6   122  122  HOH HOH A . 
D 4 HOH 7   142  142  HOH HOH A . 
D 4 HOH 8   144  144  HOH HOH A . 
D 4 HOH 9   145  145  HOH HOH A . 
D 4 HOH 10  146  146  HOH HOH A . 
D 4 HOH 11  147  147  HOH HOH A . 
D 4 HOH 12  148  148  HOH HOH A . 
D 4 HOH 13  149  149  HOH HOH A . 
D 4 HOH 14  150  150  HOH HOH A . 
D 4 HOH 15  151  151  HOH HOH A . 
D 4 HOH 16  152  152  HOH HOH A . 
D 4 HOH 17  153  153  HOH HOH A . 
D 4 HOH 18  154  154  HOH HOH A . 
D 4 HOH 19  155  1    HOH HOH A . 
D 4 HOH 20  156  2    HOH HOH A . 
D 4 HOH 21  157  3    HOH HOH A . 
D 4 HOH 22  158  4    HOH HOH A . 
D 4 HOH 23  159  5    HOH HOH A . 
D 4 HOH 24  160  6    HOH HOH A . 
D 4 HOH 25  161  7    HOH HOH A . 
D 4 HOH 26  162  8    HOH HOH A . 
D 4 HOH 27  163  9    HOH HOH A . 
D 4 HOH 28  164  10   HOH HOH A . 
D 4 HOH 29  165  11   HOH HOH A . 
D 4 HOH 30  166  12   HOH HOH A . 
D 4 HOH 31  167  13   HOH HOH A . 
D 4 HOH 32  168  14   HOH HOH A . 
D 4 HOH 33  169  15   HOH HOH A . 
D 4 HOH 34  170  16   HOH HOH A . 
D 4 HOH 35  171  17   HOH HOH A . 
D 4 HOH 36  172  18   HOH HOH A . 
D 4 HOH 37  173  19   HOH HOH A . 
D 4 HOH 38  174  20   HOH HOH A . 
D 4 HOH 39  175  21   HOH HOH A . 
D 4 HOH 40  176  22   HOH HOH A . 
D 4 HOH 41  177  23   HOH HOH A . 
D 4 HOH 42  178  24   HOH HOH A . 
D 4 HOH 43  179  25   HOH HOH A . 
D 4 HOH 44  180  26   HOH HOH A . 
D 4 HOH 45  181  27   HOH HOH A . 
D 4 HOH 46  182  28   HOH HOH A . 
D 4 HOH 47  183  29   HOH HOH A . 
D 4 HOH 48  184  30   HOH HOH A . 
D 4 HOH 49  186  32   HOH HOH A . 
D 4 HOH 50  187  33   HOH HOH A . 
D 4 HOH 51  188  34   HOH HOH A . 
D 4 HOH 52  189  35   HOH HOH A . 
D 4 HOH 53  190  36   HOH HOH A . 
D 4 HOH 54  191  37   HOH HOH A . 
D 4 HOH 55  192  38   HOH HOH A . 
D 4 HOH 56  193  39   HOH HOH A . 
D 4 HOH 57  194  40   HOH HOH A . 
D 4 HOH 58  195  41   HOH HOH A . 
D 4 HOH 59  196  42   HOH HOH A . 
D 4 HOH 60  197  43   HOH HOH A . 
D 4 HOH 61  198  44   HOH HOH A . 
D 4 HOH 62  199  45   HOH HOH A . 
D 4 HOH 63  200  46   HOH HOH A . 
D 4 HOH 64  201  47   HOH HOH A . 
D 4 HOH 65  202  48   HOH HOH A . 
D 4 HOH 66  203  49   HOH HOH A . 
D 4 HOH 67  204  50   HOH HOH A . 
D 4 HOH 68  205  51   HOH HOH A . 
D 4 HOH 69  206  52   HOH HOH A . 
D 4 HOH 70  207  53   HOH HOH A . 
D 4 HOH 71  208  54   HOH HOH A . 
D 4 HOH 72  209  55   HOH HOH A . 
D 4 HOH 73  210  56   HOH HOH A . 
D 4 HOH 74  211  57   HOH HOH A . 
D 4 HOH 75  212  58   HOH HOH A . 
D 4 HOH 76  213  59   HOH HOH A . 
D 4 HOH 77  214  60   HOH HOH A . 
D 4 HOH 78  215  61   HOH HOH A . 
D 4 HOH 79  216  62   HOH HOH A . 
D 4 HOH 80  217  63   HOH HOH A . 
D 4 HOH 81  218  64   HOH HOH A . 
D 4 HOH 82  219  65   HOH HOH A . 
D 4 HOH 83  220  66   HOH HOH A . 
D 4 HOH 84  221  67   HOH HOH A . 
D 4 HOH 85  222  68   HOH HOH A . 
D 4 HOH 86  223  69   HOH HOH A . 
D 4 HOH 87  224  70   HOH HOH A . 
D 4 HOH 88  225  71   HOH HOH A . 
D 4 HOH 89  226  72   HOH HOH A . 
D 4 HOH 90  227  73   HOH HOH A . 
D 4 HOH 91  228  74   HOH HOH A . 
D 4 HOH 92  229  75   HOH HOH A . 
D 4 HOH 93  230  76   HOH HOH A . 
D 4 HOH 94  231  77   HOH HOH A . 
D 4 HOH 95  232  78   HOH HOH A . 
D 4 HOH 96  233  79   HOH HOH A . 
D 4 HOH 97  234  80   HOH HOH A . 
D 4 HOH 98  235  81   HOH HOH A . 
D 4 HOH 99  236  82   HOH HOH A . 
D 4 HOH 100 237  83   HOH HOH A . 
D 4 HOH 101 238  84   HOH HOH A . 
D 4 HOH 102 239  85   HOH HOH A . 
D 4 HOH 103 240  86   HOH HOH A . 
D 4 HOH 104 241  87   HOH HOH A . 
D 4 HOH 105 242  88   HOH HOH A . 
D 4 HOH 106 243  89   HOH HOH A . 
D 4 HOH 107 244  90   HOH HOH A . 
D 4 HOH 108 245  91   HOH HOH A . 
D 4 HOH 109 246  92   HOH HOH A . 
D 4 HOH 110 247  93   HOH HOH A . 
D 4 HOH 111 248  94   HOH HOH A . 
D 4 HOH 112 249  95   HOH HOH A . 
D 4 HOH 113 250  96   HOH HOH A . 
D 4 HOH 114 251  97   HOH HOH A . 
D 4 HOH 115 252  98   HOH HOH A . 
D 4 HOH 116 253  99   HOH HOH A . 
D 4 HOH 117 254  100  HOH HOH A . 
D 4 HOH 118 255  101  HOH HOH A . 
D 4 HOH 119 256  102  HOH HOH A . 
D 4 HOH 120 257  103  HOH HOH A . 
D 4 HOH 121 258  107  HOH HOH A . 
D 4 HOH 122 259  108  HOH HOH A . 
D 4 HOH 123 260  109  HOH HOH A . 
D 4 HOH 124 261  110  HOH HOH A . 
D 4 HOH 125 262  111  HOH HOH A . 
D 4 HOH 126 263  112  HOH HOH A . 
D 4 HOH 127 264  113  HOH HOH A . 
D 4 HOH 128 265  114  HOH HOH A . 
D 4 HOH 129 266  115  HOH HOH A . 
D 4 HOH 130 267  116  HOH HOH A . 
D 4 HOH 131 268  117  HOH HOH A . 
D 4 HOH 132 269  118  HOH HOH A . 
D 4 HOH 133 270  119  HOH HOH A . 
D 4 HOH 134 271  123  HOH HOH A . 
D 4 HOH 135 272  124  HOH HOH A . 
D 4 HOH 136 273  125  HOH HOH A . 
D 4 HOH 137 274  126  HOH HOH A . 
D 4 HOH 138 275  127  HOH HOH A . 
D 4 HOH 139 276  128  HOH HOH A . 
D 4 HOH 140 277  129  HOH HOH A . 
D 4 HOH 141 278  130  HOH HOH A . 
D 4 HOH 142 279  131  HOH HOH A . 
D 4 HOH 143 280  132  HOH HOH A . 
D 4 HOH 144 281  133  HOH HOH A . 
D 4 HOH 145 282  134  HOH HOH A . 
D 4 HOH 146 283  135  HOH HOH A . 
D 4 HOH 147 284  136  HOH HOH A . 
D 4 HOH 148 285  137  HOH HOH A . 
D 4 HOH 149 286  138  HOH HOH A . 
D 4 HOH 150 287  139  HOH HOH A . 
D 4 HOH 151 288  140  HOH HOH A . 
D 4 HOH 152 289  141  HOH HOH A . 
# 
loop_
_software.name 
_software.classification 
_software.version 
_software.citation_id 
_software.pdbx_ordinal 
HKL-2000 'data collection' .                 ? 1 
PHASES   phasing           .                 ? 2 
PHENIX   refinement        '(phenix.refine)' ? 3 
HKL-2000 'data reduction'  .                 ? 4 
HKL-2000 'data scaling'    .                 ? 5 
# 
_cell.entry_id           3O49 
_cell.length_a           50.365 
_cell.length_b           53.351 
_cell.length_c           85.175 
_cell.angle_alpha        90.00 
_cell.angle_beta         90.00 
_cell.angle_gamma        90.00 
_cell.Z_PDB              8 
_cell.pdbx_unique_axis   ? 
_cell.length_a_esd       ? 
_cell.length_b_esd       ? 
_cell.length_c_esd       ? 
_cell.angle_alpha_esd    ? 
_cell.angle_beta_esd     ? 
_cell.angle_gamma_esd    ? 
# 
_symmetry.entry_id                         3O49 
_symmetry.space_group_name_H-M             'I 2 2 2' 
_symmetry.pdbx_full_space_group_name_H-M   ? 
_symmetry.cell_setting                     ? 
_symmetry.Int_Tables_number                23 
_symmetry.space_group_name_Hall            ? 
# 
_exptl.entry_id          3O49 
_exptl.method            'X-RAY DIFFRACTION' 
_exptl.crystals_number   1 
# 
_exptl_crystal.id                    1 
_exptl_crystal.density_meas          ? 
_exptl_crystal.density_Matthews      1.82 
_exptl_crystal.density_percent_sol   32.31 
_exptl_crystal.description           ? 
_exptl_crystal.F_000                 ? 
_exptl_crystal.preparation           ? 
# 
_exptl_crystal_grow.crystal_id      1 
_exptl_crystal_grow.method          'VAPOR DIFFUSION, HANGING DROP' 
_exptl_crystal_grow.temp            298 
_exptl_crystal_grow.temp_details    ? 
_exptl_crystal_grow.pH              7.0 
_exptl_crystal_grow.pdbx_details    
'2M ammonium sulfate, 0.2M Li2SO4, 0.1M Tris, 15mg/mL protein concentration, pH 7.0, VAPOR DIFFUSION, HANGING DROP, temperature 298K' 
_exptl_crystal_grow.pdbx_pH_range   ? 
# 
_diffrn.id                     1 
_diffrn.ambient_temp           100 
_diffrn.ambient_temp_details   ? 
_diffrn.crystal_id             1 
# 
_diffrn_detector.diffrn_id              1 
_diffrn_detector.detector               CCD 
_diffrn_detector.type                   'MARMOSAIC 225 mm CCD' 
_diffrn_detector.pdbx_collection_date   2009-07-06 
_diffrn_detector.details                ? 
# 
_diffrn_radiation.diffrn_id                        1 
_diffrn_radiation.wavelength_id                    1 
_diffrn_radiation.pdbx_monochromatic_or_laue_m_l   M 
_diffrn_radiation.monochromator                    Si 
_diffrn_radiation.pdbx_diffrn_protocol             'SINGLE WAVELENGTH' 
_diffrn_radiation.pdbx_scattering_type             x-ray 
# 
_diffrn_radiation_wavelength.id           1 
_diffrn_radiation_wavelength.wavelength   1.0 
_diffrn_radiation_wavelength.wt           1.0 
# 
_diffrn_source.diffrn_id                   1 
_diffrn_source.source                      SYNCHROTRON 
_diffrn_source.type                        'APS BEAMLINE 22-BM' 
_diffrn_source.pdbx_synchrotron_site       APS 
_diffrn_source.pdbx_synchrotron_beamline   22-BM 
_diffrn_source.pdbx_wavelength             ? 
_diffrn_source.pdbx_wavelength_list        1.0 
# 
_reflns.entry_id                     3O49 
_reflns.observed_criterion_sigma_I   3 
_reflns.observed_criterion_sigma_F   3 
_reflns.d_resolution_low             50.0 
_reflns.d_resolution_high            1.45 
_reflns.number_obs                   19854 
_reflns.number_all                   20483 
_reflns.percent_possible_obs         96.9 
_reflns.pdbx_Rmerge_I_obs            0.051 
_reflns.pdbx_Rsym_value              ? 
_reflns.pdbx_netI_over_sigmaI        53.6 
_reflns.B_iso_Wilson_estimate        18.86 
_reflns.pdbx_redundancy              7.0 
_reflns.R_free_details               ? 
_reflns.limit_h_max                  ? 
_reflns.limit_h_min                  ? 
_reflns.limit_k_max                  ? 
_reflns.limit_k_min                  ? 
_reflns.limit_l_max                  ? 
_reflns.limit_l_min                  ? 
_reflns.observed_criterion_F_max     ? 
_reflns.observed_criterion_F_min     ? 
_reflns.pdbx_chi_squared             ? 
_reflns.pdbx_scaling_rejects         ? 
_reflns.pdbx_ordinal                 1 
_reflns.pdbx_diffrn_id               1 
# 
_reflns_shell.d_res_high             1.45 
_reflns_shell.d_res_low              1.48 
_reflns_shell.percent_possible_all   85.8 
_reflns_shell.Rmerge_I_obs           0.378 
_reflns_shell.pdbx_Rsym_value        ? 
_reflns_shell.meanI_over_sigI_obs    3.6 
_reflns_shell.pdbx_redundancy        5.8 
_reflns_shell.percent_possible_obs   ? 
_reflns_shell.number_unique_all      868 
_reflns_shell.number_measured_all    ? 
_reflns_shell.number_measured_obs    ? 
_reflns_shell.number_unique_obs      ? 
_reflns_shell.pdbx_chi_squared       ? 
_reflns_shell.pdbx_ordinal           1 
_reflns_shell.pdbx_diffrn_id         1 
# 
_refine.entry_id                                 3O49 
_refine.ls_number_reflns_obs                     19854 
_refine.ls_number_reflns_all                     20483 
_refine.pdbx_ls_sigma_I                          ? 
_refine.pdbx_ls_sigma_F                          0.12 
_refine.pdbx_data_cutoff_high_absF               ? 
_refine.pdbx_data_cutoff_low_absF                ? 
_refine.pdbx_data_cutoff_high_rms_absF           ? 
_refine.ls_d_res_low                             45.214 
_refine.ls_d_res_high                            1.45 
_refine.ls_percent_reflns_obs                    95.45 
_refine.ls_R_factor_obs                          0.1989 
_refine.ls_R_factor_all                          ? 
_refine.ls_R_factor_R_work                       0.1958 
_refine.ls_R_factor_R_free                       0.2272 
_refine.ls_R_factor_R_free_error                 ? 
_refine.ls_R_factor_R_free_error_details         ? 
_refine.ls_percent_reflns_R_free                 9.76 
_refine.ls_number_reflns_R_free                  1937 
_refine.ls_number_parameters                     ? 
_refine.ls_number_restraints                     ? 
_refine.occupancy_min                            ? 
_refine.occupancy_max                            ? 
_refine.correlation_coeff_Fo_to_Fc               ? 
_refine.correlation_coeff_Fo_to_Fc_free          ? 
_refine.B_iso_mean                               ? 
_refine.aniso_B[1][1]                            -3.6536 
_refine.aniso_B[2][2]                            5.4726 
_refine.aniso_B[3][3]                            -1.8190 
_refine.aniso_B[1][2]                            0.0000 
_refine.aniso_B[1][3]                            -0.0000 
_refine.aniso_B[2][3]                            0.0000 
_refine.solvent_model_details                    'FLAT BULK SOLVENT MODEL' 
_refine.solvent_model_param_ksol                 0.400 
_refine.solvent_model_param_bsol                 60.978 
_refine.pdbx_solvent_vdw_probe_radii             1.11 
_refine.pdbx_solvent_ion_probe_radii             ? 
_refine.pdbx_solvent_shrinkage_radii             0.90 
_refine.pdbx_ls_cross_valid_method               ? 
_refine.details                                  ? 
_refine.pdbx_starting_model                      ? 
_refine.pdbx_method_to_determine_struct          'MOLECULAR REPLACEMENT' 
_refine.pdbx_isotropic_thermal_model             ? 
_refine.pdbx_stereochemistry_target_values       ML 
_refine.pdbx_stereochem_target_val_spec_case     ? 
_refine.pdbx_R_Free_selection_details            RANDOM 
_refine.pdbx_overall_ESU_R_Free                  ? 
_refine.overall_SU_ML                            1.15 
_refine.overall_SU_B                             ? 
_refine.overall_SU_R_Cruickshank_DPI             ? 
_refine.ls_redundancy_reflns_obs                 ? 
_refine.B_iso_min                                ? 
_refine.B_iso_max                                ? 
_refine.overall_SU_R_free                        ? 
_refine.ls_wR_factor_R_free                      ? 
_refine.ls_wR_factor_R_work                      ? 
_refine.overall_FOM_free_R_set                   ? 
_refine.overall_FOM_work_R_set                   ? 
_refine.pdbx_overall_phase_error                 ? 
_refine.pdbx_refine_id                           'X-RAY DIFFRACTION' 
_refine.pdbx_overall_ESU_R                       ? 
_refine.pdbx_diffrn_id                           1 
_refine.pdbx_TLS_residual_ADP_flag               ? 
_refine.pdbx_overall_SU_R_free_Cruickshank_DPI   ? 
_refine.pdbx_overall_SU_R_Blow_DPI               ? 
_refine.pdbx_overall_SU_R_free_Blow_DPI          ? 
# 
_refine_hist.pdbx_refine_id                   'X-RAY DIFFRACTION' 
_refine_hist.cycle_id                         LAST 
_refine_hist.pdbx_number_atoms_protein        955 
_refine_hist.pdbx_number_atoms_nucleic_acid   0 
_refine_hist.pdbx_number_atoms_ligand         13 
_refine_hist.number_atoms_solvent             152 
_refine_hist.number_atoms_total               1120 
_refine_hist.d_res_high                       1.45 
_refine_hist.d_res_low                        45.214 
# 
loop_
_refine_ls_restr.type 
_refine_ls_restr.dev_ideal 
_refine_ls_restr.dev_ideal_target 
_refine_ls_restr.weight 
_refine_ls_restr.number 
_refine_ls_restr.pdbx_refine_id 
_refine_ls_restr.pdbx_restraint_function 
f_bond_d           0.007  ? ? 1031 'X-RAY DIFFRACTION' ? 
f_angle_d          1.135  ? ? 1405 'X-RAY DIFFRACTION' ? 
f_dihedral_angle_d 17.607 ? ? 401  'X-RAY DIFFRACTION' ? 
f_chiral_restr     0.072  ? ? 153  'X-RAY DIFFRACTION' ? 
f_plane_restr      0.005  ? ? 192  'X-RAY DIFFRACTION' ? 
# 
loop_
_refine_ls_shell.pdbx_total_number_of_bins_used 
_refine_ls_shell.d_res_high 
_refine_ls_shell.d_res_low 
_refine_ls_shell.number_reflns_R_work 
_refine_ls_shell.R_factor_R_work 
_refine_ls_shell.percent_reflns_obs 
_refine_ls_shell.R_factor_R_free 
_refine_ls_shell.R_factor_R_free_error 
_refine_ls_shell.percent_reflns_R_free 
_refine_ls_shell.number_reflns_R_free 
_refine_ls_shell.number_reflns_all 
_refine_ls_shell.R_factor_all 
_refine_ls_shell.number_reflns_obs 
_refine_ls_shell.redundancy_reflns_obs 
_refine_ls_shell.pdbx_refine_id 
. 1.45   1.5006  1454 0.2512 79.00  0.2387 . . 157 . . 1454 . 'X-RAY DIFFRACTION' 
. 1.5006 1.5607  1701 0.2341 91.00  0.2852 . . 172 . . 1701 . 'X-RAY DIFFRACTION' 
. 1.5607 1.6317  1729 0.2292 95.00  0.2892 . . 192 . . 1729 . 'X-RAY DIFFRACTION' 
. 1.6317 1.7178  1794 0.2228 97.00  0.2703 . . 200 . . 1794 . 'X-RAY DIFFRACTION' 
. 1.7178 1.8254  1805 0.2187 98.00  0.2686 . . 201 . . 1805 . 'X-RAY DIFFRACTION' 
. 1.8254 1.9664  1853 0.2135 98.00  0.2556 . . 186 . . 1853 . 'X-RAY DIFFRACTION' 
. 1.9664 2.1642  1856 0.1933 99.00  0.2272 . . 206 . . 1856 . 'X-RAY DIFFRACTION' 
. 2.1642 2.4774  1852 0.1921 99.00  0.2219 . . 202 . . 1852 . 'X-RAY DIFFRACTION' 
. 2.4774 3.1211  1909 0.1864 100.00 0.2401 . . 204 . . 1909 . 'X-RAY DIFFRACTION' 
. 3.1211 45.2357 1964 0.1773 99.00  0.1927 . . 217 . . 1964 . 'X-RAY DIFFRACTION' 
# 
_struct.entry_id                  3O49 
_struct.title                     
'Crystal structure of Symfoil-1: de novo designed beta-trefoil architecture with symmetric primary structure' 
_struct.pdbx_model_details        ? 
_struct.pdbx_CASP_flag            ? 
_struct.pdbx_model_type_details   ? 
# 
_struct_keywords.entry_id        3O49 
_struct_keywords.pdbx_keywords   'DE NOVO PROTEIN' 
_struct_keywords.text            'beta-trefoil, DE NOVO PROTEIN' 
# 
loop_
_struct_asym.id 
_struct_asym.pdbx_blank_PDB_chainid_flag 
_struct_asym.pdbx_modified 
_struct_asym.entity_id 
_struct_asym.details 
A N N 1 ? 
B N N 2 ? 
C N N 3 ? 
D N N 4 ? 
# 
_struct_ref.id                         1 
_struct_ref.db_name                    PDB 
_struct_ref.db_code                    3O49 
_struct_ref.pdbx_db_accession          3O49 
_struct_ref.entity_id                  1 
_struct_ref.pdbx_align_begin           ? 
_struct_ref.pdbx_seq_one_letter_code   ? 
_struct_ref.pdbx_db_isoform            ? 
# 
_struct_ref_seq.align_id                      1 
_struct_ref_seq.ref_id                        1 
_struct_ref_seq.pdbx_PDB_id_code              3O49 
_struct_ref_seq.pdbx_strand_id                A 
_struct_ref_seq.seq_align_beg                 1 
_struct_ref_seq.pdbx_seq_align_beg_ins_code   ? 
_struct_ref_seq.seq_align_end                 142 
_struct_ref_seq.pdbx_seq_align_end_ins_code   ? 
_struct_ref_seq.pdbx_db_accession             3O49 
_struct_ref_seq.db_align_beg                  -5 
_struct_ref_seq.pdbx_db_align_beg_ins_code    ? 
_struct_ref_seq.db_align_end                  140 
_struct_ref_seq.pdbx_db_align_end_ins_code    ? 
_struct_ref_seq.pdbx_auth_seq_align_beg       -5 
_struct_ref_seq.pdbx_auth_seq_align_end       140 
# 
_pdbx_struct_assembly.id                   1 
_pdbx_struct_assembly.details              author_and_software_defined_assembly 
_pdbx_struct_assembly.method_details       PISA 
_pdbx_struct_assembly.oligomeric_details   monomeric 
_pdbx_struct_assembly.oligomeric_count     1 
# 
_pdbx_struct_assembly_gen.assembly_id       1 
_pdbx_struct_assembly_gen.oper_expression   1 
_pdbx_struct_assembly_gen.asym_id_list      A,B,C,D 
# 
_pdbx_struct_oper_list.id                   1 
_pdbx_struct_oper_list.type                 'identity operation' 
_pdbx_struct_oper_list.name                 1_555 
_pdbx_struct_oper_list.symmetry_operation   x,y,z 
_pdbx_struct_oper_list.matrix[1][1]         1.0000000000 
_pdbx_struct_oper_list.matrix[1][2]         0.0000000000 
_pdbx_struct_oper_list.matrix[1][3]         0.0000000000 
_pdbx_struct_oper_list.vector[1]            0.0000000000 
_pdbx_struct_oper_list.matrix[2][1]         0.0000000000 
_pdbx_struct_oper_list.matrix[2][2]         1.0000000000 
_pdbx_struct_oper_list.matrix[2][3]         0.0000000000 
_pdbx_struct_oper_list.vector[2]            0.0000000000 
_pdbx_struct_oper_list.matrix[3][1]         0.0000000000 
_pdbx_struct_oper_list.matrix[3][2]         0.0000000000 
_pdbx_struct_oper_list.matrix[3][3]         1.0000000000 
_pdbx_struct_oper_list.vector[3]            0.0000000000 
# 
_struct_biol.id        1 
_struct_biol.details   ? 
# 
_struct_conf.conf_type_id            HELX_P 
_struct_conf.id                      HELX_P1 
_struct_conf.pdbx_PDB_helix_id       1 
_struct_conf.beg_label_comp_id       ASP 
_struct_conf.beg_label_asym_id       A 
_struct_conf.beg_label_seq_id        45 
_struct_conf.pdbx_beg_PDB_ins_code   ? 
_struct_conf.end_label_comp_id       ILE 
_struct_conf.end_label_asym_id       A 
_struct_conf.end_label_seq_id        48 
_struct_conf.pdbx_end_PDB_ins_code   ? 
_struct_conf.beg_auth_comp_id        ASP 
_struct_conf.beg_auth_asym_id        A 
_struct_conf.beg_auth_seq_id         39 
_struct_conf.end_auth_comp_id        ILE 
_struct_conf.end_auth_asym_id        A 
_struct_conf.end_auth_seq_id         42 
_struct_conf.pdbx_PDB_helix_class    5 
_struct_conf.details                 ? 
_struct_conf.pdbx_PDB_helix_length   4 
# 
_struct_conf_type.id          HELX_P 
_struct_conf_type.criteria    ? 
_struct_conf_type.reference   ? 
# 
loop_
_struct_sheet.id 
_struct_sheet.type 
_struct_sheet.number_strands 
_struct_sheet.details 
A ? 7 ? 
B ? 2 ? 
C ? 2 ? 
D ? 2 ? 
# 
loop_
_struct_sheet_order.sheet_id 
_struct_sheet_order.range_id_1 
_struct_sheet_order.range_id_2 
_struct_sheet_order.offset 
_struct_sheet_order.sense 
A 1 2 ? anti-parallel 
A 2 3 ? anti-parallel 
A 3 4 ? anti-parallel 
A 4 5 ? anti-parallel 
A 5 6 ? anti-parallel 
A 6 7 ? anti-parallel 
B 1 2 ? anti-parallel 
C 1 2 ? anti-parallel 
D 1 2 ? anti-parallel 
# 
loop_
_struct_sheet_range.sheet_id 
_struct_sheet_range.id 
_struct_sheet_range.beg_label_comp_id 
_struct_sheet_range.beg_label_asym_id 
_struct_sheet_range.beg_label_seq_id 
_struct_sheet_range.pdbx_beg_PDB_ins_code 
_struct_sheet_range.end_label_comp_id 
_struct_sheet_range.end_label_asym_id 
_struct_sheet_range.end_label_seq_id 
_struct_sheet_range.pdbx_end_PDB_ins_code 
_struct_sheet_range.beg_auth_comp_id 
_struct_sheet_range.beg_auth_asym_id 
_struct_sheet_range.beg_auth_seq_id 
_struct_sheet_range.end_auth_comp_id 
_struct_sheet_range.end_auth_asym_id 
_struct_sheet_range.end_auth_seq_id 
A 1 PRO A 17  ? SER A 22  ? PRO A 11  SER A 16  
A 2 PHE A 50  ? GLU A 55  ? PHE A 44  GLU A 49  
A 3 GLU A 59  ? SER A 64  ? GLU A 53  SER A 58  
A 4 PHE A 92  ? PRO A 96  ? PHE A 85  PRO A 89  
A 5 GLU A 101 ? SER A 106 ? GLU A 94  SER A 99  
A 6 PHE A 134 ? SER A 137 ? PHE A 132 SER A 135 
A 7 PRO A 17  ? SER A 22  ? PRO A 11  SER A 16  
B 1 TYR A 28  ? ILE A 31  ? TYR A 22  ILE A 25  
B 2 VAL A 37  ? THR A 40  ? VAL A 31  THR A 34  
C 1 TYR A 70  ? ILE A 73  ? TYR A 64  ILE A 67  
C 2 VAL A 79  ? THR A 82  ? VAL A 73  THR A 76  
D 1 TYR A 112 ? ILE A 115 ? TYR A 108 ILE A 111 
D 2 VAL A 121 ? THR A 124 ? VAL A 117 THR A 123 
# 
loop_
_pdbx_struct_sheet_hbond.sheet_id 
_pdbx_struct_sheet_hbond.range_id_1 
_pdbx_struct_sheet_hbond.range_id_2 
_pdbx_struct_sheet_hbond.range_1_label_atom_id 
_pdbx_struct_sheet_hbond.range_1_label_comp_id 
_pdbx_struct_sheet_hbond.range_1_label_asym_id 
_pdbx_struct_sheet_hbond.range_1_label_seq_id 
_pdbx_struct_sheet_hbond.range_1_PDB_ins_code 
_pdbx_struct_sheet_hbond.range_1_auth_atom_id 
_pdbx_struct_sheet_hbond.range_1_auth_comp_id 
_pdbx_struct_sheet_hbond.range_1_auth_asym_id 
_pdbx_struct_sheet_hbond.range_1_auth_seq_id 
_pdbx_struct_sheet_hbond.range_2_label_atom_id 
_pdbx_struct_sheet_hbond.range_2_label_comp_id 
_pdbx_struct_sheet_hbond.range_2_label_asym_id 
_pdbx_struct_sheet_hbond.range_2_label_seq_id 
_pdbx_struct_sheet_hbond.range_2_PDB_ins_code 
_pdbx_struct_sheet_hbond.range_2_auth_atom_id 
_pdbx_struct_sheet_hbond.range_2_auth_comp_id 
_pdbx_struct_sheet_hbond.range_2_auth_asym_id 
_pdbx_struct_sheet_hbond.range_2_auth_seq_id 
A 1 2 N VAL A 18  ? N VAL A 12  O PHE A 50  ? O PHE A 44  
A 2 3 N GLN A 51  ? N GLN A 45  O LYS A 63  ? O LYS A 57  
A 3 4 N VAL A 60  ? N VAL A 54  O PHE A 92  ? O PHE A 85  
A 4 5 N GLN A 93  ? N GLN A 86  O LYS A 105 ? O LYS A 98  
A 5 6 N VAL A 102 ? N VAL A 95  O PHE A 134 ? O PHE A 132 
A 6 7 O SER A 137 ? O SER A 135 N LEU A 19  ? N LEU A 13  
B 1 2 N TYR A 28  ? N TYR A 22  O THR A 40  ? O THR A 34  
C 1 2 N TYR A 70  ? N TYR A 64  O THR A 82  ? O THR A 76  
D 1 2 N TYR A 112 ? N TYR A 108 O THR A 124 ? O THR A 123 
# 
loop_
_struct_site.id 
_struct_site.pdbx_evidence_code 
_struct_site.pdbx_auth_asym_id 
_struct_site.pdbx_auth_comp_id 
_struct_site.pdbx_auth_seq_id 
_struct_site.pdbx_auth_ins_code 
_struct_site.pdbx_num_residues 
_struct_site.details 
AC1 Software A TRS 7359 ? 10 'BINDING SITE FOR RESIDUE TRS A 7359' 
AC2 Software A SO4 141  ? 5  'BINDING SITE FOR RESIDUE SO4 A 141'  
# 
loop_
_struct_site_gen.id 
_struct_site_gen.site_id 
_struct_site_gen.pdbx_num_res 
_struct_site_gen.label_comp_id 
_struct_site_gen.label_asym_id 
_struct_site_gen.label_seq_id 
_struct_site_gen.pdbx_auth_ins_code 
_struct_site_gen.auth_comp_id 
_struct_site_gen.auth_asym_id 
_struct_site_gen.auth_seq_id 
_struct_site_gen.label_atom_id 
_struct_site_gen.label_alt_id 
_struct_site_gen.symmetry 
_struct_site_gen.details 
1  AC1 10 THR A 36  ? THR A 30  . ? 1_555 ? 
2  AC1 10 VAL A 37  ? VAL A 31  . ? 1_555 ? 
3  AC1 10 THR A 78  ? THR A 72  . ? 1_555 ? 
4  AC1 10 VAL A 79  ? VAL A 73  . ? 1_555 ? 
5  AC1 10 ARG A 85  ? ARG A 78  . ? 8_455 ? 
6  AC1 10 THR A 120 ? THR A 116 . ? 1_555 ? 
7  AC1 10 VAL A 121 ? VAL A 117 . ? 1_555 ? 
8  AC1 10 HOH D .   ? HOH A 157 . ? 8_455 ? 
9  AC1 10 HOH D .   ? HOH A 163 . ? 1_555 ? 
10 AC1 10 HOH D .   ? HOH A 166 . ? 1_555 ? 
11 AC2 5  ARG A 72  ? ARG A 66  . ? 1_555 ? 
12 AC2 5  THR A 82  ? THR A 76  . ? 1_555 ? 
13 AC2 5  HOH D .   ? HOH A 144 . ? 1_555 ? 
14 AC2 5  HOH D .   ? HOH A 176 . ? 1_555 ? 
15 AC2 5  HOH D .   ? HOH A 258 . ? 1_555 ? 
# 
loop_
_pdbx_unobs_or_zero_occ_residues.id 
_pdbx_unobs_or_zero_occ_residues.PDB_model_num 
_pdbx_unobs_or_zero_occ_residues.polymer_flag 
_pdbx_unobs_or_zero_occ_residues.occupancy_flag 
_pdbx_unobs_or_zero_occ_residues.auth_asym_id 
_pdbx_unobs_or_zero_occ_residues.auth_comp_id 
_pdbx_unobs_or_zero_occ_residues.auth_seq_id 
_pdbx_unobs_or_zero_occ_residues.PDB_ins_code 
_pdbx_unobs_or_zero_occ_residues.label_asym_id 
_pdbx_unobs_or_zero_occ_residues.label_comp_id 
_pdbx_unobs_or_zero_occ_residues.label_seq_id 
1  1 Y 1 A HIS -5  ? A HIS 1   
2  1 Y 1 A HIS -4  ? A HIS 2   
3  1 Y 1 A HIS -3  ? A HIS 3   
4  1 Y 1 A HIS -2  ? A HIS 4   
5  1 Y 1 A HIS -1  ? A HIS 5   
6  1 Y 1 A HIS 0   ? A HIS 6   
7  1 Y 1 A PHE 1   ? A PHE 7   
8  1 Y 1 A ASN 2   ? A ASN 8   
9  1 Y 1 A LEU 3   ? A LEU 9   
10 1 Y 1 A PRO 4   ? A PRO 10  
11 1 Y 1 A PRO 5   ? A PRO 11  
12 1 Y 1 A GLY 6   ? A GLY 12  
13 1 Y 1 A ASN 7   ? A ASN 13  
14 1 Y 1 A TYR 8   ? A TYR 14  
15 1 Y 1 A LYS 9   ? A LYS 15  
16 1 Y 1 A GLU 137 ? A GLU 139 
17 1 Y 1 A GLY 138 ? A GLY 140 
18 1 Y 1 A GLY 139 ? A GLY 141 
19 1 Y 1 A GLY 140 ? A GLY 142 
# 
loop_
_chem_comp_atom.comp_id 
_chem_comp_atom.atom_id 
_chem_comp_atom.type_symbol 
_chem_comp_atom.pdbx_aromatic_flag 
_chem_comp_atom.pdbx_stereo_config 
_chem_comp_atom.pdbx_ordinal 
ARG N    N N N 1   
ARG CA   C N S 2   
ARG C    C N N 3   
ARG O    O N N 4   
ARG CB   C N N 5   
ARG CG   C N N 6   
ARG CD   C N N 7   
ARG NE   N N N 8   
ARG CZ   C N N 9   
ARG NH1  N N N 10  
ARG NH2  N N N 11  
ARG OXT  O N N 12  
ARG H    H N N 13  
ARG H2   H N N 14  
ARG HA   H N N 15  
ARG HB2  H N N 16  
ARG HB3  H N N 17  
ARG HG2  H N N 18  
ARG HG3  H N N 19  
ARG HD2  H N N 20  
ARG HD3  H N N 21  
ARG HE   H N N 22  
ARG HH11 H N N 23  
ARG HH12 H N N 24  
ARG HH21 H N N 25  
ARG HH22 H N N 26  
ARG HXT  H N N 27  
ASN N    N N N 28  
ASN CA   C N S 29  
ASN C    C N N 30  
ASN O    O N N 31  
ASN CB   C N N 32  
ASN CG   C N N 33  
ASN OD1  O N N 34  
ASN ND2  N N N 35  
ASN OXT  O N N 36  
ASN H    H N N 37  
ASN H2   H N N 38  
ASN HA   H N N 39  
ASN HB2  H N N 40  
ASN HB3  H N N 41  
ASN HD21 H N N 42  
ASN HD22 H N N 43  
ASN HXT  H N N 44  
ASP N    N N N 45  
ASP CA   C N S 46  
ASP C    C N N 47  
ASP O    O N N 48  
ASP CB   C N N 49  
ASP CG   C N N 50  
ASP OD1  O N N 51  
ASP OD2  O N N 52  
ASP OXT  O N N 53  
ASP H    H N N 54  
ASP H2   H N N 55  
ASP HA   H N N 56  
ASP HB2  H N N 57  
ASP HB3  H N N 58  
ASP HD2  H N N 59  
ASP HXT  H N N 60  
GLN N    N N N 61  
GLN CA   C N S 62  
GLN C    C N N 63  
GLN O    O N N 64  
GLN CB   C N N 65  
GLN CG   C N N 66  
GLN CD   C N N 67  
GLN OE1  O N N 68  
GLN NE2  N N N 69  
GLN OXT  O N N 70  
GLN H    H N N 71  
GLN H2   H N N 72  
GLN HA   H N N 73  
GLN HB2  H N N 74  
GLN HB3  H N N 75  
GLN HG2  H N N 76  
GLN HG3  H N N 77  
GLN HE21 H N N 78  
GLN HE22 H N N 79  
GLN HXT  H N N 80  
GLU N    N N N 81  
GLU CA   C N S 82  
GLU C    C N N 83  
GLU O    O N N 84  
GLU CB   C N N 85  
GLU CG   C N N 86  
GLU CD   C N N 87  
GLU OE1  O N N 88  
GLU OE2  O N N 89  
GLU OXT  O N N 90  
GLU H    H N N 91  
GLU H2   H N N 92  
GLU HA   H N N 93  
GLU HB2  H N N 94  
GLU HB3  H N N 95  
GLU HG2  H N N 96  
GLU HG3  H N N 97  
GLU HE2  H N N 98  
GLU HXT  H N N 99  
GLY N    N N N 100 
GLY CA   C N N 101 
GLY C    C N N 102 
GLY O    O N N 103 
GLY OXT  O N N 104 
GLY H    H N N 105 
GLY H2   H N N 106 
GLY HA2  H N N 107 
GLY HA3  H N N 108 
GLY HXT  H N N 109 
HIS N    N N N 110 
HIS CA   C N S 111 
HIS C    C N N 112 
HIS O    O N N 113 
HIS CB   C N N 114 
HIS CG   C Y N 115 
HIS ND1  N Y N 116 
HIS CD2  C Y N 117 
HIS CE1  C Y N 118 
HIS NE2  N Y N 119 
HIS OXT  O N N 120 
HIS H    H N N 121 
HIS H2   H N N 122 
HIS HA   H N N 123 
HIS HB2  H N N 124 
HIS HB3  H N N 125 
HIS HD1  H N N 126 
HIS HD2  H N N 127 
HIS HE1  H N N 128 
HIS HE2  H N N 129 
HIS HXT  H N N 130 
HOH O    O N N 131 
HOH H1   H N N 132 
HOH H2   H N N 133 
ILE N    N N N 134 
ILE CA   C N S 135 
ILE C    C N N 136 
ILE O    O N N 137 
ILE CB   C N S 138 
ILE CG1  C N N 139 
ILE CG2  C N N 140 
ILE CD1  C N N 141 
ILE OXT  O N N 142 
ILE H    H N N 143 
ILE H2   H N N 144 
ILE HA   H N N 145 
ILE HB   H N N 146 
ILE HG12 H N N 147 
ILE HG13 H N N 148 
ILE HG21 H N N 149 
ILE HG22 H N N 150 
ILE HG23 H N N 151 
ILE HD11 H N N 152 
ILE HD12 H N N 153 
ILE HD13 H N N 154 
ILE HXT  H N N 155 
LEU N    N N N 156 
LEU CA   C N S 157 
LEU C    C N N 158 
LEU O    O N N 159 
LEU CB   C N N 160 
LEU CG   C N N 161 
LEU CD1  C N N 162 
LEU CD2  C N N 163 
LEU OXT  O N N 164 
LEU H    H N N 165 
LEU H2   H N N 166 
LEU HA   H N N 167 
LEU HB2  H N N 168 
LEU HB3  H N N 169 
LEU HG   H N N 170 
LEU HD11 H N N 171 
LEU HD12 H N N 172 
LEU HD13 H N N 173 
LEU HD21 H N N 174 
LEU HD22 H N N 175 
LEU HD23 H N N 176 
LEU HXT  H N N 177 
LYS N    N N N 178 
LYS CA   C N S 179 
LYS C    C N N 180 
LYS O    O N N 181 
LYS CB   C N N 182 
LYS CG   C N N 183 
LYS CD   C N N 184 
LYS CE   C N N 185 
LYS NZ   N N N 186 
LYS OXT  O N N 187 
LYS H    H N N 188 
LYS H2   H N N 189 
LYS HA   H N N 190 
LYS HB2  H N N 191 
LYS HB3  H N N 192 
LYS HG2  H N N 193 
LYS HG3  H N N 194 
LYS HD2  H N N 195 
LYS HD3  H N N 196 
LYS HE2  H N N 197 
LYS HE3  H N N 198 
LYS HZ1  H N N 199 
LYS HZ2  H N N 200 
LYS HZ3  H N N 201 
LYS HXT  H N N 202 
PHE N    N N N 203 
PHE CA   C N S 204 
PHE C    C N N 205 
PHE O    O N N 206 
PHE CB   C N N 207 
PHE CG   C Y N 208 
PHE CD1  C Y N 209 
PHE CD2  C Y N 210 
PHE CE1  C Y N 211 
PHE CE2  C Y N 212 
PHE CZ   C Y N 213 
PHE OXT  O N N 214 
PHE H    H N N 215 
PHE H2   H N N 216 
PHE HA   H N N 217 
PHE HB2  H N N 218 
PHE HB3  H N N 219 
PHE HD1  H N N 220 
PHE HD2  H N N 221 
PHE HE1  H N N 222 
PHE HE2  H N N 223 
PHE HZ   H N N 224 
PHE HXT  H N N 225 
PRO N    N N N 226 
PRO CA   C N S 227 
PRO C    C N N 228 
PRO O    O N N 229 
PRO CB   C N N 230 
PRO CG   C N N 231 
PRO CD   C N N 232 
PRO OXT  O N N 233 
PRO H    H N N 234 
PRO HA   H N N 235 
PRO HB2  H N N 236 
PRO HB3  H N N 237 
PRO HG2  H N N 238 
PRO HG3  H N N 239 
PRO HD2  H N N 240 
PRO HD3  H N N 241 
PRO HXT  H N N 242 
SER N    N N N 243 
SER CA   C N S 244 
SER C    C N N 245 
SER O    O N N 246 
SER CB   C N N 247 
SER OG   O N N 248 
SER OXT  O N N 249 
SER H    H N N 250 
SER H2   H N N 251 
SER HA   H N N 252 
SER HB2  H N N 253 
SER HB3  H N N 254 
SER HG   H N N 255 
SER HXT  H N N 256 
SO4 S    S N N 257 
SO4 O1   O N N 258 
SO4 O2   O N N 259 
SO4 O3   O N N 260 
SO4 O4   O N N 261 
THR N    N N N 262 
THR CA   C N S 263 
THR C    C N N 264 
THR O    O N N 265 
THR CB   C N R 266 
THR OG1  O N N 267 
THR CG2  C N N 268 
THR OXT  O N N 269 
THR H    H N N 270 
THR H2   H N N 271 
THR HA   H N N 272 
THR HB   H N N 273 
THR HG1  H N N 274 
THR HG21 H N N 275 
THR HG22 H N N 276 
THR HG23 H N N 277 
THR HXT  H N N 278 
TRS C    C N N 279 
TRS C1   C N N 280 
TRS C2   C N N 281 
TRS C3   C N N 282 
TRS N    N N N 283 
TRS O1   O N N 284 
TRS O2   O N N 285 
TRS O3   O N N 286 
TRS H11  H N N 287 
TRS H12  H N N 288 
TRS H21  H N N 289 
TRS H22  H N N 290 
TRS H31  H N N 291 
TRS H32  H N N 292 
TRS HN1  H N N 293 
TRS HN2  H N N 294 
TRS HN3  H N N 295 
TRS HO1  H N N 296 
TRS HO2  H N N 297 
TRS HO3  H N N 298 
TYR N    N N N 299 
TYR CA   C N S 300 
TYR C    C N N 301 
TYR O    O N N 302 
TYR CB   C N N 303 
TYR CG   C Y N 304 
TYR CD1  C Y N 305 
TYR CD2  C Y N 306 
TYR CE1  C Y N 307 
TYR CE2  C Y N 308 
TYR CZ   C Y N 309 
TYR OH   O N N 310 
TYR OXT  O N N 311 
TYR H    H N N 312 
TYR H2   H N N 313 
TYR HA   H N N 314 
TYR HB2  H N N 315 
TYR HB3  H N N 316 
TYR HD1  H N N 317 
TYR HD2  H N N 318 
TYR HE1  H N N 319 
TYR HE2  H N N 320 
TYR HH   H N N 321 
TYR HXT  H N N 322 
VAL N    N N N 323 
VAL CA   C N S 324 
VAL C    C N N 325 
VAL O    O N N 326 
VAL CB   C N N 327 
VAL CG1  C N N 328 
VAL CG2  C N N 329 
VAL OXT  O N N 330 
VAL H    H N N 331 
VAL H2   H N N 332 
VAL HA   H N N 333 
VAL HB   H N N 334 
VAL HG11 H N N 335 
VAL HG12 H N N 336 
VAL HG13 H N N 337 
VAL HG21 H N N 338 
VAL HG22 H N N 339 
VAL HG23 H N N 340 
VAL HXT  H N N 341 
# 
loop_
_chem_comp_bond.comp_id 
_chem_comp_bond.atom_id_1 
_chem_comp_bond.atom_id_2 
_chem_comp_bond.value_order 
_chem_comp_bond.pdbx_aromatic_flag 
_chem_comp_bond.pdbx_stereo_config 
_chem_comp_bond.pdbx_ordinal 
ARG N   CA   sing N N 1   
ARG N   H    sing N N 2   
ARG N   H2   sing N N 3   
ARG CA  C    sing N N 4   
ARG CA  CB   sing N N 5   
ARG CA  HA   sing N N 6   
ARG C   O    doub N N 7   
ARG C   OXT  sing N N 8   
ARG CB  CG   sing N N 9   
ARG CB  HB2  sing N N 10  
ARG CB  HB3  sing N N 11  
ARG CG  CD   sing N N 12  
ARG CG  HG2  sing N N 13  
ARG CG  HG3  sing N N 14  
ARG CD  NE   sing N N 15  
ARG CD  HD2  sing N N 16  
ARG CD  HD3  sing N N 17  
ARG NE  CZ   sing N N 18  
ARG NE  HE   sing N N 19  
ARG CZ  NH1  sing N N 20  
ARG CZ  NH2  doub N N 21  
ARG NH1 HH11 sing N N 22  
ARG NH1 HH12 sing N N 23  
ARG NH2 HH21 sing N N 24  
ARG NH2 HH22 sing N N 25  
ARG OXT HXT  sing N N 26  
ASN N   CA   sing N N 27  
ASN N   H    sing N N 28  
ASN N   H2   sing N N 29  
ASN CA  C    sing N N 30  
ASN CA  CB   sing N N 31  
ASN CA  HA   sing N N 32  
ASN C   O    doub N N 33  
ASN C   OXT  sing N N 34  
ASN CB  CG   sing N N 35  
ASN CB  HB2  sing N N 36  
ASN CB  HB3  sing N N 37  
ASN CG  OD1  doub N N 38  
ASN CG  ND2  sing N N 39  
ASN ND2 HD21 sing N N 40  
ASN ND2 HD22 sing N N 41  
ASN OXT HXT  sing N N 42  
ASP N   CA   sing N N 43  
ASP N   H    sing N N 44  
ASP N   H2   sing N N 45  
ASP CA  C    sing N N 46  
ASP CA  CB   sing N N 47  
ASP CA  HA   sing N N 48  
ASP C   O    doub N N 49  
ASP C   OXT  sing N N 50  
ASP CB  CG   sing N N 51  
ASP CB  HB2  sing N N 52  
ASP CB  HB3  sing N N 53  
ASP CG  OD1  doub N N 54  
ASP CG  OD2  sing N N 55  
ASP OD2 HD2  sing N N 56  
ASP OXT HXT  sing N N 57  
GLN N   CA   sing N N 58  
GLN N   H    sing N N 59  
GLN N   H2   sing N N 60  
GLN CA  C    sing N N 61  
GLN CA  CB   sing N N 62  
GLN CA  HA   sing N N 63  
GLN C   O    doub N N 64  
GLN C   OXT  sing N N 65  
GLN CB  CG   sing N N 66  
GLN CB  HB2  sing N N 67  
GLN CB  HB3  sing N N 68  
GLN CG  CD   sing N N 69  
GLN CG  HG2  sing N N 70  
GLN CG  HG3  sing N N 71  
GLN CD  OE1  doub N N 72  
GLN CD  NE2  sing N N 73  
GLN NE2 HE21 sing N N 74  
GLN NE2 HE22 sing N N 75  
GLN OXT HXT  sing N N 76  
GLU N   CA   sing N N 77  
GLU N   H    sing N N 78  
GLU N   H2   sing N N 79  
GLU CA  C    sing N N 80  
GLU CA  CB   sing N N 81  
GLU CA  HA   sing N N 82  
GLU C   O    doub N N 83  
GLU C   OXT  sing N N 84  
GLU CB  CG   sing N N 85  
GLU CB  HB2  sing N N 86  
GLU CB  HB3  sing N N 87  
GLU CG  CD   sing N N 88  
GLU CG  HG2  sing N N 89  
GLU CG  HG3  sing N N 90  
GLU CD  OE1  doub N N 91  
GLU CD  OE2  sing N N 92  
GLU OE2 HE2  sing N N 93  
GLU OXT HXT  sing N N 94  
GLY N   CA   sing N N 95  
GLY N   H    sing N N 96  
GLY N   H2   sing N N 97  
GLY CA  C    sing N N 98  
GLY CA  HA2  sing N N 99  
GLY CA  HA3  sing N N 100 
GLY C   O    doub N N 101 
GLY C   OXT  sing N N 102 
GLY OXT HXT  sing N N 103 
HIS N   CA   sing N N 104 
HIS N   H    sing N N 105 
HIS N   H2   sing N N 106 
HIS CA  C    sing N N 107 
HIS CA  CB   sing N N 108 
HIS CA  HA   sing N N 109 
HIS C   O    doub N N 110 
HIS C   OXT  sing N N 111 
HIS CB  CG   sing N N 112 
HIS CB  HB2  sing N N 113 
HIS CB  HB3  sing N N 114 
HIS CG  ND1  sing Y N 115 
HIS CG  CD2  doub Y N 116 
HIS ND1 CE1  doub Y N 117 
HIS ND1 HD1  sing N N 118 
HIS CD2 NE2  sing Y N 119 
HIS CD2 HD2  sing N N 120 
HIS CE1 NE2  sing Y N 121 
HIS CE1 HE1  sing N N 122 
HIS NE2 HE2  sing N N 123 
HIS OXT HXT  sing N N 124 
HOH O   H1   sing N N 125 
HOH O   H2   sing N N 126 
ILE N   CA   sing N N 127 
ILE N   H    sing N N 128 
ILE N   H2   sing N N 129 
ILE CA  C    sing N N 130 
ILE CA  CB   sing N N 131 
ILE CA  HA   sing N N 132 
ILE C   O    doub N N 133 
ILE C   OXT  sing N N 134 
ILE CB  CG1  sing N N 135 
ILE CB  CG2  sing N N 136 
ILE CB  HB   sing N N 137 
ILE CG1 CD1  sing N N 138 
ILE CG1 HG12 sing N N 139 
ILE CG1 HG13 sing N N 140 
ILE CG2 HG21 sing N N 141 
ILE CG2 HG22 sing N N 142 
ILE CG2 HG23 sing N N 143 
ILE CD1 HD11 sing N N 144 
ILE CD1 HD12 sing N N 145 
ILE CD1 HD13 sing N N 146 
ILE OXT HXT  sing N N 147 
LEU N   CA   sing N N 148 
LEU N   H    sing N N 149 
LEU N   H2   sing N N 150 
LEU CA  C    sing N N 151 
LEU CA  CB   sing N N 152 
LEU CA  HA   sing N N 153 
LEU C   O    doub N N 154 
LEU C   OXT  sing N N 155 
LEU CB  CG   sing N N 156 
LEU CB  HB2  sing N N 157 
LEU CB  HB3  sing N N 158 
LEU CG  CD1  sing N N 159 
LEU CG  CD2  sing N N 160 
LEU CG  HG   sing N N 161 
LEU CD1 HD11 sing N N 162 
LEU CD1 HD12 sing N N 163 
LEU CD1 HD13 sing N N 164 
LEU CD2 HD21 sing N N 165 
LEU CD2 HD22 sing N N 166 
LEU CD2 HD23 sing N N 167 
LEU OXT HXT  sing N N 168 
LYS N   CA   sing N N 169 
LYS N   H    sing N N 170 
LYS N   H2   sing N N 171 
LYS CA  C    sing N N 172 
LYS CA  CB   sing N N 173 
LYS CA  HA   sing N N 174 
LYS C   O    doub N N 175 
LYS C   OXT  sing N N 176 
LYS CB  CG   sing N N 177 
LYS CB  HB2  sing N N 178 
LYS CB  HB3  sing N N 179 
LYS CG  CD   sing N N 180 
LYS CG  HG2  sing N N 181 
LYS CG  HG3  sing N N 182 
LYS CD  CE   sing N N 183 
LYS CD  HD2  sing N N 184 
LYS CD  HD3  sing N N 185 
LYS CE  NZ   sing N N 186 
LYS CE  HE2  sing N N 187 
LYS CE  HE3  sing N N 188 
LYS NZ  HZ1  sing N N 189 
LYS NZ  HZ2  sing N N 190 
LYS NZ  HZ3  sing N N 191 
LYS OXT HXT  sing N N 192 
PHE N   CA   sing N N 193 
PHE N   H    sing N N 194 
PHE N   H2   sing N N 195 
PHE CA  C    sing N N 196 
PHE CA  CB   sing N N 197 
PHE CA  HA   sing N N 198 
PHE C   O    doub N N 199 
PHE C   OXT  sing N N 200 
PHE CB  CG   sing N N 201 
PHE CB  HB2  sing N N 202 
PHE CB  HB3  sing N N 203 
PHE CG  CD1  doub Y N 204 
PHE CG  CD2  sing Y N 205 
PHE CD1 CE1  sing Y N 206 
PHE CD1 HD1  sing N N 207 
PHE CD2 CE2  doub Y N 208 
PHE CD2 HD2  sing N N 209 
PHE CE1 CZ   doub Y N 210 
PHE CE1 HE1  sing N N 211 
PHE CE2 CZ   sing Y N 212 
PHE CE2 HE2  sing N N 213 
PHE CZ  HZ   sing N N 214 
PHE OXT HXT  sing N N 215 
PRO N   CA   sing N N 216 
PRO N   CD   sing N N 217 
PRO N   H    sing N N 218 
PRO CA  C    sing N N 219 
PRO CA  CB   sing N N 220 
PRO CA  HA   sing N N 221 
PRO C   O    doub N N 222 
PRO C   OXT  sing N N 223 
PRO CB  CG   sing N N 224 
PRO CB  HB2  sing N N 225 
PRO CB  HB3  sing N N 226 
PRO CG  CD   sing N N 227 
PRO CG  HG2  sing N N 228 
PRO CG  HG3  sing N N 229 
PRO CD  HD2  sing N N 230 
PRO CD  HD3  sing N N 231 
PRO OXT HXT  sing N N 232 
SER N   CA   sing N N 233 
SER N   H    sing N N 234 
SER N   H2   sing N N 235 
SER CA  C    sing N N 236 
SER CA  CB   sing N N 237 
SER CA  HA   sing N N 238 
SER C   O    doub N N 239 
SER C   OXT  sing N N 240 
SER CB  OG   sing N N 241 
SER CB  HB2  sing N N 242 
SER CB  HB3  sing N N 243 
SER OG  HG   sing N N 244 
SER OXT HXT  sing N N 245 
SO4 S   O1   doub N N 246 
SO4 S   O2   doub N N 247 
SO4 S   O3   sing N N 248 
SO4 S   O4   sing N N 249 
THR N   CA   sing N N 250 
THR N   H    sing N N 251 
THR N   H2   sing N N 252 
THR CA  C    sing N N 253 
THR CA  CB   sing N N 254 
THR CA  HA   sing N N 255 
THR C   O    doub N N 256 
THR C   OXT  sing N N 257 
THR CB  OG1  sing N N 258 
THR CB  CG2  sing N N 259 
THR CB  HB   sing N N 260 
THR OG1 HG1  sing N N 261 
THR CG2 HG21 sing N N 262 
THR CG2 HG22 sing N N 263 
THR CG2 HG23 sing N N 264 
THR OXT HXT  sing N N 265 
TRS C   C1   sing N N 266 
TRS C   C2   sing N N 267 
TRS C   C3   sing N N 268 
TRS C   N    sing N N 269 
TRS C1  O1   sing N N 270 
TRS C1  H11  sing N N 271 
TRS C1  H12  sing N N 272 
TRS C2  O2   sing N N 273 
TRS C2  H21  sing N N 274 
TRS C2  H22  sing N N 275 
TRS C3  O3   sing N N 276 
TRS C3  H31  sing N N 277 
TRS C3  H32  sing N N 278 
TRS N   HN1  sing N N 279 
TRS N   HN2  sing N N 280 
TRS N   HN3  sing N N 281 
TRS O1  HO1  sing N N 282 
TRS O2  HO2  sing N N 283 
TRS O3  HO3  sing N N 284 
TYR N   CA   sing N N 285 
TYR N   H    sing N N 286 
TYR N   H2   sing N N 287 
TYR CA  C    sing N N 288 
TYR CA  CB   sing N N 289 
TYR CA  HA   sing N N 290 
TYR C   O    doub N N 291 
TYR C   OXT  sing N N 292 
TYR CB  CG   sing N N 293 
TYR CB  HB2  sing N N 294 
TYR CB  HB3  sing N N 295 
TYR CG  CD1  doub Y N 296 
TYR CG  CD2  sing Y N 297 
TYR CD1 CE1  sing Y N 298 
TYR CD1 HD1  sing N N 299 
TYR CD2 CE2  doub Y N 300 
TYR CD2 HD2  sing N N 301 
TYR CE1 CZ   doub Y N 302 
TYR CE1 HE1  sing N N 303 
TYR CE2 CZ   sing Y N 304 
TYR CE2 HE2  sing N N 305 
TYR CZ  OH   sing N N 306 
TYR OH  HH   sing N N 307 
TYR OXT HXT  sing N N 308 
VAL N   CA   sing N N 309 
VAL N   H    sing N N 310 
VAL N   H2   sing N N 311 
VAL CA  C    sing N N 312 
VAL CA  CB   sing N N 313 
VAL CA  HA   sing N N 314 
VAL C   O    doub N N 315 
VAL C   OXT  sing N N 316 
VAL CB  CG1  sing N N 317 
VAL CB  CG2  sing N N 318 
VAL CB  HB   sing N N 319 
VAL CG1 HG11 sing N N 320 
VAL CG1 HG12 sing N N 321 
VAL CG1 HG13 sing N N 322 
VAL CG2 HG21 sing N N 323 
VAL CG2 HG22 sing N N 324 
VAL CG2 HG23 sing N N 325 
VAL OXT HXT  sing N N 326 
# 
_atom_sites.entry_id                    3O49 
_atom_sites.fract_transf_matrix[1][1]   -0.01270486 
_atom_sites.fract_transf_matrix[1][2]   0.00323418 
_atom_sites.fract_transf_matrix[1][3]   0.01491133 
_atom_sites.fract_transf_matrix[2][1]   -0.01264977 
_atom_sites.fract_transf_matrix[2][2]   0.00652890 
_atom_sites.fract_transf_matrix[2][3]   -0.01219403 
_atom_sites.fract_transf_matrix[3][1]   -0.00431553 
_atom_sites.fract_transf_matrix[3][2]   -0.01083829 
_atom_sites.fract_transf_matrix[3][3]   -0.00132619 
_atom_sites.fract_transf_vector[1]      0.224006 
_atom_sites.fract_transf_vector[2]      0.246716 
_atom_sites.fract_transf_vector[3]      0.141259 
# 
loop_
_atom_type.symbol 
C 
N 
O 
S 
# 
loop_
_atom_site.group_PDB 
_atom_site.id 
_atom_site.type_symbol 
_atom_site.label_atom_id 
_atom_site.label_alt_id 
_atom_site.label_comp_id 
_atom_site.label_asym_id 
_atom_site.label_entity_id 
_atom_site.label_seq_id 
_atom_site.pdbx_PDB_ins_code 
_atom_site.Cartn_x 
_atom_site.Cartn_y 
_atom_site.Cartn_z 
_atom_site.occupancy 
_atom_site.B_iso_or_equiv 
_atom_site.pdbx_formal_charge 
_atom_site.auth_seq_id 
_atom_site.auth_comp_id 
_atom_site.auth_asym_id 
_atom_site.auth_atom_id 
_atom_site.pdbx_PDB_model_num 
ATOM   1    N N   . LYS A 1 16  ? -13.178 8.813   3.083   1.00 54.88 ? 10   LYS A N   1 
ATOM   2    C CA  . LYS A 1 16  ? -12.785 9.424   1.816   1.00 64.14 ? 10   LYS A CA  1 
ATOM   3    C C   . LYS A 1 16  ? -11.600 8.718   1.173   1.00 49.57 ? 10   LYS A C   1 
ATOM   4    O O   . LYS A 1 16  ? -10.759 8.158   1.874   1.00 50.59 ? 10   LYS A O   1 
ATOM   5    C CB  . LYS A 1 16  ? -12.457 10.905  2.013   1.00 49.38 ? 10   LYS A CB  1 
ATOM   6    C CG  . LYS A 1 16  ? -13.659 11.726  2.391   1.00 55.18 ? 10   LYS A CG  1 
ATOM   7    C CD  . LYS A 1 16  ? -14.886 11.165  1.706   1.00 62.90 ? 10   LYS A CD  1 
ATOM   8    C CE  . LYS A 1 16  ? -14.956 11.546  0.240   1.00 66.46 ? 10   LYS A CE  1 
ATOM   9    N NZ  . LYS A 1 16  ? -16.206 11.025  -0.378  1.00 61.11 ? 10   LYS A NZ  1 
ATOM   10   N N   . PRO A 1 17  ? -11.535 8.738   -0.170  1.00 52.76 ? 11   PRO A N   1 
ATOM   11   C CA  . PRO A 1 17  ? -10.390 8.169   -0.889  1.00 41.59 ? 11   PRO A CA  1 
ATOM   12   C C   . PRO A 1 17  ? -9.108  8.952   -0.632  1.00 39.70 ? 11   PRO A C   1 
ATOM   13   O O   . PRO A 1 17  ? -9.118  10.187  -0.646  1.00 37.46 ? 11   PRO A O   1 
ATOM   14   C CB  . PRO A 1 17  ? -10.796 8.301   -2.364  1.00 40.86 ? 11   PRO A CB  1 
ATOM   15   C CG  . PRO A 1 17  ? -12.279 8.386   -2.347  1.00 49.14 ? 11   PRO A CG  1 
ATOM   16   C CD  . PRO A 1 17  ? -12.607 9.150   -1.090  1.00 60.06 ? 11   PRO A CD  1 
ATOM   17   N N   . VAL A 1 18  ? -8.020  8.226   -0.389  1.00 23.33 ? 12   VAL A N   1 
ATOM   18   C CA  . VAL A 1 18  ? -6.702  8.825   -0.239  1.00 21.68 ? 12   VAL A CA  1 
ATOM   19   C C   . VAL A 1 18  ? -5.739  8.318   -1.310  1.00 19.92 ? 12   VAL A C   1 
ATOM   20   O O   . VAL A 1 18  ? -5.995  7.302   -1.965  1.00 17.83 ? 12   VAL A O   1 
ATOM   21   C CB  . VAL A 1 18  ? -6.067  8.532   1.134   1.00 20.52 ? 12   VAL A CB  1 
ATOM   22   C CG1 . VAL A 1 18  ? -6.954  9.055   2.264   1.00 29.16 ? 12   VAL A CG1 1 
ATOM   23   C CG2 . VAL A 1 18  ? -5.767  7.046   1.302   1.00 23.98 ? 12   VAL A CG2 1 
ATOM   24   N N   . LEU A 1 19  ? -4.643  9.044   -1.482  1.00 18.32 ? 13   LEU A N   1 
ATOM   25   C CA  . LEU A 1 19  ? -3.536  8.609   -2.325  1.00 17.08 ? 13   LEU A CA  1 
ATOM   26   C C   . LEU A 1 19  ? -2.385  8.221   -1.418  1.00 15.77 ? 13   LEU A C   1 
ATOM   27   O O   . LEU A 1 19  ? -2.203  8.798   -0.334  1.00 18.00 ? 13   LEU A O   1 
ATOM   28   C CB  . LEU A 1 19  ? -3.080  9.735   -3.255  1.00 20.09 ? 13   LEU A CB  1 
ATOM   29   C CG  . LEU A 1 19  ? -4.155  10.411  -4.101  1.00 25.83 ? 13   LEU A CG  1 
ATOM   30   C CD1 . LEU A 1 19  ? -3.520  11.511  -4.934  1.00 27.72 ? 13   LEU A CD1 1 
ATOM   31   C CD2 . LEU A 1 19  ? -4.828  9.409   -4.997  1.00 25.16 ? 13   LEU A CD2 1 
ATOM   32   N N   . LEU A 1 20  ? -1.583  7.268   -1.880  1.00 16.32 ? 14   LEU A N   1 
ATOM   33   C CA  . LEU A 1 20  ? -0.462  6.763   -1.116  1.00 15.99 ? 14   LEU A CA  1 
ATOM   34   C C   . LEU A 1 20  ? 0.786   6.947   -1.968  1.00 16.50 ? 14   LEU A C   1 
ATOM   35   O O   . LEU A 1 20  ? 1.008   6.186   -2.918  1.00 16.33 ? 14   LEU A O   1 
ATOM   36   C CB  . LEU A 1 20  ? -0.690  5.278   -0.777  1.00 16.15 ? 14   LEU A CB  1 
ATOM   37   C CG  . LEU A 1 20  ? -1.867  4.974   0.168   1.00 18.78 ? 14   LEU A CG  1 
ATOM   38   C CD1 . LEU A 1 20  ? -2.014  3.469   0.343   1.00 19.19 ? 14   LEU A CD1 1 
ATOM   39   C CD2 . LEU A 1 20  ? -1.683  5.649   1.517   1.00 23.38 ? 14   LEU A CD2 1 
ATOM   40   N N   . LYS A 1 21  ? 1.588   7.951   -1.632  1.00 15.70 ? 15   LYS A N   1 
ATOM   41   C CA  . LYS A 1 21  ? 2.707   8.354   -2.473  1.00 17.24 ? 15   LYS A CA  1 
ATOM   42   C C   . LYS A 1 21  ? 4.022   8.075   -1.774  1.00 17.15 ? 15   LYS A C   1 
ATOM   43   O O   . LYS A 1 21  ? 4.238   8.518   -0.647  1.00 21.05 ? 15   LYS A O   1 
ATOM   44   C CB  . LYS A 1 21  ? 2.599   9.849   -2.813  1.00 20.78 ? 15   LYS A CB  1 
ATOM   45   C CG  . LYS A 1 21  ? 3.523   10.315  -3.945  1.00 20.59 ? 15   LYS A CG  1 
ATOM   46   C CD  . LYS A 1 21  ? 3.581   11.842  -4.043  1.00 26.04 ? 15   LYS A CD  1 
ATOM   47   C CE  . LYS A 1 21  ? 4.174   12.453  -2.788  1.00 37.56 ? 15   LYS A CE  1 
ATOM   48   N NZ  . LYS A 1 21  ? 4.180   13.945  -2.853  1.00 44.53 ? 15   LYS A NZ  1 
ATOM   49   N N   . SER A 1 22  ? 4.901   7.327   -2.435  1.00 18.27 ? 16   SER A N   1 
ATOM   50   C CA  . SER A 1 22  ? 6.247   7.137   -1.922  1.00 19.10 ? 16   SER A CA  1 
ATOM   51   C C   . SER A 1 22  ? 6.988   8.470   -1.994  1.00 24.41 ? 16   SER A C   1 
ATOM   52   O O   . SER A 1 22  ? 7.043   9.130   -3.050  1.00 25.58 ? 16   SER A O   1 
ATOM   53   C CB  . SER A 1 22  ? 6.999   6.087   -2.739  1.00 24.55 ? 16   SER A CB  1 
ATOM   54   O OG  . SER A 1 22  ? 8.384   6.410   -2.796  1.00 30.45 ? 16   SER A OG  1 
ATOM   55   N N   . THR A 1 23  ? 7.546   8.887   -0.870  1.00 20.02 ? 17   THR A N   1 
ATOM   56   C CA  . THR A 1 23  ? 8.118   10.229  -0.808  1.00 22.64 ? 17   THR A CA  1 
ATOM   57   C C   . THR A 1 23  ? 9.376   10.334  -1.669  1.00 32.15 ? 17   THR A C   1 
ATOM   58   O O   . THR A 1 23  ? 9.684   11.389  -2.222  1.00 29.24 ? 17   THR A O   1 
ATOM   59   C CB  . THR A 1 23  ? 8.411   10.633  0.638   1.00 24.83 ? 17   THR A CB  1 
ATOM   60   O OG1 . THR A 1 23  ? 9.203   9.622   1.264   1.00 33.62 ? 17   THR A OG1 1 
ATOM   61   C CG2 . THR A 1 23  ? 7.110   10.778  1.413   1.00 29.22 ? 17   THR A CG2 1 
ATOM   62   N N   . GLU A 1 24  ? 10.085  9.225   -1.811  1.00 20.80 ? 18   GLU A N   1 
ATOM   63   C CA  . GLU A 1 24  ? 11.331  9.231   -2.575  1.00 23.25 ? 18   GLU A CA  1 
ATOM   64   C C   . GLU A 1 24  ? 11.117  9.394   -4.097  1.00 32.58 ? 18   GLU A C   1 
ATOM   65   O O   . GLU A 1 24  ? 11.810  10.174  -4.753  1.00 24.67 ? 18   GLU A O   1 
ATOM   66   C CB  . GLU A 1 24  ? 12.124  7.961   -2.254  1.00 27.03 ? 18   GLU A CB  1 
ATOM   67   C CG  . GLU A 1 24  ? 13.621  8.054   -2.513  1.00 30.43 ? 18   GLU A CG  1 
ATOM   68   C CD  . GLU A 1 24  ? 14.380  8.714   -1.368  1.00 38.80 ? 18   GLU A CD  1 
ATOM   69   O OE1 . GLU A 1 24  ? 13.758  9.452   -0.573  1.00 34.13 ? 18   GLU A OE1 1 
ATOM   70   O OE2 . GLU A 1 24  ? 15.605  8.489   -1.259  1.00 37.04 ? 18   GLU A OE2 1 
ATOM   71   N N   . THR A 1 25  ? 10.152  8.684   -4.669  1.00 28.45 ? 19   THR A N   1 
ATOM   72   C CA  . THR A 1 25  ? 10.016  8.660   -6.125  1.00 18.80 ? 19   THR A CA  1 
ATOM   73   C C   . THR A 1 25  ? 8.792   9.397   -6.645  1.00 24.87 ? 19   THR A C   1 
ATOM   74   O O   . THR A 1 25  ? 8.579   9.481   -7.861  1.00 24.14 ? 19   THR A O   1 
ATOM   75   C CB  . THR A 1 25  ? 9.964   7.205   -6.615  1.00 23.40 ? 19   THR A CB  1 
ATOM   76   O OG1 . THR A 1 25  ? 8.848   6.550   -6.007  1.00 20.61 ? 19   THR A OG1 1 
ATOM   77   C CG2 . THR A 1 25  ? 11.196  6.467   -6.156  1.00 23.56 ? 19   THR A CG2 1 
ATOM   78   N N   . GLY A 1 26  ? 7.981   9.939   -5.744  1.00 18.41 ? 20   GLY A N   1 
ATOM   79   C CA  . GLY A 1 26  ? 6.776   10.595  -6.168  1.00 23.67 ? 20   GLY A CA  1 
ATOM   80   C C   . GLY A 1 26  ? 5.871   9.622   -6.896  1.00 17.40 ? 20   GLY A C   1 
ATOM   81   O O   . GLY A 1 26  ? 4.965   10.043  -7.614  1.00 24.40 ? 20   GLY A O   1 
ATOM   82   N N   . GLN A 1 27  ? 6.091   8.317   -6.696  1.00 25.47 ? 21   GLN A N   1 
ATOM   83   C CA  . GLN A 1 27  ? 5.192   7.311   -7.257  1.00 18.05 ? 21   GLN A CA  1 
ATOM   84   C C   . GLN A 1 27  ? 4.040   6.974   -6.317  1.00 14.34 ? 21   GLN A C   1 
ATOM   85   O O   . GLN A 1 27  ? 4.237   6.804   -5.109  1.00 21.92 ? 21   GLN A O   1 
ATOM   86   C CB  . GLN A 1 27  ? 5.935   6.016   -7.585  1.00 17.10 ? 21   GLN A CB  1 
ATOM   87   C CG  . GLN A 1 27  ? 7.024   6.171   -8.630  1.00 17.44 ? 21   GLN A CG  1 
ATOM   88   C CD  . GLN A 1 27  ? 7.735   4.876   -8.877  1.00 18.77 ? 21   GLN A CD  1 
ATOM   89   O OE1 . GLN A 1 27  ? 7.425   4.159   -9.834  1.00 27.74 ? 21   GLN A OE1 1 
ATOM   90   N NE2 . GLN A 1 27  ? 8.668   4.541   -8.005  1.00 17.11 ? 21   GLN A NE2 1 
ATOM   91   N N   . TYR A 1 28  ? 2.859   6.918   -6.902  1.00 16.48 ? 22   TYR A N   1 
ATOM   92   C CA  . TYR A 1 28  ? 1.637   6.557   -6.209  1.00 16.22 ? 22   TYR A CA  1 
ATOM   93   C C   . TYR A 1 28  ? 1.408   5.065   -6.337  1.00 20.44 ? 22   TYR A C   1 
ATOM   94   O O   . TYR A 1 28  ? 1.617   4.477   -7.403  1.00 19.45 ? 22   TYR A O   1 
ATOM   95   C CB  . TYR A 1 28  ? 0.454   7.295   -6.828  1.00 19.49 ? 22   TYR A CB  1 
ATOM   96   C CG  . TYR A 1 28  ? 0.542   8.790   -6.656  1.00 22.01 ? 22   TYR A CG  1 
ATOM   97   C CD1 . TYR A 1 28  ? 1.010   9.600   -7.685  1.00 24.27 ? 22   TYR A CD1 1 
ATOM   98   C CD2 . TYR A 1 28  ? 0.171   9.387   -5.458  1.00 20.39 ? 22   TYR A CD2 1 
ATOM   99   C CE1 . TYR A 1 28  ? 1.097   10.968  -7.532  1.00 24.37 ? 22   TYR A CE1 1 
ATOM   100  C CE2 . TYR A 1 28  ? 0.256   10.767  -5.292  1.00 22.35 ? 22   TYR A CE2 1 
ATOM   101  C CZ  . TYR A 1 28  ? 0.723   11.543  -6.336  1.00 25.43 ? 22   TYR A CZ  1 
ATOM   102  O OH  . TYR A 1 28  ? 0.805   12.913  -6.171  1.00 30.08 ? 22   TYR A OH  1 
ATOM   103  N N   . LEU A 1 29  ? 0.989   4.449   -5.242  1.00 16.89 ? 23   LEU A N   1 
ATOM   104  C CA  A LEU A 1 29  ? 0.634   3.043   -5.255  0.58 16.99 ? 23   LEU A CA  1 
ATOM   105  C CA  B LEU A 1 29  ? 0.615   3.038   -5.247  0.42 16.99 ? 23   LEU A CA  1 
ATOM   106  C C   . LEU A 1 29  ? -0.602  2.846   -6.124  1.00 13.67 ? 23   LEU A C   1 
ATOM   107  O O   . LEU A 1 29  ? -1.541  3.644   -6.077  1.00 16.33 ? 23   LEU A O   1 
ATOM   108  C CB  A LEU A 1 29  ? 0.345   2.599   -3.829  0.58 16.45 ? 23   LEU A CB  1 
ATOM   109  C CB  B LEU A 1 29  ? 0.253   2.571   -3.841  0.42 16.47 ? 23   LEU A CB  1 
ATOM   110  C CG  A LEU A 1 29  ? 0.168   1.119   -3.547  0.58 18.28 ? 23   LEU A CG  1 
ATOM   111  C CG  B LEU A 1 29  ? 1.347   2.147   -2.871  0.42 14.44 ? 23   LEU A CG  1 
ATOM   112  C CD1 A LEU A 1 29  ? 1.445   0.386   -3.826  0.58 17.73 ? 23   LEU A CD1 1 
ATOM   113  C CD1 B LEU A 1 29  ? 0.720   1.876   -1.518  0.42 15.17 ? 23   LEU A CD1 1 
ATOM   114  C CD2 A LEU A 1 29  ? -0.206  0.973   -2.092  0.58 16.12 ? 23   LEU A CD2 1 
ATOM   115  C CD2 B LEU A 1 29  ? 2.089   0.916   -3.385  0.42 16.84 ? 23   LEU A CD2 1 
ATOM   116  N N   . ARG A 1 30  ? -0.595  1.770   -6.903  1.00 14.62 ? 24   ARG A N   1 
ATOM   117  C CA  . ARG A 1 30  ? -1.683  1.445   -7.809  1.00 17.70 ? 24   ARG A CA  1 
ATOM   118  C C   . ARG A 1 30  ? -2.025  -0.048  -7.724  1.00 16.25 ? 24   ARG A C   1 
ATOM   119  O O   . ARG A 1 30  ? -1.122  -0.869  -7.797  1.00 14.74 ? 24   ARG A O   1 
ATOM   120  C CB  . ARG A 1 30  ? -1.208  1.765   -9.235  1.00 20.08 ? 24   ARG A CB  1 
ATOM   121  C CG  . ARG A 1 30  ? -2.110  1.321   -10.351 1.00 24.79 ? 24   ARG A CG  1 
ATOM   122  C CD  . ARG A 1 30  ? -1.719  2.032   -11.642 1.00 21.49 ? 24   ARG A CD  1 
ATOM   123  N NE  . ARG A 1 30  ? -0.473  1.534   -12.211 1.00 19.51 ? 24   ARG A NE  1 
ATOM   124  C CZ  . ARG A 1 30  ? 0.004   1.945   -13.382 1.00 21.81 ? 24   ARG A CZ  1 
ATOM   125  N NH1 . ARG A 1 30  ? -0.675  2.861   -14.067 1.00 23.28 ? 24   ARG A NH1 1 
ATOM   126  N NH2 . ARG A 1 30  ? 1.137   1.448   -13.863 1.00 24.42 ? 24   ARG A NH2 1 
ATOM   127  N N   . ILE A 1 31  ? -3.298  -0.393  -7.559  1.00 15.83 ? 25   ILE A N   1 
ATOM   128  C CA  . ILE A 1 31  ? -3.728  -1.779  -7.774  1.00 14.34 ? 25   ILE A CA  1 
ATOM   129  C C   . ILE A 1 31  ? -4.430  -1.894  -9.122  1.00 17.27 ? 25   ILE A C   1 
ATOM   130  O O   . ILE A 1 31  ? -5.432  -1.236  -9.374  1.00 17.96 ? 25   ILE A O   1 
ATOM   131  C CB  . ILE A 1 31  ? -4.640  -2.348  -6.660  1.00 15.33 ? 25   ILE A CB  1 
ATOM   132  C CG1 . ILE A 1 31  ? -4.044  -2.077  -5.276  1.00 15.74 ? 25   ILE A CG1 1 
ATOM   133  C CG2 . ILE A 1 31  ? -4.831  -3.841  -6.865  1.00 19.29 ? 25   ILE A CG2 1 
ATOM   134  C CD1 . ILE A 1 31  ? -4.837  -2.753  -4.175  1.00 18.96 ? 25   ILE A CD1 1 
ATOM   135  N N   . ASN A 1 32  ? -3.873  -2.709  -10.004 1.00 16.04 ? 26   ASN A N   1 
ATOM   136  C CA  . ASN A 1 32  ? -4.438  -2.871  -11.331 1.00 16.21 ? 26   ASN A CA  1 
ATOM   137  C C   . ASN A 1 32  ? -5.554  -3.891  -11.311 1.00 16.76 ? 26   ASN A C   1 
ATOM   138  O O   . ASN A 1 32  ? -5.599  -4.758  -10.433 1.00 16.46 ? 26   ASN A O   1 
ATOM   139  C CB  . ASN A 1 32  ? -3.332  -3.262  -12.305 1.00 20.66 ? 26   ASN A CB  1 
ATOM   140  C CG  . ASN A 1 32  ? -2.233  -2.221  -12.351 1.00 21.76 ? 26   ASN A CG  1 
ATOM   141  O OD1 . ASN A 1 32  ? -2.465  -1.086  -12.773 1.00 22.46 ? 26   ASN A OD1 1 
ATOM   142  N ND2 . ASN A 1 32  ? -1.047  -2.580  -11.886 1.00 18.13 ? 26   ASN A ND2 1 
ATOM   143  N N   . PRO A 1 33  ? -6.482  -3.791  -12.265 1.00 21.06 ? 27   PRO A N   1 
ATOM   144  C CA  . PRO A 1 33  ? -7.585  -4.753  -12.341 1.00 19.88 ? 27   PRO A CA  1 
ATOM   145  C C   . PRO A 1 33  ? -7.117  -6.217  -12.409 1.00 18.96 ? 27   PRO A C   1 
ATOM   146  O O   . PRO A 1 33  ? -7.829  -7.096  -11.938 1.00 21.87 ? 27   PRO A O   1 
ATOM   147  C CB  . PRO A 1 33  ? -8.322  -4.338  -13.620 1.00 24.63 ? 27   PRO A CB  1 
ATOM   148  C CG  . PRO A 1 33  ? -7.998  -2.891  -13.777 1.00 30.09 ? 27   PRO A CG  1 
ATOM   149  C CD  . PRO A 1 33  ? -6.596  -2.730  -13.280 1.00 23.52 ? 27   PRO A CD  1 
ATOM   150  N N   . ASP A 1 34  ? -5.940  -6.469  -12.972 1.00 18.69 ? 28   ASP A N   1 
ATOM   151  C CA  . ASP A 1 34  ? -5.471  -7.851  -13.097 1.00 18.56 ? 28   ASP A CA  1 
ATOM   152  C C   . ASP A 1 34  ? -4.843  -8.393  -11.805 1.00 20.92 ? 28   ASP A C   1 
ATOM   153  O O   . ASP A 1 34  ? -4.354  -9.523  -11.772 1.00 20.69 ? 28   ASP A O   1 
ATOM   154  C CB  . ASP A 1 34  ? -4.506  -7.995  -14.274 1.00 20.08 ? 28   ASP A CB  1 
ATOM   155  C CG  . ASP A 1 34  ? -3.189  -7.262  -14.058 1.00 18.57 ? 28   ASP A CG  1 
ATOM   156  O OD1 . ASP A 1 34  ? -2.989  -6.644  -12.993 1.00 19.99 ? 28   ASP A OD1 1 
ATOM   157  O OD2 . ASP A 1 34  ? -2.325  -7.293  -14.967 1.00 21.80 ? 28   ASP A OD2 1 
ATOM   158  N N   . GLY A 1 35  ? -4.841  -7.581  -10.749 1.00 16.82 ? 29   GLY A N   1 
ATOM   159  C CA  . GLY A 1 35  ? -4.379  -8.037  -9.454  1.00 15.57 ? 29   GLY A CA  1 
ATOM   160  C C   . GLY A 1 35  ? -2.946  -7.654  -9.138  1.00 18.10 ? 29   GLY A C   1 
ATOM   161  O O   . GLY A 1 35  ? -2.490  -7.782  -7.999  1.00 16.10 ? 29   GLY A O   1 
ATOM   162  N N   . THR A 1 36  ? -2.214  -7.181  -10.140 1.00 15.71 ? 30   THR A N   1 
ATOM   163  C CA  . THR A 1 36  ? -0.863  -6.699  -9.906  1.00 15.21 ? 30   THR A CA  1 
ATOM   164  C C   . THR A 1 36  ? -0.872  -5.329  -9.225  1.00 15.23 ? 30   THR A C   1 
ATOM   165  O O   . THR A 1 36  ? -1.843  -4.572  -9.305  1.00 15.48 ? 30   THR A O   1 
ATOM   166  C CB  . THR A 1 36  ? -0.042  -6.590  -11.213 1.00 16.60 ? 30   THR A CB  1 
ATOM   167  O OG1 . THR A 1 36  ? -0.643  -5.616  -12.082 1.00 16.84 ? 30   THR A OG1 1 
ATOM   168  C CG2 . THR A 1 36  ? 0.041   -7.938  -11.912 1.00 17.31 ? 30   THR A CG2 1 
ATOM   169  N N   . VAL A 1 37  ? 0.217   -5.035  -8.530  1.00 13.18 ? 31   VAL A N   1 
ATOM   170  C CA  . VAL A 1 37  ? 0.364   -3.796  -7.794  1.00 13.15 ? 31   VAL A CA  1 
ATOM   171  C C   . VAL A 1 37  ? 1.699   -3.186  -8.211  1.00 15.38 ? 31   VAL A C   1 
ATOM   172  O O   . VAL A 1 37  ? 2.729   -3.864  -8.223  1.00 14.41 ? 31   VAL A O   1 
ATOM   173  C CB  . VAL A 1 37  ? 0.340   -4.030  -6.264  1.00 13.41 ? 31   VAL A CB  1 
ATOM   174  C CG1 . VAL A 1 37  ? 0.677   -2.755  -5.502  1.00 14.96 ? 31   VAL A CG1 1 
ATOM   175  C CG2 . VAL A 1 37  ? -1.041  -4.548  -5.820  1.00 14.08 ? 31   VAL A CG2 1 
ATOM   176  N N   . ASP A 1 38  ? 1.684   -1.895  -8.553  1.00 15.39 ? 32   ASP A N   1 
ATOM   177  C CA  . ASP A 1 38  ? 2.914   -1.222  -8.972  1.00 13.86 ? 32   ASP A CA  1 
ATOM   178  C C   . ASP A 1 38  ? 2.794   0.261   -8.671  1.00 15.92 ? 32   ASP A C   1 
ATOM   179  O O   . ASP A 1 38  ? 1.841   0.676   -8.011  1.00 16.64 ? 32   ASP A O   1 
ATOM   180  C CB  . ASP A 1 38  ? 3.253   -1.519  -10.449 1.00 16.27 ? 32   ASP A CB  1 
ATOM   181  C CG  . ASP A 1 38  ? 2.274   -0.902  -11.433 1.00 22.28 ? 32   ASP A CG  1 
ATOM   182  O OD1 . ASP A 1 38  ? 1.131   -0.555  -11.061 1.00 20.98 ? 32   ASP A OD1 1 
ATOM   183  O OD2 . ASP A 1 38  ? 2.666   -0.768  -12.618 1.00 27.24 ? 32   ASP A OD2 1 
ATOM   184  N N   . GLY A 1 39  ? 3.759   1.054   -9.136  1.00 15.99 ? 33   GLY A N   1 
ATOM   185  C CA  . GLY A 1 39  ? 3.775   2.474   -8.827  1.00 15.44 ? 33   GLY A CA  1 
ATOM   186  C C   . GLY A 1 39  ? 3.619   3.291   -10.099 1.00 16.13 ? 33   GLY A C   1 
ATOM   187  O O   . GLY A 1 39  ? 4.064   2.862   -11.166 1.00 18.53 ? 33   GLY A O   1 
ATOM   188  N N   . THR A 1 40  ? 3.016   4.469   -9.989  1.00 20.00 ? 34   THR A N   1 
ATOM   189  C CA  . THR A 1 40  ? 2.878   5.356   -11.148 1.00 17.57 ? 34   THR A CA  1 
ATOM   190  C C   . THR A 1 40  ? 2.883   6.827   -10.768 1.00 23.89 ? 34   THR A C   1 
ATOM   191  O O   . THR A 1 40  ? 2.598   7.184   -9.632  1.00 23.75 ? 34   THR A O   1 
ATOM   192  C CB  . THR A 1 40  ? 1.580   5.099   -11.883 1.00 19.53 ? 34   THR A CB  1 
ATOM   193  O OG1 . THR A 1 40  ? 1.508   5.966   -13.032 1.00 25.36 ? 34   THR A OG1 1 
ATOM   194  C CG2 . THR A 1 40  ? 0.392   5.375   -10.967 1.00 21.16 ? 34   THR A CG2 1 
ATOM   195  N N   . ARG A 1 41  ? 3.211   7.677   -11.736 1.00 26.42 ? 35   ARG A N   1 
ATOM   196  C CA  . ARG A 1 41  ? 3.163   9.117   -11.521 1.00 24.76 ? 35   ARG A CA  1 
ATOM   197  C C   . ARG A 1 41  ? 1.992   9.750   -12.254 1.00 26.10 ? 35   ARG A C   1 
ATOM   198  O O   . ARG A 1 41  ? 1.831   10.969  -12.249 1.00 37.51 ? 35   ARG A O   1 
ATOM   199  C CB  . ARG A 1 41  ? 4.472   9.764   -11.955 1.00 23.84 ? 35   ARG A CB  1 
ATOM   200  C CG  . ARG A 1 41  ? 5.655   9.180   -11.242 1.00 24.35 ? 35   ARG A CG  1 
ATOM   201  C CD  . ARG A 1 41  ? 6.914   9.969   -11.475 1.00 35.41 ? 35   ARG A CD  1 
ATOM   202  N NE  . ARG A 1 41  ? 7.975   9.477   -10.607 1.00 27.81 ? 35   ARG A NE  1 
ATOM   203  C CZ  . ARG A 1 41  ? 8.815   8.508   -10.941 1.00 19.69 ? 35   ARG A CZ  1 
ATOM   204  N NH1 . ARG A 1 41  ? 8.727   7.938   -12.137 1.00 29.41 ? 35   ARG A NH1 1 
ATOM   205  N NH2 . ARG A 1 41  ? 9.738   8.110   -10.097 1.00 19.50 ? 35   ARG A NH2 1 
ATOM   206  N N   . ASP A 1 42  ? 1.171   8.921   -12.882 1.00 30.12 ? 36   ASP A N   1 
ATOM   207  C CA  . ASP A 1 42  ? 0.019   9.407   -13.627 1.00 32.80 ? 36   ASP A CA  1 
ATOM   208  C C   . ASP A 1 42  ? -1.168  9.686   -12.702 1.00 32.91 ? 36   ASP A C   1 
ATOM   209  O O   . ASP A 1 42  ? -2.006  8.809   -12.473 1.00 30.71 ? 36   ASP A O   1 
ATOM   210  C CB  . ASP A 1 42  ? -0.357  8.383   -14.691 1.00 29.56 ? 36   ASP A CB  1 
ATOM   211  C CG  . ASP A 1 42  ? -1.551  8.804   -15.503 1.00 28.35 ? 36   ASP A CG  1 
ATOM   212  O OD1 . ASP A 1 42  ? -2.018  9.944   -15.310 1.00 36.32 ? 36   ASP A OD1 1 
ATOM   213  O OD2 . ASP A 1 42  ? -2.027  7.995   -16.326 1.00 39.78 ? 36   ASP A OD2 1 
ATOM   214  N N   . ARG A 1 43  ? -1.258  10.907  -12.182 1.00 31.52 ? 37   ARG A N   1 
ATOM   215  C CA  A ARG A 1 43  ? -2.306  11.217  -11.212 0.56 32.28 ? 37   ARG A CA  1 
ATOM   216  C CA  B ARG A 1 43  ? -2.301  11.257  -11.219 0.44 32.29 ? 37   ARG A CA  1 
ATOM   217  C C   . ARG A 1 43  ? -3.702  11.219  -11.834 1.00 32.59 ? 37   ARG A C   1 
ATOM   218  O O   . ARG A 1 43  ? -4.701  11.376  -11.133 1.00 37.07 ? 37   ARG A O   1 
ATOM   219  C CB  A ARG A 1 43  ? -2.029  12.524  -10.471 0.56 35.68 ? 37   ARG A CB  1 
ATOM   220  C CB  B ARG A 1 43  ? -2.016  12.623  -10.588 0.44 35.53 ? 37   ARG A CB  1 
ATOM   221  C CG  A ARG A 1 43  ? -2.820  12.640  -9.172  0.56 40.08 ? 37   ARG A CG  1 
ATOM   222  C CG  B ARG A 1 43  ? -2.703  12.845  -9.243  0.44 40.06 ? 37   ARG A CG  1 
ATOM   223  C CD  A ARG A 1 43  ? -2.366  13.821  -8.333  0.56 39.33 ? 37   ARG A CD  1 
ATOM   224  C CD  B ARG A 1 43  ? -1.998  13.931  -8.439  0.44 39.82 ? 37   ARG A CD  1 
ATOM   225  N NE  A ARG A 1 43  ? -3.312  14.222  -7.289  0.56 36.33 ? 37   ARG A NE  1 
ATOM   226  N NE  B ARG A 1 43  ? -2.741  14.315  -7.241  0.44 36.42 ? 37   ARG A NE  1 
ATOM   227  C CZ  A ARG A 1 43  ? -4.619  13.969  -7.281  0.56 30.47 ? 37   ARG A CZ  1 
ATOM   228  C CZ  B ARG A 1 43  ? -2.346  15.256  -6.388  0.44 37.07 ? 37   ARG A CZ  1 
ATOM   229  N NH1 A ARG A 1 43  ? -5.199  13.296  -8.267  0.56 33.55 ? 37   ARG A NH1 1 
ATOM   230  N NH1 B ARG A 1 43  ? -1.212  15.908  -6.600  0.44 38.16 ? 37   ARG A NH1 1 
ATOM   231  N NH2 A ARG A 1 43  ? -5.360  14.401  -6.273  0.56 34.58 ? 37   ARG A NH2 1 
ATOM   232  N NH2 B ARG A 1 43  ? -3.082  15.546  -5.321  0.44 33.64 ? 37   ARG A NH2 1 
ATOM   233  N N   . SER A 1 44  ? -3.769  11.013  -13.144 1.00 33.80 ? 38   SER A N   1 
ATOM   234  C CA  . SER A 1 44  ? -5.051  10.886  -13.823 1.00 37.37 ? 38   SER A CA  1 
ATOM   235  C C   . SER A 1 44  ? -5.548  9.454   -13.699 1.00 40.98 ? 38   SER A C   1 
ATOM   236  O O   . SER A 1 44  ? -6.688  9.142   -14.047 1.00 38.77 ? 38   SER A O   1 
ATOM   237  C CB  . SER A 1 44  ? -4.926  11.253  -15.303 1.00 41.16 ? 38   SER A CB  1 
ATOM   238  O OG  . SER A 1 44  ? -4.543  10.126  -16.080 1.00 42.79 ? 38   SER A OG  1 
ATOM   239  N N   . ASP A 1 45  ? -4.677  8.577   -13.216 1.00 39.71 ? 39   ASP A N   1 
ATOM   240  C CA  . ASP A 1 45  ? -5.026  7.173   -13.057 1.00 33.13 ? 39   ASP A CA  1 
ATOM   241  C C   . ASP A 1 45  ? -6.059  7.016   -11.940 1.00 31.17 ? 39   ASP A C   1 
ATOM   242  O O   . ASP A 1 45  ? -5.814  7.416   -10.806 1.00 32.74 ? 39   ASP A O   1 
ATOM   243  C CB  . ASP A 1 45  ? -3.770  6.365   -12.745 1.00 34.12 ? 39   ASP A CB  1 
ATOM   244  C CG  . ASP A 1 45  ? -3.881  4.921   -13.185 1.00 36.69 ? 39   ASP A CG  1 
ATOM   245  O OD1 . ASP A 1 45  ? -2.871  4.380   -13.676 1.00 38.67 ? 39   ASP A OD1 1 
ATOM   246  O OD2 . ASP A 1 45  ? -4.976  4.330   -13.048 1.00 40.24 ? 39   ASP A OD2 1 
ATOM   247  N N   . GLN A 1 46  ? -7.221  6.454   -12.275 1.00 29.60 ? 40   GLN A N   1 
ATOM   248  C CA  . GLN A 1 46  ? -8.281  6.210   -11.293 1.00 32.39 ? 40   GLN A CA  1 
ATOM   249  C C   . GLN A 1 46  ? -7.901  5.111   -10.300 1.00 28.03 ? 40   GLN A C   1 
ATOM   250  O O   . GLN A 1 46  ? -8.439  5.053   -9.181  1.00 28.42 ? 40   GLN A O   1 
ATOM   251  C CB  . GLN A 1 46  ? -9.582  5.837   -11.998 1.00 40.95 ? 40   GLN A CB  1 
ATOM   252  C CG  . GLN A 1 46  ? -10.117 6.943   -12.872 1.00 53.14 ? 40   GLN A CG  1 
ATOM   253  C CD  . GLN A 1 46  ? -10.135 8.271   -12.146 1.00 55.67 ? 40   GLN A CD  1 
ATOM   254  O OE1 . GLN A 1 46  ? -10.672 8.386   -11.040 1.00 58.43 ? 40   GLN A OE1 1 
ATOM   255  N NE2 . GLN A 1 46  ? -9.541  9.287   -12.763 1.00 43.83 ? 40   GLN A NE2 1 
ATOM   256  N N   . HIS A 1 47  ? -6.951  4.271   -10.715 1.00 26.99 ? 41   HIS A N   1 
ATOM   257  C CA  . HIS A 1 47  ? -6.500  3.130   -9.917  1.00 23.82 ? 41   HIS A CA  1 
ATOM   258  C C   . HIS A 1 47  ? -5.541  3.457   -8.771  1.00 23.79 ? 41   HIS A C   1 
ATOM   259  O O   . HIS A 1 47  ? -5.115  2.553   -8.054  1.00 20.97 ? 41   HIS A O   1 
ATOM   260  C CB  . HIS A 1 47  ? -5.892  2.068   -10.831 1.00 20.22 ? 41   HIS A CB  1 
ATOM   261  C CG  . HIS A 1 47  ? -6.862  1.551   -11.832 1.00 22.11 ? 41   HIS A CG  1 
ATOM   262  N ND1 . HIS A 1 47  ? -6.787  1.863   -13.172 1.00 27.15 ? 41   HIS A ND1 1 
ATOM   263  C CD2 . HIS A 1 47  ? -7.971  0.792   -11.680 1.00 20.74 ? 41   HIS A CD2 1 
ATOM   264  C CE1 . HIS A 1 47  ? -7.792  1.288   -13.809 1.00 26.25 ? 41   HIS A CE1 1 
ATOM   265  N NE2 . HIS A 1 47  ? -8.523  0.629   -12.927 1.00 22.56 ? 41   HIS A NE2 1 
ATOM   266  N N   . ILE A 1 48  ? -5.206  4.736   -8.586  1.00 16.86 ? 42   ILE A N   1 
ATOM   267  C CA  . ILE A 1 48  ? -4.376  5.140   -7.448  1.00 17.94 ? 42   ILE A CA  1 
ATOM   268  C C   . ILE A 1 48  ? -5.175  5.558   -6.198  1.00 17.66 ? 42   ILE A C   1 
ATOM   269  O O   . ILE A 1 48  ? -4.590  5.870   -5.165  1.00 19.33 ? 42   ILE A O   1 
ATOM   270  C CB  . ILE A 1 48  ? -3.382  6.260   -7.821  1.00 21.48 ? 42   ILE A CB  1 
ATOM   271  C CG1 . ILE A 1 48  ? -4.137  7.520   -8.277  1.00 24.18 ? 42   ILE A CG1 1 
ATOM   272  C CG2 . ILE A 1 48  ? -2.413  5.761   -8.901  1.00 21.07 ? 42   ILE A CG2 1 
ATOM   273  C CD1 . ILE A 1 48  ? -3.277  8.784   -8.331  1.00 27.85 ? 42   ILE A CD1 1 
ATOM   274  N N   . GLN A 1 49  ? -6.502  5.557   -6.285  1.00 19.26 ? 43   GLN A N   1 
ATOM   275  C CA  . GLN A 1 49  ? -7.313  5.952   -5.129  1.00 17.58 ? 43   GLN A CA  1 
ATOM   276  C C   . GLN A 1 49  ? -7.613  4.782   -4.188  1.00 18.21 ? 43   GLN A C   1 
ATOM   277  O O   . GLN A 1 49  ? -7.982  3.699   -4.638  1.00 17.96 ? 43   GLN A O   1 
ATOM   278  C CB  . GLN A 1 49  ? -8.605  6.607   -5.604  1.00 21.67 ? 43   GLN A CB  1 
ATOM   279  C CG  . GLN A 1 49  ? -8.355  7.911   -6.362  1.00 23.33 ? 43   GLN A CG  1 
ATOM   280  C CD  . GLN A 1 49  ? -9.571  8.387   -7.135  1.00 52.47 ? 43   GLN A CD  1 
ATOM   281  O OE1 . GLN A 1 49  ? -10.703 8.009   -6.834  1.00 44.09 ? 43   GLN A OE1 1 
ATOM   282  N NE2 . GLN A 1 49  ? -9.339  9.227   -8.138  1.00 55.34 ? 43   GLN A NE2 1 
ATOM   283  N N   . PHE A 1 50  ? -7.447  5.023   -2.889  1.00 17.13 ? 44   PHE A N   1 
ATOM   284  C CA  . PHE A 1 50  ? -7.656  3.995   -1.870  1.00 15.49 ? 44   PHE A CA  1 
ATOM   285  C C   . PHE A 1 50  ? -8.682  4.422   -0.828  1.00 18.58 ? 44   PHE A C   1 
ATOM   286  O O   . PHE A 1 50  ? -8.844  5.614   -0.530  1.00 20.38 ? 44   PHE A O   1 
ATOM   287  C CB  . PHE A 1 50  ? -6.344  3.674   -1.148  1.00 17.37 ? 44   PHE A CB  1 
ATOM   288  C CG  . PHE A 1 50  ? -5.379  2.872   -1.970  1.00 14.77 ? 44   PHE A CG  1 
ATOM   289  C CD1 . PHE A 1 50  ? -4.502  3.500   -2.838  1.00 17.13 ? 44   PHE A CD1 1 
ATOM   290  C CD2 . PHE A 1 50  ? -5.359  1.488   -1.887  1.00 19.08 ? 44   PHE A CD2 1 
ATOM   291  C CE1 . PHE A 1 50  ? -3.615  2.772   -3.602  1.00 16.97 ? 44   PHE A CE1 1 
ATOM   292  C CE2 . PHE A 1 50  ? -4.479  0.747   -2.660  1.00 19.87 ? 44   PHE A CE2 1 
ATOM   293  C CZ  . PHE A 1 50  ? -3.595  1.390   -3.510  1.00 17.25 ? 44   PHE A CZ  1 
ATOM   294  N N   . GLN A 1 51  ? -9.365  3.434   -0.265  1.00 19.67 ? 45   GLN A N   1 
ATOM   295  C CA  . GLN A 1 51  ? -10.201 3.650   0.898   1.00 20.36 ? 45   GLN A CA  1 
ATOM   296  C C   . GLN A 1 51  ? -9.489  2.985   2.054   1.00 17.84 ? 45   GLN A C   1 
ATOM   297  O O   . GLN A 1 51  ? -9.124  1.811   1.959   1.00 20.92 ? 45   GLN A O   1 
ATOM   298  C CB  . GLN A 1 51  ? -11.571 3.012   0.705   1.00 23.58 ? 45   GLN A CB  1 
ATOM   299  C CG  . GLN A 1 51  ? -12.432 3.675   -0.354  1.00 39.51 ? 45   GLN A CG  1 
ATOM   300  C CD  . GLN A 1 51  ? -13.737 2.932   -0.580  1.00 50.07 ? 45   GLN A CD  1 
ATOM   301  O OE1 . GLN A 1 51  ? -14.278 2.312   0.337   1.00 56.30 ? 45   GLN A OE1 1 
ATOM   302  N NE2 . GLN A 1 51  ? -14.248 2.989   -1.806  1.00 42.01 ? 45   GLN A NE2 1 
ATOM   303  N N   . VAL A 1 52  ? -9.264  3.727   3.123   1.00 20.47 ? 46   VAL A N   1 
ATOM   304  C CA  . VAL A 1 52  ? -8.719  3.139   4.339   1.00 20.81 ? 46   VAL A CA  1 
ATOM   305  C C   . VAL A 1 52  ? -9.878  2.728   5.233   1.00 24.91 ? 46   VAL A C   1 
ATOM   306  O O   . VAL A 1 52  ? -10.805 3.502   5.465   1.00 27.30 ? 46   VAL A O   1 
ATOM   307  C CB  . VAL A 1 52  ? -7.835  4.123   5.101   1.00 27.81 ? 46   VAL A CB  1 
ATOM   308  C CG1 . VAL A 1 52  ? -7.262  3.447   6.335   1.00 27.44 ? 46   VAL A CG1 1 
ATOM   309  C CG2 . VAL A 1 52  ? -6.723  4.632   4.200   1.00 31.67 ? 46   VAL A CG2 1 
ATOM   310  N N   . SER A 1 53  ? -9.859  1.507   5.728   1.00 21.06 ? 47   SER A N   1 
ATOM   311  C CA  . SER A 1 53  ? -10.943 1.106   6.611   1.00 25.09 ? 47   SER A CA  1 
ATOM   312  C C   . SER A 1 53  ? -10.417 0.322   7.780   1.00 22.00 ? 47   SER A C   1 
ATOM   313  O O   . SER A 1 53  ? -9.339  -0.265  7.723   1.00 17.97 ? 47   SER A O   1 
ATOM   314  C CB  . SER A 1 53  ? -12.006 0.296   5.877   1.00 24.29 ? 47   SER A CB  1 
ATOM   315  O OG  . SER A 1 53  ? -11.475 -0.946  5.496   1.00 25.30 ? 47   SER A OG  1 
ATOM   316  N N   . PRO A 1 54  ? -11.193 0.290   8.854   1.00 23.37 ? 48   PRO A N   1 
ATOM   317  C CA  . PRO A 1 54  ? -10.626 -0.345  10.037  1.00 17.18 ? 48   PRO A CA  1 
ATOM   318  C C   . PRO A 1 54  ? -10.782 -1.853  9.971   1.00 20.56 ? 48   PRO A C   1 
ATOM   319  O O   . PRO A 1 54  ? -11.729 -2.383  9.382   1.00 24.77 ? 48   PRO A O   1 
ATOM   320  C CB  . PRO A 1 54  ? -11.485 0.218   11.186  1.00 22.85 ? 48   PRO A CB  1 
ATOM   321  C CG  . PRO A 1 54  ? -12.374 1.281   10.564  1.00 36.48 ? 48   PRO A CG  1 
ATOM   322  C CD  . PRO A 1 54  ? -12.495 0.922   9.127   1.00 29.19 ? 48   PRO A CD  1 
ATOM   323  N N   . GLU A 1 55  ? -9.821  -2.530  10.573  1.00 17.41 ? 49   GLU A N   1 
ATOM   324  C CA  . GLU A 1 55  ? -9.916  -3.955  10.804  1.00 17.73 ? 49   GLU A CA  1 
ATOM   325  C C   . GLU A 1 55  ? -9.748  -4.123  12.308  1.00 18.19 ? 49   GLU A C   1 
ATOM   326  O O   . GLU A 1 55  ? -8.678  -3.858  12.857  1.00 21.01 ? 49   GLU A O   1 
ATOM   327  C CB  . GLU A 1 55  ? -8.813  -4.688  10.039  1.00 19.21 ? 49   GLU A CB  1 
ATOM   328  C CG  . GLU A 1 55  ? -8.789  -6.201  10.241  1.00 21.15 ? 49   GLU A CG  1 
ATOM   329  C CD  . GLU A 1 55  ? -9.838  -6.939  9.419   1.00 19.89 ? 49   GLU A CD  1 
ATOM   330  O OE1 . GLU A 1 55  ? -11.000 -6.466  9.355   1.00 22.82 ? 49   GLU A OE1 1 
ATOM   331  O OE2 . GLU A 1 55  ? -9.504  -7.996  8.832   1.00 20.85 ? 49   GLU A OE2 1 
ATOM   332  N N   . GLY A 1 56  ? -10.825 -4.519  12.991  1.00 20.72 ? 50   GLY A N   1 
ATOM   333  C CA  . GLY A 1 56  ? -10.769 -4.624  14.437  1.00 21.36 ? 50   GLY A CA  1 
ATOM   334  C C   . GLY A 1 56  ? -10.421 -3.274  15.038  1.00 23.01 ? 50   GLY A C   1 
ATOM   335  O O   . GLY A 1 56  ? -10.772 -2.237  14.486  1.00 24.07 ? 50   GLY A O   1 
ATOM   336  N N   . GLY A 1 57  ? -9.691  -3.283  16.143  1.00 23.40 ? 51   GLY A N   1 
ATOM   337  C CA  . GLY A 1 57  ? -9.390  -2.058  16.865  1.00 25.57 ? 51   GLY A CA  1 
ATOM   338  C C   . GLY A 1 57  ? -8.178  -1.226  16.473  1.00 34.98 ? 51   GLY A C   1 
ATOM   339  O O   . GLY A 1 57  ? -8.174  -0.020  16.717  1.00 30.73 ? 51   GLY A O   1 
ATOM   340  N N   . GLY A 1 58  ? -7.152  -1.833  15.880  1.00 27.44 ? 52   GLY A N   1 
ATOM   341  C CA  . GLY A 1 58  ? -5.921  -1.099  15.634  1.00 27.17 ? 52   GLY A CA  1 
ATOM   342  C C   . GLY A 1 58  ? -5.228  -1.317  14.295  1.00 31.81 ? 52   GLY A C   1 
ATOM   343  O O   . GLY A 1 58  ? -4.104  -0.871  14.093  1.00 31.28 ? 52   GLY A O   1 
ATOM   344  N N   . GLU A 1 59  ? -5.889  -1.997  13.372  1.00 22.32 ? 53   GLU A N   1 
ATOM   345  C CA  . GLU A 1 59  ? -5.283  -2.264  12.075  1.00 20.66 ? 53   GLU A CA  1 
ATOM   346  C C   . GLU A 1 59  ? -6.118  -1.592  11.009  1.00 17.22 ? 53   GLU A C   1 
ATOM   347  O O   . GLU A 1 59  ? -7.248  -1.187  11.291  1.00 18.29 ? 53   GLU A O   1 
ATOM   348  C CB  . GLU A 1 59  ? -5.293  -3.760  11.843  1.00 20.62 ? 53   GLU A CB  1 
ATOM   349  C CG  . GLU A 1 59  ? -4.285  -4.509  12.677  1.00 23.62 ? 53   GLU A CG  1 
ATOM   350  C CD  . GLU A 1 59  ? -4.343  -6.000  12.414  1.00 32.03 ? 53   GLU A CD  1 
ATOM   351  O OE1 . GLU A 1 59  ? -5.444  -6.497  12.091  1.00 34.73 ? 53   GLU A OE1 1 
ATOM   352  O OE2 . GLU A 1 59  ? -3.298  -6.672  12.526  1.00 34.78 ? 53   GLU A OE2 1 
ATOM   353  N N   . VAL A 1 60  ? -5.582  -1.482  9.793   1.00 17.52 ? 54   VAL A N   1 
ATOM   354  C CA  . VAL A 1 60  ? -6.377  -0.996  8.665   1.00 16.78 ? 54   VAL A CA  1 
ATOM   355  C C   . VAL A 1 60  ? -6.237  -1.893  7.466   1.00 15.99 ? 54   VAL A C   1 
ATOM   356  O O   . VAL A 1 60  ? -5.265  -2.644  7.341   1.00 17.26 ? 54   VAL A O   1 
ATOM   357  C CB  . VAL A 1 60  ? -6.002  0.432   8.189   1.00 15.36 ? 54   VAL A CB  1 
ATOM   358  C CG1 . VAL A 1 60  ? -6.304  1.478   9.277   1.00 20.59 ? 54   VAL A CG1 1 
ATOM   359  C CG2 . VAL A 1 60  ? -4.547  0.481   7.735   1.00 18.44 ? 54   VAL A CG2 1 
ATOM   360  N N   . LEU A 1 61  ? -7.221  -1.796  6.585   1.00 13.80 ? 55   LEU A N   1 
ATOM   361  C CA  . LEU A 1 61  ? -7.164  -2.393  5.269   1.00 13.65 ? 55   LEU A CA  1 
ATOM   362  C C   . LEU A 1 61  ? -7.000  -1.239  4.273   1.00 14.95 ? 55   LEU A C   1 
ATOM   363  O O   . LEU A 1 61  ? -7.496  -0.127  4.493   1.00 15.79 ? 55   LEU A O   1 
ATOM   364  C CB  . LEU A 1 61  ? -8.463  -3.142  4.954   1.00 15.78 ? 55   LEU A CB  1 
ATOM   365  C CG  . LEU A 1 61  ? -8.948  -4.128  6.008   1.00 17.03 ? 55   LEU A CG  1 
ATOM   366  C CD1 . LEU A 1 61  ? -10.236 -4.787  5.536   1.00 24.64 ? 55   LEU A CD1 1 
ATOM   367  C CD2 . LEU A 1 61  ? -7.902  -5.181  6.267   1.00 16.13 ? 55   LEU A CD2 1 
ATOM   368  N N   . LEU A 1 62  ? -6.315  -1.518  3.172   1.00 13.94 ? 56   LEU A N   1 
ATOM   369  C CA  . LEU A 1 62  ? -6.086  -0.538  2.116   1.00 15.42 ? 56   LEU A CA  1 
ATOM   370  C C   . LEU A 1 62  ? -6.727  -1.058  0.833   1.00 12.96 ? 56   LEU A C   1 
ATOM   371  O O   . LEU A 1 62  ? -6.186  -1.941  0.189   1.00 13.76 ? 56   LEU A O   1 
ATOM   372  C CB  . LEU A 1 62  ? -4.585  -0.333  1.920   1.00 16.01 ? 56   LEU A CB  1 
ATOM   373  C CG  . LEU A 1 62  ? -3.842  0.131   3.186   1.00 17.01 ? 56   LEU A CG  1 
ATOM   374  C CD1 . LEU A 1 62  ? -2.329  0.082   2.971   1.00 19.64 ? 56   LEU A CD1 1 
ATOM   375  C CD2 . LEU A 1 62  ? -4.291  1.515   3.626   1.00 24.39 ? 56   LEU A CD2 1 
ATOM   376  N N   . LYS A 1 63  ? -7.903  -0.529  0.504   1.00 14.63 ? 57   LYS A N   1 
ATOM   377  C CA  . LYS A 1 63  ? -8.730  -1.036  -0.582  1.00 14.14 ? 57   LYS A CA  1 
ATOM   378  C C   . LYS A 1 63  ? -8.729  -0.091  -1.777  1.00 14.91 ? 57   LYS A C   1 
ATOM   379  O O   . LYS A 1 63  ? -8.943  1.099   -1.637  1.00 17.12 ? 57   LYS A O   1 
ATOM   380  C CB  . LYS A 1 63  ? -10.175 -1.230  -0.095  1.00 18.39 ? 57   LYS A CB  1 
ATOM   381  C CG  . LYS A 1 63  ? -10.991 -2.138  -1.002  1.00 19.39 ? 57   LYS A CG  1 
ATOM   382  C CD  . LYS A 1 63  ? -12.446 -2.242  -0.579  1.00 20.90 ? 57   LYS A CD  1 
ATOM   383  C CE  . LYS A 1 63  ? -13.181 -0.984  -0.936  1.00 24.00 ? 57   LYS A CE  1 
ATOM   384  N NZ  . LYS A 1 63  ? -14.623 -1.124  -0.598  1.00 32.08 ? 57   LYS A NZ  1 
ATOM   385  N N   . SER A 1 64  ? -8.482  -0.646  -2.951  1.00 16.61 ? 58   SER A N   1 
ATOM   386  C CA  . SER A 1 64  ? -8.655  0.085   -4.212  1.00 15.10 ? 58   SER A CA  1 
ATOM   387  C C   . SER A 1 64  ? -10.125 0.495   -4.351  1.00 17.90 ? 58   SER A C   1 
ATOM   388  O O   . SER A 1 64  ? -11.024 -0.361  -4.340  1.00 18.47 ? 58   SER A O   1 
ATOM   389  C CB  . SER A 1 64  ? -8.293  -0.849  -5.376  1.00 19.29 ? 58   SER A CB  1 
ATOM   390  O OG  . SER A 1 64  ? -8.883  -0.415  -6.601  1.00 18.60 ? 58   SER A OG  1 
ATOM   391  N N   A THR A 1 65  ? -10.368 1.794   -4.474  0.65 18.49 ? 59   THR A N   1 
ATOM   392  N N   B THR A 1 65  ? -10.380 1.793   -4.471  0.35 18.53 ? 59   THR A N   1 
ATOM   393  C CA  A THR A 1 65  ? -11.728 2.287   -4.602  0.65 18.84 ? 59   THR A CA  1 
ATOM   394  C CA  B THR A 1 65  ? -11.752 2.272   -4.596  0.35 18.96 ? 59   THR A CA  1 
ATOM   395  C C   A THR A 1 65  ? -12.383 1.800   -5.895  0.65 21.68 ? 59   THR A C   1 
ATOM   396  C C   B THR A 1 65  ? -12.398 1.825   -5.907  0.35 21.69 ? 59   THR A C   1 
ATOM   397  O O   A THR A 1 65  ? -13.566 1.444   -5.903  0.65 23.80 ? 59   THR A O   1 
ATOM   398  O O   B THR A 1 65  ? -13.595 1.526   -5.943  0.35 23.82 ? 59   THR A O   1 
ATOM   399  C CB  A THR A 1 65  ? -11.797 3.830   -4.507  0.65 22.78 ? 59   THR A CB  1 
ATOM   400  C CB  B THR A 1 65  ? -11.839 3.807   -4.465  0.35 22.85 ? 59   THR A CB  1 
ATOM   401  O OG1 A THR A 1 65  ? -11.454 4.411   -5.764  0.65 31.72 ? 59   THR A OG1 1 
ATOM   402  O OG1 B THR A 1 65  ? -13.136 4.257   -4.879  0.35 25.33 ? 59   THR A OG1 1 
ATOM   403  C CG2 A THR A 1 65  ? -10.855 4.345   -3.440  0.65 20.52 ? 59   THR A CG2 1 
ATOM   404  C CG2 B THR A 1 65  ? -10.813 4.455   -5.330  0.35 25.05 ? 59   THR A CG2 1 
ATOM   405  N N   . GLU A 1 66  ? -11.606 1.770   -6.973  1.00 19.28 ? 60   GLU A N   1 
ATOM   406  C CA  . GLU A 1 66  ? -12.130 1.419   -8.289  1.00 18.55 ? 60   GLU A CA  1 
ATOM   407  C C   . GLU A 1 66  ? -12.365 -0.064  -8.512  1.00 23.64 ? 60   GLU A C   1 
ATOM   408  O O   . GLU A 1 66  ? -13.255 -0.439  -9.265  1.00 22.95 ? 60   GLU A O   1 
ATOM   409  C CB  . GLU A 1 66  ? -11.220 1.963   -9.394  1.00 25.95 ? 60   GLU A CB  1 
ATOM   410  C CG  . GLU A 1 66  ? -11.323 3.478   -9.555  1.00 25.93 ? 60   GLU A CG  1 
ATOM   411  C CD  . GLU A 1 66  ? -12.722 3.909   -9.955  1.00 29.84 ? 60   GLU A CD  1 
ATOM   412  O OE1 . GLU A 1 66  ? -13.152 3.543   -11.067 1.00 30.66 ? 60   GLU A OE1 1 
ATOM   413  O OE2 . GLU A 1 66  ? -13.390 4.605   -9.156  1.00 35.10 ? 60   GLU A OE2 1 
ATOM   414  N N   . THR A 1 67  ? -11.562 -0.913  -7.876  1.00 17.81 ? 61   THR A N   1 
ATOM   415  C CA  . THR A 1 67  ? -11.630 -2.343  -8.170  1.00 15.50 ? 61   THR A CA  1 
ATOM   416  C C   . THR A 1 67  ? -12.113 -3.181  -6.996  1.00 13.80 ? 61   THR A C   1 
ATOM   417  O O   . THR A 1 67  ? -12.467 -4.335  -7.183  1.00 18.16 ? 61   THR A O   1 
ATOM   418  C CB  . THR A 1 67  ? -10.275 -2.907  -8.634  1.00 15.56 ? 61   THR A CB  1 
ATOM   419  O OG1 . THR A 1 67  ? -9.344  -2.916  -7.538  1.00 16.79 ? 61   THR A OG1 1 
ATOM   420  C CG2 . THR A 1 67  ? -9.724  -2.077  -9.783  1.00 17.22 ? 61   THR A CG2 1 
ATOM   421  N N   . GLY A 1 68  ? -12.088 -2.613  -5.794  1.00 15.84 ? 62   GLY A N   1 
ATOM   422  C CA  . GLY A 1 68  ? -12.488 -3.351  -4.604  1.00 16.34 ? 62   GLY A CA  1 
ATOM   423  C C   . GLY A 1 68  ? -11.411 -4.288  -4.068  1.00 16.05 ? 62   GLY A C   1 
ATOM   424  O O   . GLY A 1 68  ? -11.665 -5.008  -3.107  1.00 18.09 ? 62   GLY A O   1 
ATOM   425  N N   . GLN A 1 69  ? -10.224 -4.283  -4.677  1.00 14.40 ? 63   GLN A N   1 
ATOM   426  C CA  . GLN A 1 69  ? -9.147  -5.163  -4.219  1.00 14.74 ? 63   GLN A CA  1 
ATOM   427  C C   . GLN A 1 69  ? -8.406  -4.576  -3.026  1.00 17.00 ? 63   GLN A C   1 
ATOM   428  O O   . GLN A 1 69  ? -8.119  -3.388  -2.977  1.00 16.26 ? 63   GLN A O   1 
ATOM   429  C CB  . GLN A 1 69  ? -8.152  -5.433  -5.340  1.00 16.28 ? 63   GLN A CB  1 
ATOM   430  C CG  . GLN A 1 69  ? -8.733  -6.242  -6.469  1.00 17.67 ? 63   GLN A CG  1 
ATOM   431  C CD  . GLN A 1 69  ? -7.795  -6.333  -7.639  1.00 19.54 ? 63   GLN A CD  1 
ATOM   432  O OE1 . GLN A 1 69  ? -7.175  -7.377  -7.867  1.00 22.41 ? 63   GLN A OE1 1 
ATOM   433  N NE2 . GLN A 1 69  ? -7.644  -5.229  -8.376  1.00 16.59 ? 63   GLN A NE2 1 
ATOM   434  N N   . TYR A 1 70  ? -8.073  -5.441  -2.076  1.00 14.32 ? 64   TYR A N   1 
ATOM   435  C CA  . TYR A 1 70  ? -7.252  -5.079  -0.936  1.00 13.09 ? 64   TYR A CA  1 
ATOM   436  C C   . TYR A 1 70  ? -5.786  -5.344  -1.221  1.00 12.26 ? 64   TYR A C   1 
ATOM   437  O O   . TYR A 1 70  ? -5.421  -6.348  -1.855  1.00 13.24 ? 64   TYR A O   1 
ATOM   438  C CB  . TYR A 1 70  ? -7.642  -5.931  0.275   1.00 13.95 ? 64   TYR A CB  1 
ATOM   439  C CG  . TYR A 1 70  ? -9.055  -5.684  0.741   1.00 16.19 ? 64   TYR A CG  1 
ATOM   440  C CD1 . TYR A 1 70  ? -10.081 -6.560  0.402   1.00 16.12 ? 64   TYR A CD1 1 
ATOM   441  C CD2 . TYR A 1 70  ? -9.363  -4.575  1.509   1.00 14.56 ? 64   TYR A CD2 1 
ATOM   442  C CE1 . TYR A 1 70  ? -11.392 -6.335  0.843   1.00 16.10 ? 64   TYR A CE1 1 
ATOM   443  C CE2 . TYR A 1 70  ? -10.657 -4.330  1.930   1.00 16.77 ? 64   TYR A CE2 1 
ATOM   444  C CZ  . TYR A 1 70  ? -11.657 -5.209  1.588   1.00 17.82 ? 64   TYR A CZ  1 
ATOM   445  O OH  . TYR A 1 70  ? -12.947 -4.951  2.033   1.00 22.12 ? 64   TYR A OH  1 
ATOM   446  N N   . LEU A 1 71  ? -4.943  -4.430  -0.756  1.00 13.00 ? 65   LEU A N   1 
ATOM   447  C CA  A LEU A 1 71  ? -3.507  -4.618  -0.836  0.63 12.78 ? 65   LEU A CA  1 
ATOM   448  C CA  B LEU A 1 71  ? -3.496  -4.617  -0.827  0.37 12.81 ? 65   LEU A CA  1 
ATOM   449  C C   . LEU A 1 71  ? -3.078  -5.760  0.082   1.00 13.89 ? 65   LEU A C   1 
ATOM   450  O O   . LEU A 1 71  ? -3.501  -5.830  1.246   1.00 13.91 ? 65   LEU A O   1 
ATOM   451  C CB  A LEU A 1 71  ? -2.831  -3.333  -0.398  0.63 15.32 ? 65   LEU A CB  1 
ATOM   452  C CB  B LEU A 1 71  ? -2.767  -3.353  -0.384  0.37 15.31 ? 65   LEU A CB  1 
ATOM   453  C CG  A LEU A 1 71  ? -1.331  -3.231  -0.594  0.63 14.97 ? 65   LEU A CG  1 
ATOM   454  C CG  B LEU A 1 71  ? -2.554  -2.216  -1.379  0.37 14.00 ? 65   LEU A CG  1 
ATOM   455  C CD1 A LEU A 1 71  ? -0.980  -3.180  -2.080  0.63 15.60 ? 65   LEU A CD1 1 
ATOM   456  C CD1 B LEU A 1 71  ? -1.862  -1.075  -0.676  0.37 13.52 ? 65   LEU A CD1 1 
ATOM   457  C CD2 A LEU A 1 71  ? -0.864  -1.962  0.111   0.63 16.22 ? 65   LEU A CD2 1 
ATOM   458  C CD2 B LEU A 1 71  ? -1.739  -2.662  -2.581  0.37 12.35 ? 65   LEU A CD2 1 
ATOM   459  N N   . ARG A 1 72  ? -2.240  -6.639  -0.448  1.00 12.89 ? 66   ARG A N   1 
ATOM   460  C CA  . ARG A 1 72  ? -1.753  -7.819  0.245   1.00 13.12 ? 66   ARG A CA  1 
ATOM   461  C C   . ARG A 1 72  ? -0.226  -7.913  0.133   1.00 12.86 ? 66   ARG A C   1 
ATOM   462  O O   . ARG A 1 72  ? 0.326   -7.803  -0.968  1.00 13.68 ? 66   ARG A O   1 
ATOM   463  C CB  . ARG A 1 72  ? -2.372  -9.066  -0.397  1.00 15.48 ? 66   ARG A CB  1 
ATOM   464  C CG  . ARG A 1 72  ? -1.777  -10.391 0.095   1.00 15.55 ? 66   ARG A CG  1 
ATOM   465  C CD  . ARG A 1 72  ? -2.667  -11.586 -0.214  1.00 12.89 ? 66   ARG A CD  1 
ATOM   466  N NE  . ARG A 1 72  ? -2.754  -11.848 -1.653  1.00 14.61 ? 66   ARG A NE  1 
ATOM   467  C CZ  . ARG A 1 72  ? -3.556  -12.749 -2.208  1.00 15.47 ? 66   ARG A CZ  1 
ATOM   468  N NH1 . ARG A 1 72  ? -4.365  -13.495 -1.455  1.00 15.60 ? 66   ARG A NH1 1 
ATOM   469  N NH2 . ARG A 1 72  ? -3.547  -12.910 -3.524  1.00 18.34 ? 66   ARG A NH2 1 
ATOM   470  N N   . ILE A 1 73  ? 0.470   -8.100  1.252   1.00 14.03 ? 67   ILE A N   1 
ATOM   471  C CA  . ILE A 1 73  ? 1.892   -8.467  1.194   1.00 15.02 ? 67   ILE A CA  1 
ATOM   472  C C   . ILE A 1 73  ? 2.006   -9.945  1.535   1.00 12.24 ? 67   ILE A C   1 
ATOM   473  O O   . ILE A 1 73  ? 1.668   -10.373 2.650   1.00 13.90 ? 67   ILE A O   1 
ATOM   474  C CB  . ILE A 1 73  ? 2.806   -7.646  2.130   1.00 12.72 ? 67   ILE A CB  1 
ATOM   475  C CG1 . ILE A 1 73  ? 2.573   -6.147  1.950   1.00 17.08 ? 67   ILE A CG1 1 
ATOM   476  C CG2 . ILE A 1 73  ? 4.272   -8.039  1.857   1.00 14.48 ? 67   ILE A CG2 1 
ATOM   477  C CD1 . ILE A 1 73  ? 3.596   -5.275  2.689   1.00 17.31 ? 67   ILE A CD1 1 
ATOM   478  N N   . ASN A 1 74  ? 2.451   -10.732 0.568   1.00 14.05 ? 68   ASN A N   1 
ATOM   479  C CA  . ASN A 1 74  ? 2.590   -12.169 0.769   1.00 12.99 ? 68   ASN A CA  1 
ATOM   480  C C   . ASN A 1 74  ? 3.855   -12.518 1.530   1.00 15.61 ? 68   ASN A C   1 
ATOM   481  O O   . ASN A 1 74  ? 4.799   -11.723 1.541   1.00 14.86 ? 68   ASN A O   1 
ATOM   482  C CB  . ASN A 1 74  ? 2.560   -12.863 -0.573  1.00 15.07 ? 68   ASN A CB  1 
ATOM   483  C CG  . ASN A 1 74  ? 1.301   -12.569 -1.306  1.00 16.17 ? 68   ASN A CG  1 
ATOM   484  O OD1 . ASN A 1 74  ? 0.234   -13.020 -0.902  1.00 19.35 ? 68   ASN A OD1 1 
ATOM   485  N ND2 . ASN A 1 74  ? 1.394   -11.762 -2.349  1.00 15.98 ? 68   ASN A ND2 1 
ATOM   486  N N   . PRO A 1 75  ? 3.881   -13.711 2.150   1.00 16.13 ? 69   PRO A N   1 
ATOM   487  C CA  . PRO A 1 75  ? 5.086   -14.076 2.915   1.00 17.61 ? 69   PRO A CA  1 
ATOM   488  C C   . PRO A 1 75  ? 6.378   -13.963 2.108   1.00 18.63 ? 69   PRO A C   1 
ATOM   489  O O   . PRO A 1 75  ? 7.400   -13.620 2.684   1.00 19.75 ? 69   PRO A O   1 
ATOM   490  C CB  . PRO A 1 75  ? 4.806   -15.524 3.332   1.00 17.19 ? 69   PRO A CB  1 
ATOM   491  C CG  . PRO A 1 75  ? 3.289   -15.553 3.479   1.00 20.34 ? 69   PRO A CG  1 
ATOM   492  C CD  . PRO A 1 75  ? 2.799   -14.699 2.315   1.00 17.31 ? 69   PRO A CD  1 
ATOM   493  N N   . ASP A 1 76  ? 6.332   -14.203 0.803   1.00 15.66 ? 70   ASP A N   1 
ATOM   494  C CA  . ASP A 1 76  ? 7.556   -14.201 0.009   1.00 17.61 ? 70   ASP A CA  1 
ATOM   495  C C   . ASP A 1 76  ? 8.001   -12.805 -0.402  1.00 17.57 ? 70   ASP A C   1 
ATOM   496  O O   . ASP A 1 76  ? 9.017   -12.642 -1.095  1.00 20.85 ? 70   ASP A O   1 
ATOM   497  C CB  . ASP A 1 76  ? 7.404   -15.109 -1.221  1.00 17.66 ? 70   ASP A CB  1 
ATOM   498  C CG  . ASP A 1 76  ? 6.377   -14.599 -2.227  1.00 21.62 ? 70   ASP A CG  1 
ATOM   499  O OD1 . ASP A 1 76  ? 5.750   -13.540 -2.005  1.00 17.54 ? 70   ASP A OD1 1 
ATOM   500  O OD2 . ASP A 1 76  ? 6.194   -15.281 -3.256  1.00 25.26 ? 70   ASP A OD2 1 
ATOM   501  N N   . GLY A 1 77  ? 7.241   -11.798 0.015   1.00 16.14 ? 71   GLY A N   1 
ATOM   502  C CA  . GLY A 1 77  ? 7.588   -10.420 -0.255  1.00 15.84 ? 71   GLY A CA  1 
ATOM   503  C C   . GLY A 1 77  ? 6.906   -9.812  -1.465  1.00 15.42 ? 71   GLY A C   1 
ATOM   504  O O   . GLY A 1 77  ? 7.012   -8.604  -1.705  1.00 15.81 ? 71   GLY A O   1 
ATOM   505  N N   . THR A 1 78  ? 6.203   -10.634 -2.234  1.00 13.83 ? 72   THR A N   1 
ATOM   506  C CA  . THR A 1 78  ? 5.442   -10.080 -3.342  1.00 15.06 ? 72   THR A CA  1 
ATOM   507  C C   . THR A 1 78  ? 4.212   -9.337  -2.816  1.00 14.88 ? 72   THR A C   1 
ATOM   508  O O   . THR A 1 78  ? 3.670   -9.655  -1.746  1.00 13.64 ? 72   THR A O   1 
ATOM   509  C CB  . THR A 1 78  ? 4.987   -11.143 -4.359  1.00 14.90 ? 72   THR A CB  1 
ATOM   510  O OG1 . THR A 1 78  ? 4.207   -12.145 -3.694  1.00 16.70 ? 72   THR A OG1 1 
ATOM   511  C CG2 . THR A 1 78  ? 6.198   -11.801 -5.031  1.00 15.95 ? 72   THR A CG2 1 
ATOM   512  N N   . VAL A 1 79  ? 3.763   -8.366  -3.591  1.00 12.76 ? 73   VAL A N   1 
ATOM   513  C CA  . VAL A 1 79  ? 2.593   -7.570  -3.241  1.00 12.50 ? 73   VAL A CA  1 
ATOM   514  C C   . VAL A 1 79  ? 1.579   -7.620  -4.381  1.00 13.56 ? 73   VAL A C   1 
ATOM   515  O O   . VAL A 1 79  ? 1.900   -7.386  -5.557  1.00 13.40 ? 73   VAL A O   1 
ATOM   516  C CB  . VAL A 1 79  ? 2.969   -6.120  -2.987  1.00 12.91 ? 73   VAL A CB  1 
ATOM   517  C CG1 . VAL A 1 79  ? 1.701   -5.263  -2.773  1.00 13.65 ? 73   VAL A CG1 1 
ATOM   518  C CG2 . VAL A 1 79  ? 3.870   -6.025  -1.765  1.00 13.20 ? 73   VAL A CG2 1 
ATOM   519  N N   . ASP A 1 80  ? 0.352   -7.984  -4.032  1.00 13.68 ? 74   ASP A N   1 
ATOM   520  C CA  . ASP A 1 80  ? -0.697  -8.076  -5.024  1.00 13.22 ? 74   ASP A CA  1 
ATOM   521  C C   . ASP A 1 80  ? -2.032  -7.644  -4.434  1.00 13.43 ? 74   ASP A C   1 
ATOM   522  O O   . ASP A 1 80  ? -2.083  -7.148  -3.308  1.00 13.87 ? 74   ASP A O   1 
ATOM   523  C CB  . ASP A 1 80  ? -0.743  -9.458  -5.683  1.00 13.14 ? 74   ASP A CB  1 
ATOM   524  C CG  . ASP A 1 80  ? -1.199  -10.576 -4.742  1.00 17.23 ? 74   ASP A CG  1 
ATOM   525  O OD1 . ASP A 1 80  ? -1.174  -10.397 -3.504  1.00 15.23 ? 74   ASP A OD1 1 
ATOM   526  O OD2 . ASP A 1 80  ? -1.575  -11.649 -5.262  1.00 19.83 ? 74   ASP A OD2 1 
ATOM   527  N N   . GLY A 1 81  ? -3.089  -7.746  -5.233  1.00 13.80 ? 75   GLY A N   1 
ATOM   528  C CA  . GLY A 1 81  ? -4.415  -7.386  -4.766  1.00 14.36 ? 75   GLY A CA  1 
ATOM   529  C C   . GLY A 1 81  ? -5.281  -8.618  -4.616  1.00 14.31 ? 75   GLY A C   1 
ATOM   530  O O   . GLY A 1 81  ? -5.152  -9.572  -5.384  1.00 17.22 ? 75   GLY A O   1 
ATOM   531  N N   . THR A 1 82  ? -6.160  -8.603  -3.628  1.00 15.43 ? 76   THR A N   1 
ATOM   532  C CA  . THR A 1 82  ? -7.111  -9.685  -3.456  1.00 15.61 ? 76   THR A CA  1 
ATOM   533  C C   . THR A 1 82  ? -8.455  -9.147  -2.974  1.00 13.61 ? 76   THR A C   1 
ATOM   534  O O   . THR A 1 82  ? -8.554  -8.135  -2.275  1.00 15.08 ? 76   THR A O   1 
ATOM   535  C CB  . THR A 1 82  ? -6.611  -10.735 -2.442  1.00 17.70 ? 76   THR A CB  1 
ATOM   536  O OG1 . THR A 1 82  ? -7.578  -11.788 -2.341  1.00 17.10 ? 76   THR A OG1 1 
ATOM   537  C CG2 . THR A 1 82  ? -6.407  -10.128 -1.051  1.00 15.68 ? 76   THR A CG2 1 
ATOM   538  N N   . ARG A 1 83  A -9.514  -9.883  -3.310  1.00 17.07 ? 76   ARG A N   1 
ATOM   539  C CA  . ARG A 1 83  A -10.840 -9.568  -2.805  1.00 18.97 ? 76   ARG A CA  1 
ATOM   540  C C   . ARG A 1 83  A -11.259 -10.588 -1.764  1.00 22.02 ? 76   ARG A C   1 
ATOM   541  O O   . ARG A 1 83  A -12.401 -10.570 -1.293  1.00 26.32 ? 76   ARG A O   1 
ATOM   542  C CB  . ARG A 1 83  A -11.849 -9.528  -3.941  1.00 21.83 ? 76   ARG A CB  1 
ATOM   543  C CG  . ARG A 1 83  A -11.562 -8.385  -4.876  1.00 20.06 ? 76   ARG A CG  1 
ATOM   544  C CD  . ARG A 1 83  A -12.707 -8.145  -5.837  1.00 22.28 ? 76   ARG A CD  1 
ATOM   545  N NE  . ARG A 1 83  A -12.361 -7.132  -6.823  1.00 21.20 ? 76   ARG A NE  1 
ATOM   546  C CZ  . ARG A 1 83  A -11.810 -7.409  -8.001  1.00 20.04 ? 76   ARG A CZ  1 
ATOM   547  N NH1 . ARG A 1 83  A -11.537 -8.669  -8.337  1.00 25.78 ? 76   ARG A NH1 1 
ATOM   548  N NH2 . ARG A 1 83  A -11.524 -6.432  -8.850  1.00 22.05 ? 76   ARG A NH2 1 
ATOM   549  N N   . ASP A 1 84  ? -10.322 -11.462 -1.401  1.00 17.60 ? 77   ASP A N   1 
ATOM   550  C CA  . ASP A 1 84  ? -10.580 -12.464 -0.364  1.00 20.01 ? 77   ASP A CA  1 
ATOM   551  C C   . ASP A 1 84  ? -10.516 -11.825 1.014   1.00 19.36 ? 77   ASP A C   1 
ATOM   552  O O   . ASP A 1 84  ? -9.447  -11.602 1.586   1.00 18.39 ? 77   ASP A O   1 
ATOM   553  C CB  . ASP A 1 84  ? -9.595  -13.622 -0.473  1.00 18.59 ? 77   ASP A CB  1 
ATOM   554  C CG  . ASP A 1 84  ? -9.882  -14.724 0.535   1.00 23.57 ? 77   ASP A CG  1 
ATOM   555  O OD1 . ASP A 1 84  ? -10.807 -14.554 1.360   1.00 21.55 ? 77   ASP A OD1 1 
ATOM   556  O OD2 . ASP A 1 84  ? -9.163  -15.741 0.497   1.00 25.48 ? 77   ASP A OD2 1 
ATOM   557  N N   . ARG A 1 85  ? -11.686 -11.561 1.566   1.00 21.97 ? 78   ARG A N   1 
ATOM   558  C CA  A ARG A 1 85  ? -11.803 -10.851 2.827   0.63 19.33 ? 78   ARG A CA  1 
ATOM   559  C CA  B ARG A 1 85  ? -11.776 -10.839 2.829   0.37 19.35 ? 78   ARG A CA  1 
ATOM   560  C C   . ARG A 1 85  ? -11.246 -11.657 4.006   1.00 18.76 ? 78   ARG A C   1 
ATOM   561  O O   . ARG A 1 85  ? -10.956 -11.105 5.065   1.00 20.93 ? 78   ARG A O   1 
ATOM   562  C CB  A ARG A 1 85  ? -13.269 -10.508 3.069   0.63 26.68 ? 78   ARG A CB  1 
ATOM   563  C CB  B ARG A 1 85  ? -13.216 -10.393 3.091   0.37 26.54 ? 78   ARG A CB  1 
ATOM   564  C CG  A ARG A 1 85  ? -13.482 -9.563  4.212   0.63 22.69 ? 78   ARG A CG  1 
ATOM   565  C CG  B ARG A 1 85  ? -13.358 -9.518  4.319   0.37 22.62 ? 78   ARG A CG  1 
ATOM   566  C CD  A ARG A 1 85  ? -12.766 -8.258  3.954   0.63 20.13 ? 78   ARG A CD  1 
ATOM   567  C CD  B ARG A 1 85  ? -12.448 -8.302  4.222   0.37 19.73 ? 78   ARG A CD  1 
ATOM   568  N NE  A ARG A 1 85  ? -12.962 -7.326  5.061   0.63 19.22 ? 78   ARG A NE  1 
ATOM   569  N NE  B ARG A 1 85  ? -12.472 -7.493  5.439   0.37 20.43 ? 78   ARG A NE  1 
ATOM   570  C CZ  A ARG A 1 85  ? -12.358 -7.435  6.242   0.63 15.74 ? 78   ARG A CZ  1 
ATOM   571  C CZ  B ARG A 1 85  ? -13.290 -6.465  5.640   0.37 17.03 ? 78   ARG A CZ  1 
ATOM   572  N NH1 A ARG A 1 85  ? -11.531 -8.443  6.496   0.63 14.33 ? 78   ARG A NH1 1 
ATOM   573  N NH1 B ARG A 1 85  ? -14.166 -6.119  4.707   0.37 26.52 ? 78   ARG A NH1 1 
ATOM   574  N NH2 A ARG A 1 85  ? -12.585 -6.532  7.180   0.63 20.76 ? 78   ARG A NH2 1 
ATOM   575  N NH2 B ARG A 1 85  ? -13.226 -5.778  6.774   0.37 19.17 ? 78   ARG A NH2 1 
ATOM   576  N N   . SER A 1 86  ? -11.110 -12.969 3.814   1.00 17.30 ? 79   SER A N   1 
ATOM   577  C CA  . SER A 1 86  ? -10.565 -13.853 4.858   1.00 17.50 ? 79   SER A CA  1 
ATOM   578  C C   . SER A 1 86  ? -9.035  -13.875 4.906   1.00 17.18 ? 79   SER A C   1 
ATOM   579  O O   . SER A 1 86  ? -8.436  -14.500 5.789   1.00 19.22 ? 79   SER A O   1 
ATOM   580  C CB  . SER A 1 86  ? -11.062 -15.297 4.674   1.00 17.23 ? 79   SER A CB  1 
ATOM   581  O OG  . SER A 1 86  ? -10.440 -15.945 3.569   1.00 18.67 ? 79   SER A OG  1 
ATOM   582  N N   . ASP A 1 87  ? -8.407  -13.184 3.960   1.00 16.84 ? 80   ASP A N   1 
ATOM   583  C CA  . ASP A 1 87  ? -6.960  -13.199 3.843   1.00 18.52 ? 80   ASP A CA  1 
ATOM   584  C C   . ASP A 1 87  ? -6.351  -12.529 5.069   1.00 15.04 ? 80   ASP A C   1 
ATOM   585  O O   . ASP A 1 87  ? -6.862  -11.524 5.561   1.00 18.31 ? 80   ASP A O   1 
ATOM   586  C CB  . ASP A 1 87  ? -6.559  -12.490 2.552   1.00 16.30 ? 80   ASP A CB  1 
ATOM   587  C CG  . ASP A 1 87  ? -5.125  -12.793 2.137   1.00 20.04 ? 80   ASP A CG  1 
ATOM   588  O OD1 . ASP A 1 87  ? -4.918  -13.717 1.320   1.00 19.70 ? 80   ASP A OD1 1 
ATOM   589  O OD2 . ASP A 1 87  ? -4.213  -12.098 2.637   1.00 18.73 ? 80   ASP A OD2 1 
ATOM   590  N N   . GLN A 1 88  ? -5.288  -13.125 5.598   1.00 17.66 ? 81   GLN A N   1 
ATOM   591  C CA  . GLN A 1 88  ? -4.653  -12.590 6.788   1.00 20.00 ? 81   GLN A CA  1 
ATOM   592  C C   . GLN A 1 88  ? -3.390  -11.798 6.462   1.00 19.03 ? 81   GLN A C   1 
ATOM   593  O O   . GLN A 1 88  ? -2.610  -11.478 7.346   1.00 23.09 ? 81   GLN A O   1 
ATOM   594  C CB  . GLN A 1 88  ? -4.343  -13.709 7.785   1.00 27.75 ? 81   GLN A CB  1 
ATOM   595  C CG  . GLN A 1 88  ? -5.600  -14.264 8.469   1.00 26.73 ? 81   GLN A CG  1 
ATOM   596  C CD  . GLN A 1 88  ? -6.394  -13.178 9.185   1.00 30.13 ? 81   GLN A CD  1 
ATOM   597  O OE1 . GLN A 1 88  ? -5.994  -12.692 10.243  1.00 32.65 ? 81   GLN A OE1 1 
ATOM   598  N NE2 . GLN A 1 88  ? -7.522  -12.790 8.603   1.00 31.86 ? 81   GLN A NE2 1 
ATOM   599  N N   . HIS A 1 89  ? -3.210  -11.479 5.187   1.00 16.01 ? 82   HIS A N   1 
ATOM   600  C CA  . HIS A 1 89  ? -2.053  -10.695 4.746   1.00 15.74 ? 82   HIS A CA  1 
ATOM   601  C C   . HIS A 1 89  ? -2.439  -9.340  4.177   1.00 14.51 ? 82   HIS A C   1 
ATOM   602  O O   . HIS A 1 89  ? -1.648  -8.692  3.469   1.00 15.46 ? 82   HIS A O   1 
ATOM   603  C CB  . HIS A 1 89  ? -1.222  -11.493 3.749   1.00 15.47 ? 82   HIS A CB  1 
ATOM   604  C CG  . HIS A 1 89  ? -0.679  -12.762 4.318   1.00 15.39 ? 82   HIS A CG  1 
ATOM   605  N ND1 . HIS A 1 89  ? 0.481   -12.810 5.057   1.00 19.48 ? 82   HIS A ND1 1 
ATOM   606  C CD2 . HIS A 1 89  ? -1.151  -14.029 4.276   1.00 17.85 ? 82   HIS A CD2 1 
ATOM   607  C CE1 . HIS A 1 89  ? 0.705   -14.055 5.441   1.00 14.81 ? 82   HIS A CE1 1 
ATOM   608  N NE2 . HIS A 1 89  ? -0.268  -14.815 4.977   1.00 21.28 ? 82   HIS A NE2 1 
ATOM   609  N N   . ILE A 1 90  ? -3.658  -8.913  4.498   1.00 14.55 ? 83   ILE A N   1 
ATOM   610  C CA  . ILE A 1 90  ? -4.177  -7.619  4.071   1.00 12.81 ? 83   ILE A CA  1 
ATOM   611  C C   . ILE A 1 90  ? -4.281  -6.573  5.168   1.00 14.03 ? 83   ILE A C   1 
ATOM   612  O O   . ILE A 1 90  ? -4.692  -5.453  4.903   1.00 15.44 ? 83   ILE A O   1 
ATOM   613  C CB  . ILE A 1 90  ? -5.561  -7.752  3.391   1.00 12.72 ? 83   ILE A CB  1 
ATOM   614  C CG1 . ILE A 1 90  ? -6.588  -8.340  4.363   1.00 16.04 ? 83   ILE A CG1 1 
ATOM   615  C CG2 . ILE A 1 90  ? -5.454  -8.621  2.115   1.00 15.50 ? 83   ILE A CG2 1 
ATOM   616  C CD1 . ILE A 1 90  ? -8.014  -8.320  3.839   1.00 19.46 ? 83   ILE A CD1 1 
ATOM   617  N N   . GLN A 1 91  ? -3.894  -6.935  6.395   1.00 14.89 ? 84   GLN A N   1 
ATOM   618  C CA  . GLN A 1 91  ? -4.001  -6.044  7.546   1.00 15.05 ? 84   GLN A CA  1 
ATOM   619  C C   . GLN A 1 91  ? -2.712  -5.288  7.776   1.00 16.09 ? 84   GLN A C   1 
ATOM   620  O O   . GLN A 1 91  ? -1.635  -5.896  7.840   1.00 17.38 ? 84   GLN A O   1 
ATOM   621  C CB  . GLN A 1 91  ? -4.355  -6.839  8.813   1.00 15.79 ? 84   GLN A CB  1 
ATOM   622  C CG  . GLN A 1 91  ? -5.742  -7.513  8.770   1.00 15.99 ? 84   GLN A CG  1 
ATOM   623  C CD  . GLN A 1 91  ? -5.793  -8.756  7.884   1.00 18.59 ? 84   GLN A CD  1 
ATOM   624  O OE1 . GLN A 1 91  ? -4.756  -9.329  7.510   1.00 18.96 ? 84   GLN A OE1 1 
ATOM   625  N NE2 . GLN A 1 91  ? -7.014  -9.190  7.547   1.00 18.24 ? 84   GLN A NE2 1 
ATOM   626  N N   . PHE A 1 92  ? -2.830  -3.971  7.888   1.00 14.12 ? 85   PHE A N   1 
ATOM   627  C CA  . PHE A 1 92  ? -1.685  -3.093  8.034   1.00 15.33 ? 85   PHE A CA  1 
ATOM   628  C C   . PHE A 1 92  ? -1.738  -2.327  9.343   1.00 18.68 ? 85   PHE A C   1 
ATOM   629  O O   . PHE A 1 92  ? -2.818  -2.043  9.880   1.00 21.14 ? 85   PHE A O   1 
ATOM   630  C CB  . PHE A 1 92  ? -1.585  -2.101  6.859   1.00 18.08 ? 85   PHE A CB  1 
ATOM   631  C CG  . PHE A 1 92  ? -1.214  -2.749  5.559   1.00 13.89 ? 85   PHE A CG  1 
ATOM   632  C CD1 . PHE A 1 92  ? 0.110   -2.819  5.161   1.00 16.65 ? 85   PHE A CD1 1 
ATOM   633  C CD2 . PHE A 1 92  ? -2.176  -3.342  4.764   1.00 12.73 ? 85   PHE A CD2 1 
ATOM   634  C CE1 . PHE A 1 92  ? 0.454   -3.425  3.980   1.00 14.71 ? 85   PHE A CE1 1 
ATOM   635  C CE2 . PHE A 1 92  ? -1.820  -3.970  3.568   1.00 17.48 ? 85   PHE A CE2 1 
ATOM   636  C CZ  . PHE A 1 92  ? -0.502  -4.005  3.190   1.00 20.53 ? 85   PHE A CZ  1 
ATOM   637  N N   . GLN A 1 93  ? -0.558  -2.010  9.844   1.00 19.03 ? 86   GLN A N   1 
ATOM   638  C CA  . GLN A 1 93  ? -0.406  -1.010  10.889  1.00 18.33 ? 86   GLN A CA  1 
ATOM   639  C C   . GLN A 1 93  ? 0.259   0.213   10.277  1.00 20.10 ? 86   GLN A C   1 
ATOM   640  O O   . GLN A 1 93  ? 1.226   0.105   9.510   1.00 19.03 ? 86   GLN A O   1 
ATOM   641  C CB  . GLN A 1 93  ? 0.439   -1.555  12.033  1.00 22.26 ? 86   GLN A CB  1 
ATOM   642  C CG  . GLN A 1 93  ? -0.287  -2.581  12.888  1.00 35.70 ? 86   GLN A CG  1 
ATOM   643  C CD  . GLN A 1 93  ? 0.597   -3.151  13.971  1.00 58.09 ? 86   GLN A CD  1 
ATOM   644  O OE1 . GLN A 1 93  ? 1.783   -2.822  14.054  1.00 67.25 ? 86   GLN A OE1 1 
ATOM   645  N NE2 . GLN A 1 93  ? 0.028   -4.008  14.814  1.00 50.05 ? 86   GLN A NE2 1 
ATOM   646  N N   . VAL A 1 94  ? -0.269  1.382   10.590  1.00 21.01 ? 87   VAL A N   1 
ATOM   647  C CA  . VAL A 1 94  ? 0.287   2.614   10.083  1.00 19.10 ? 87   VAL A CA  1 
ATOM   648  C C   . VAL A 1 94  ? 1.147   3.241   11.177  1.00 26.51 ? 87   VAL A C   1 
ATOM   649  O O   . VAL A 1 94  ? 0.658   3.504   12.271  1.00 28.72 ? 87   VAL A O   1 
ATOM   650  C CB  . VAL A 1 94  ? -0.830  3.605   9.705   1.00 27.60 ? 87   VAL A CB  1 
ATOM   651  C CG1 . VAL A 1 94  ? -0.236  4.923   9.262   1.00 27.49 ? 87   VAL A CG1 1 
ATOM   652  C CG2 . VAL A 1 94  ? -1.708  3.019   8.610   1.00 30.28 ? 87   VAL A CG2 1 
ATOM   653  N N   . SER A 1 95  ? 2.423   3.474   10.902  1.00 23.00 ? 88   SER A N   1 
ATOM   654  C CA  . SER A 1 95  ? 3.275   4.157   11.879  1.00 23.97 ? 88   SER A CA  1 
ATOM   655  C C   . SER A 1 95  ? 3.718   5.536   11.396  1.00 29.91 ? 88   SER A C   1 
ATOM   656  O O   . SER A 1 95  ? 4.251   5.683   10.309  1.00 22.74 ? 88   SER A O   1 
ATOM   657  C CB  . SER A 1 95  ? 4.493   3.296   12.234  1.00 31.93 ? 88   SER A CB  1 
ATOM   658  O OG  . SER A 1 95  ? 5.330   3.107   11.115  1.00 41.76 ? 88   SER A OG  1 
ATOM   659  N N   . PRO A 1 96  ? 3.477   6.567   12.207  1.00 34.59 ? 89   PRO A N   1 
ATOM   660  C CA  . PRO A 1 96  ? 3.971   7.902   11.856  1.00 37.77 ? 89   PRO A CA  1 
ATOM   661  C C   . PRO A 1 96  ? 5.496   7.901   11.810  1.00 42.71 ? 89   PRO A C   1 
ATOM   662  O O   . PRO A 1 96  ? 6.137   7.366   12.715  1.00 46.59 ? 89   PRO A O   1 
ATOM   663  C CB  . PRO A 1 96  ? 3.460   8.775   13.004  1.00 38.35 ? 89   PRO A CB  1 
ATOM   664  C CG  . PRO A 1 96  ? 2.282   8.023   13.559  1.00 41.60 ? 89   PRO A CG  1 
ATOM   665  C CD  . PRO A 1 96  ? 2.658   6.576   13.430  1.00 33.82 ? 89   PRO A CD  1 
ATOM   666  N N   . GLU A 1 97  ? 6.065   8.477   10.757  1.00 46.18 ? 90   GLU A N   1 
ATOM   667  C CA  . GLU A 1 97  ? 7.502   8.413   10.526  1.00 45.84 ? 90   GLU A CA  1 
ATOM   668  C C   . GLU A 1 97  ? 8.138   9.790   10.688  1.00 57.53 ? 90   GLU A C   1 
ATOM   669  O O   . GLU A 1 97  ? 9.337   9.967   10.462  1.00 64.62 ? 90   GLU A O   1 
ATOM   670  C CB  . GLU A 1 97  ? 7.781   7.847   9.126   1.00 40.22 ? 90   GLU A CB  1 
ATOM   671  C CG  . GLU A 1 97  ? 9.245   7.532   8.832   1.00 47.21 ? 90   GLU A CG  1 
ATOM   672  C CD  . GLU A 1 97  ? 9.768   6.355   9.634   1.00 57.62 ? 90   GLU A CD  1 
ATOM   673  O OE1 . GLU A 1 97  ? 9.079   5.924   10.583  1.00 51.35 ? 90   GLU A OE1 1 
ATOM   674  O OE2 . GLU A 1 97  ? 10.875  5.863   9.317   1.00 60.85 ? 90   GLU A OE2 1 
ATOM   675  N N   . GLY A 1 98  ? 7.329   10.766  11.088  1.00 50.82 ? 91   GLY A N   1 
ATOM   676  C CA  . GLY A 1 98  ? 7.805   12.129  11.238  1.00 63.21 ? 91   GLY A CA  1 
ATOM   677  C C   . GLY A 1 98  ? 7.864   12.872  9.915   1.00 61.77 ? 91   GLY A C   1 
ATOM   678  O O   . GLY A 1 98  ? 8.419   12.373  8.934   1.00 60.12 ? 91   GLY A O   1 
ATOM   679  N N   . GLY A 1 99  ? 7.288   14.070  9.889   1.00 60.42 ? 92   GLY A N   1 
ATOM   680  C CA  . GLY A 1 99  ? 7.255   14.874  8.681   1.00 63.21 ? 92   GLY A CA  1 
ATOM   681  C C   . GLY A 1 99  ? 6.060   14.535  7.808   1.00 55.60 ? 92   GLY A C   1 
ATOM   682  O O   . GLY A 1 99  ? 6.104   14.670  6.583   1.00 63.25 ? 92   GLY A O   1 
ATOM   683  N N   . GLY A 1 100 ? 4.984   14.091  8.445   1.00 43.12 ? 93   GLY A N   1 
ATOM   684  C CA  . GLY A 1 100 ? 3.781   13.731  7.722   1.00 48.05 ? 93   GLY A CA  1 
ATOM   685  C C   . GLY A 1 100 ? 3.847   12.348  7.095   1.00 33.54 ? 93   GLY A C   1 
ATOM   686  O O   . GLY A 1 100 ? 2.829   11.806  6.692   1.00 40.94 ? 93   GLY A O   1 
ATOM   687  N N   . GLU A 1 101 ? 5.039   11.769  7.015   1.00 29.08 ? 94   GLU A N   1 
ATOM   688  C CA  . GLU A 1 101 ? 5.187   10.459  6.377   1.00 23.77 ? 94   GLU A CA  1 
ATOM   689  C C   . GLU A 1 101 ? 4.813   9.315   7.306   1.00 26.97 ? 94   GLU A C   1 
ATOM   690  O O   . GLU A 1 101 ? 4.925   9.428   8.526   1.00 29.58 ? 94   GLU A O   1 
ATOM   691  C CB  . GLU A 1 101 ? 6.612   10.270  5.891   1.00 27.03 ? 94   GLU A CB  1 
ATOM   692  C CG  . GLU A 1 101 ? 7.122   11.433  5.077   1.00 37.68 ? 94   GLU A CG  1 
ATOM   693  C CD  . GLU A 1 101 ? 8.501   11.176  4.535   1.00 39.53 ? 94   GLU A CD  1 
ATOM   694  O OE1 . GLU A 1 101 ? 9.225   10.353  5.135   1.00 44.04 ? 94   GLU A OE1 1 
ATOM   695  O OE2 . GLU A 1 101 ? 8.863   11.794  3.511   1.00 51.73 ? 94   GLU A OE2 1 
ATOM   696  N N   . VAL A 1 102 ? 4.370   8.203   6.719   1.00 22.20 ? 95   VAL A N   1 
ATOM   697  C CA  . VAL A 1 102 ? 4.028   7.036   7.497   1.00 19.32 ? 95   VAL A CA  1 
ATOM   698  C C   . VAL A 1 102 ? 4.686   5.799   6.885   1.00 18.13 ? 95   VAL A C   1 
ATOM   699  O O   . VAL A 1 102 ? 5.071   5.810   5.714   1.00 20.91 ? 95   VAL A O   1 
ATOM   700  C CB  . VAL A 1 102 ? 2.509   6.810   7.563   1.00 22.16 ? 95   VAL A CB  1 
ATOM   701  C CG1 . VAL A 1 102 ? 1.806   8.067   8.077   1.00 25.56 ? 95   VAL A CG1 1 
ATOM   702  C CG2 . VAL A 1 102 ? 1.968   6.417   6.193   1.00 19.03 ? 95   VAL A CG2 1 
ATOM   703  N N   . LEU A 1 103 ? 4.862   4.767   7.701   1.00 17.93 ? 96   LEU A N   1 
ATOM   704  C CA  . LEU A 1 103 ? 5.214   3.450   7.192   1.00 18.94 ? 96   LEU A CA  1 
ATOM   705  C C   . LEU A 1 103 ? 3.948   2.622   7.211   1.00 17.86 ? 96   LEU A C   1 
ATOM   706  O O   . LEU A 1 103 ? 3.055   2.838   8.049   1.00 19.36 ? 96   LEU A O   1 
ATOM   707  C CB  . LEU A 1 103 ? 6.284   2.780   8.052   1.00 19.28 ? 96   LEU A CB  1 
ATOM   708  C CG  . LEU A 1 103 ? 7.531   3.608   8.385   1.00 24.04 ? 96   LEU A CG  1 
ATOM   709  C CD1 . LEU A 1 103 ? 8.455   2.800   9.279   1.00 30.17 ? 96   LEU A CD1 1 
ATOM   710  C CD2 . LEU A 1 103 ? 8.265   4.105   7.145   1.00 24.05 ? 96   LEU A CD2 1 
ATOM   711  N N   . LEU A 1 104 ? 3.867   1.666   6.292   1.00 14.18 ? 97   LEU A N   1 
ATOM   712  C CA  . LEU A 1 104 ? 2.718   0.783   6.177   1.00 15.84 ? 97   LEU A CA  1 
ATOM   713  C C   . LEU A 1 104 ? 3.220   -0.648  6.343   1.00 13.44 ? 97   LEU A C   1 
ATOM   714  O O   . LEU A 1 104 ? 3.854   -1.218  5.442   1.00 14.40 ? 97   LEU A O   1 
ATOM   715  C CB  . LEU A 1 104 ? 2.026   0.982   4.826   1.00 14.72 ? 97   LEU A CB  1 
ATOM   716  C CG  . LEU A 1 104 ? 1.518   2.402   4.513   1.00 17.04 ? 97   LEU A CG  1 
ATOM   717  C CD1 . LEU A 1 104 ? 1.090   2.498   3.059   1.00 19.75 ? 97   LEU A CD1 1 
ATOM   718  C CD2 . LEU A 1 104 ? 0.370   2.807   5.421   1.00 20.14 ? 97   LEU A CD2 1 
ATOM   719  N N   . LYS A 1 105 ? 2.975   -1.214  7.520   1.00 16.44 ? 98   LYS A N   1 
ATOM   720  C CA  . LYS A 1 105 ? 3.546   -2.495  7.903   1.00 18.49 ? 98   LYS A CA  1 
ATOM   721  C C   . LYS A 1 105 ? 2.483   -3.581  7.957   1.00 16.21 ? 98   LYS A C   1 
ATOM   722  O O   . LYS A 1 105 ? 1.475   -3.445  8.657   1.00 16.20 ? 98   LYS A O   1 
ATOM   723  C CB  . LYS A 1 105 ? 4.215   -2.351  9.274   1.00 18.87 ? 98   LYS A CB  1 
ATOM   724  C CG  . LYS A 1 105 ? 5.101   -3.522  9.648   1.00 22.88 ? 98   LYS A CG  1 
ATOM   725  C CD  . LYS A 1 105 ? 5.703   -3.318  11.026  1.00 27.44 ? 98   LYS A CD  1 
ATOM   726  C CE  . LYS A 1 105 ? 6.562   -4.504  11.429  1.00 35.39 ? 98   LYS A CE  1 
ATOM   727  N NZ  . LYS A 1 105 ? 7.170   -4.304  12.775  1.00 47.93 ? 98   LYS A NZ  1 
ATOM   728  N N   . SER A 1 106 ? 2.689   -4.670  7.222   1.00 15.31 ? 99   SER A N   1 
ATOM   729  C CA  . SER A 1 106 ? 1.761   -5.785  7.283   1.00 15.70 ? 99   SER A CA  1 
ATOM   730  C C   . SER A 1 106 ? 1.914   -6.512  8.608   1.00 16.00 ? 99   SER A C   1 
ATOM   731  O O   . SER A 1 106 ? 3.016   -6.929  8.973   1.00 20.59 ? 99   SER A O   1 
ATOM   732  C CB  . SER A 1 106 ? 2.038   -6.741  6.132   1.00 20.00 ? 99   SER A CB  1 
ATOM   733  O OG  . SER A 1 106 ? 1.354   -7.960  6.355   1.00 27.41 ? 99   SER A OG  1 
ATOM   734  N N   . THR A 1 107 ? 0.808   -6.678  9.322   1.00 15.18 ? 100  THR A N   1 
ATOM   735  C CA  . THR A 1 107 ? 0.889   -7.202  10.677  1.00 18.39 ? 100  THR A CA  1 
ATOM   736  C C   . THR A 1 107 ? 1.302   -8.677  10.706  1.00 19.55 ? 100  THR A C   1 
ATOM   737  O O   . THR A 1 107 ? 1.996   -9.116  11.629  1.00 24.38 ? 100  THR A O   1 
ATOM   738  C CB  . THR A 1 107 ? -0.446  -7.022  11.433  1.00 20.44 ? 100  THR A CB  1 
ATOM   739  O OG1 . THR A 1 107 ? -1.471  -7.760  10.769  1.00 30.36 ? 100  THR A OG1 1 
ATOM   740  C CG2 . THR A 1 107 ? -0.839  -5.574  11.459  1.00 24.17 ? 100  THR A CG2 1 
ATOM   741  N N   . GLU A 1 108 ? 0.909   -9.425  9.678   1.00 15.83 ? 101  GLU A N   1 
ATOM   742  C CA  . GLU A 1 108 ? 1.122   -10.868 9.665   1.00 17.40 ? 101  GLU A CA  1 
ATOM   743  C C   . GLU A 1 108 ? 2.600   -11.237 9.451   1.00 19.49 ? 101  GLU A C   1 
ATOM   744  O O   . GLU A 1 108 ? 3.097   -12.197 10.050  1.00 19.29 ? 101  GLU A O   1 
ATOM   745  C CB  . GLU A 1 108 ? 0.255   -11.505 8.575   1.00 20.54 ? 101  GLU A CB  1 
ATOM   746  C CG  . GLU A 1 108 ? 0.186   -13.017 8.621   1.00 21.10 ? 101  GLU A CG  1 
ATOM   747  C CD  . GLU A 1 108 ? -0.766  -13.551 9.667   1.00 22.17 ? 101  GLU A CD  1 
ATOM   748  O OE1 . GLU A 1 108 ? -1.396  -12.758 10.406  1.00 21.81 ? 101  GLU A OE1 1 
ATOM   749  O OE2 . GLU A 1 108 ? -0.885  -14.789 9.738   1.00 25.57 ? 101  GLU A OE2 1 
ATOM   750  N N   . THR A 1 109 ? 3.298   -10.466 8.623   1.00 17.19 ? 102  THR A N   1 
ATOM   751  C CA  . THR A 1 109 ? 4.673   -10.787 8.244   1.00 15.78 ? 102  THR A CA  1 
ATOM   752  C C   . THR A 1 109 ? 5.714   -9.750  8.666   1.00 17.27 ? 102  THR A C   1 
ATOM   753  O O   . THR A 1 109 ? 6.901   -9.939  8.425   1.00 16.23 ? 102  THR A O   1 
ATOM   754  C CB  . THR A 1 109 ? 4.812   -10.990 6.726   1.00 16.46 ? 102  THR A CB  1 
ATOM   755  O OG1 . THR A 1 109 ? 4.448   -9.786  6.033   1.00 21.10 ? 102  THR A OG1 1 
ATOM   756  C CG2 . THR A 1 109 ? 3.958   -12.176 6.262   1.00 21.93 ? 102  THR A CG2 1 
ATOM   757  N N   . GLY A 1 110 ? 5.289   -8.651  9.275   1.00 16.53 ? 103  GLY A N   1 
ATOM   758  C CA  . GLY A 1 110 ? 6.232   -7.623  9.673   1.00 17.00 ? 103  GLY A CA  1 
ATOM   759  C C   . GLY A 1 110 ? 6.929   -6.911  8.519   1.00 17.18 ? 103  GLY A C   1 
ATOM   760  O O   . GLY A 1 110 ? 7.951   -6.259  8.713   1.00 21.77 ? 103  GLY A O   1 
ATOM   761  N N   . GLN A 1 111 ? 6.395   -7.041  7.305   1.00 14.90 ? 107  GLN A N   1 
ATOM   762  C CA  . GLN A 1 111 ? 6.996   -6.378  6.157   1.00 16.05 ? 107  GLN A CA  1 
ATOM   763  C C   . GLN A 1 111 ? 6.410   -5.001  5.876   1.00 17.35 ? 107  GLN A C   1 
ATOM   764  O O   . GLN A 1 111 ? 5.185   -4.813  5.907   1.00 15.95 ? 107  GLN A O   1 
ATOM   765  C CB  . GLN A 1 111 ? 6.824   -7.238  4.911   1.00 17.40 ? 107  GLN A CB  1 
ATOM   766  C CG  . GLN A 1 111 ? 7.523   -8.580  4.982   1.00 19.17 ? 107  GLN A CG  1 
ATOM   767  C CD  . GLN A 1 111 ? 7.265   -9.404  3.745   1.00 18.01 ? 107  GLN A CD  1 
ATOM   768  O OE1 . GLN A 1 111 ? 8.023   -9.349  2.785   1.00 23.75 ? 107  GLN A OE1 1 
ATOM   769  N NE2 . GLN A 1 111 ? 6.167   -10.141 3.748   1.00 18.80 ? 107  GLN A NE2 1 
ATOM   770  N N   . TYR A 1 112 ? 7.288   -4.051  5.580   1.00 16.00 ? 108  TYR A N   1 
ATOM   771  C CA  . TYR A 1 112 ? 6.867   -2.741  5.119   1.00 15.70 ? 108  TYR A CA  1 
ATOM   772  C C   . TYR A 1 112 ? 6.637   -2.712  3.613   1.00 17.05 ? 108  TYR A C   1 
ATOM   773  O O   . TYR A 1 112 ? 7.403   -3.315  2.838   1.00 16.22 ? 108  TYR A O   1 
ATOM   774  C CB  . TYR A 1 112 ? 7.921   -1.698  5.479   1.00 17.62 ? 108  TYR A CB  1 
ATOM   775  C CG  . TYR A 1 112 ? 8.176   -1.625  6.955   1.00 18.80 ? 108  TYR A CG  1 
ATOM   776  C CD1 . TYR A 1 112 ? 9.243   -2.298  7.534   1.00 19.86 ? 108  TYR A CD1 1 
ATOM   777  C CD2 . TYR A 1 112 ? 7.328   -0.908  7.785   1.00 18.75 ? 108  TYR A CD2 1 
ATOM   778  C CE1 . TYR A 1 112 ? 9.476   -2.237  8.900   1.00 25.87 ? 108  TYR A CE1 1 
ATOM   779  C CE2 . TYR A 1 112 ? 7.552   -0.847  9.160   1.00 22.32 ? 108  TYR A CE2 1 
ATOM   780  C CZ  . TYR A 1 112 ? 8.624   -1.516  9.704   1.00 26.66 ? 108  TYR A CZ  1 
ATOM   781  O OH  . TYR A 1 112 ? 8.854   -1.461  11.059  1.00 34.46 ? 108  TYR A OH  1 
ATOM   782  N N   . LEU A 1 113 ? 5.599   -2.003  3.189   1.00 15.27 ? 109  LEU A N   1 
ATOM   783  C CA  . LEU A 1 113 ? 5.350   -1.757  1.789   1.00 16.83 ? 109  LEU A CA  1 
ATOM   784  C C   . LEU A 1 113 ? 6.434   -0.863  1.198   1.00 14.25 ? 109  LEU A C   1 
ATOM   785  O O   . LEU A 1 113 ? 6.824   0.137   1.803   1.00 14.85 ? 109  LEU A O   1 
ATOM   786  C CB  . LEU A 1 113 ? 3.999   -1.072  1.641   1.00 14.97 ? 109  LEU A CB  1 
ATOM   787  C CG  . LEU A 1 113 ? 3.424   -1.049  0.238   1.00 18.60 ? 109  LEU A CG  1 
ATOM   788  C CD1 . LEU A 1 113 ? 3.074   -2.470  -0.224  1.00 18.01 ? 109  LEU A CD1 1 
ATOM   789  C CD2 . LEU A 1 113 ? 2.185   -0.176  0.243   1.00 25.11 ? 109  LEU A CD2 1 
ATOM   790  N N   . ARG A 1 114 ? 6.898   -1.228  0.005   1.00 14.63 ? 110  ARG A N   1 
ATOM   791  C CA  . ARG A 1 114 ? 8.013   -0.553  -0.668  1.00 14.24 ? 110  ARG A CA  1 
ATOM   792  C C   . ARG A 1 114 ? 7.671   -0.293  -2.133  1.00 16.51 ? 110  ARG A C   1 
ATOM   793  O O   . ARG A 1 114 ? 7.214   -1.214  -2.834  1.00 15.58 ? 110  ARG A O   1 
ATOM   794  C CB  . ARG A 1 114 ? 9.268   -1.437  -0.587  1.00 15.81 ? 110  ARG A CB  1 
ATOM   795  C CG  . ARG A 1 114 ? 10.476  -0.903  -1.360  1.00 17.31 ? 110  ARG A CG  1 
ATOM   796  C CD  . ARG A 1 114 ? 11.764  -1.580  -0.901  1.00 18.92 ? 110  ARG A CD  1 
ATOM   797  N NE  . ARG A 1 114 ? 11.789  -3.004  -1.247  1.00 16.09 ? 110  ARG A NE  1 
ATOM   798  C CZ  . ARG A 1 114 ? 12.805  -3.813  -0.967  1.00 19.80 ? 110  ARG A CZ  1 
ATOM   799  N NH1 . ARG A 1 114 ? 13.880  -3.337  -0.353  1.00 21.82 ? 110  ARG A NH1 1 
ATOM   800  N NH2 . ARG A 1 114 ? 12.753  -5.091  -1.317  1.00 19.44 ? 110  ARG A NH2 1 
ATOM   801  N N   . ILE A 1 115 ? 7.873   0.935   -2.608  1.00 16.66 ? 111  ILE A N   1 
ATOM   802  C CA  . ILE A 1 115 ? 7.842   1.168   -4.050  1.00 16.91 ? 111  ILE A CA  1 
ATOM   803  C C   . ILE A 1 115 ? 9.260   1.428   -4.536  1.00 15.23 ? 111  ILE A C   1 
ATOM   804  O O   . ILE A 1 115 ? 9.939   2.352   -4.074  1.00 19.60 ? 111  ILE A O   1 
ATOM   805  C CB  . ILE A 1 115 ? 6.944   2.361   -4.481  1.00 16.05 ? 111  ILE A CB  1 
ATOM   806  C CG1 . ILE A 1 115 ? 5.587   2.337   -3.778  1.00 16.75 ? 111  ILE A CG1 1 
ATOM   807  C CG2 . ILE A 1 115 ? 6.766   2.352   -6.012  1.00 19.60 ? 111  ILE A CG2 1 
ATOM   808  C CD1 . ILE A 1 115 ? 4.596   3.280   -4.404  1.00 17.63 ? 111  ILE A CD1 1 
ATOM   809  N N   . ASN A 1 116 ? 9.714   0.579   -5.450  1.00 14.92 ? 112  ASN A N   1 
ATOM   810  C CA  . ASN A 1 116 ? 11.081  0.677   -5.933  1.00 15.92 ? 112  ASN A CA  1 
ATOM   811  C C   . ASN A 1 116 ? 11.145  1.663   -7.069  1.00 15.89 ? 112  ASN A C   1 
ATOM   812  O O   . ASN A 1 116 ? 10.135  1.937   -7.706  1.00 16.54 ? 112  ASN A O   1 
ATOM   813  C CB  . ASN A 1 116 ? 11.549  -0.700  -6.390  1.00 17.80 ? 112  ASN A CB  1 
ATOM   814  C CG  . ASN A 1 116 ? 11.552  -1.702  -5.261  1.00 16.38 ? 112  ASN A CG  1 
ATOM   815  O OD1 . ASN A 1 116 ? 12.249  -1.550  -4.264  1.00 20.43 ? 112  ASN A OD1 1 
ATOM   816  N ND2 . ASN A 1 116 ? 10.740  -2.754  -5.410  1.00 21.91 ? 112  ASN A ND2 1 
ATOM   817  N N   . PRO A 1 117 ? 12.343  2.231   -7.323  1.00 17.78 ? 113  PRO A N   1 
ATOM   818  C CA  . PRO A 1 117 ? 12.450  3.190   -8.430  1.00 18.76 ? 113  PRO A CA  1 
ATOM   819  C C   . PRO A 1 117 ? 11.974  2.659   -9.791  1.00 17.30 ? 113  PRO A C   1 
ATOM   820  O O   . PRO A 1 117 ? 11.481  3.455   -10.586 1.00 20.98 ? 113  PRO A O   1 
ATOM   821  C CB  . PRO A 1 117 ? 13.956  3.489   -8.497  1.00 18.44 ? 113  PRO A CB  1 
ATOM   822  C CG  . PRO A 1 117 ? 14.454  3.222   -7.137  1.00 22.34 ? 113  PRO A CG  1 
ATOM   823  C CD  . PRO A 1 117 ? 13.597  2.106   -6.563  1.00 20.50 ? 113  PRO A CD  1 
ATOM   824  N N   . ASP A 1 118 ? 12.081  1.355   -10.034 1.00 17.91 ? 114  ASP A N   1 
ATOM   825  C CA  . ASP A 1 118 ? 11.612  0.787   -11.309 1.00 21.25 ? 114  ASP A CA  1 
ATOM   826  C C   . ASP A 1 118 ? 10.087  0.624   -11.396 1.00 18.97 ? 114  ASP A C   1 
ATOM   827  O O   . ASP A 1 118 ? 9.549   0.155   -12.412 1.00 19.86 ? 114  ASP A O   1 
ATOM   828  C CB  . ASP A 1 118 ? 12.309  -0.548  -11.614 1.00 23.11 ? 114  ASP A CB  1 
ATOM   829  C CG  . ASP A 1 118 ? 11.951  -1.651  -10.625 1.00 22.83 ? 114  ASP A CG  1 
ATOM   830  O OD1 . ASP A 1 118 ? 11.125  -1.430  -9.701  1.00 19.90 ? 114  ASP A OD1 1 
ATOM   831  O OD2 . ASP A 1 118 ? 12.507  -2.762  -10.762 1.00 21.30 ? 114  ASP A OD2 1 
ATOM   832  N N   . GLY A 1 119 ? 9.392   1.010   -10.333 1.00 18.85 ? 115  GLY A N   1 
ATOM   833  C CA  . GLY A 1 119 ? 7.942   0.975   -10.333 1.00 18.38 ? 115  GLY A CA  1 
ATOM   834  C C   . GLY A 1 119 ? 7.341   -0.308  -9.774  1.00 16.01 ? 115  GLY A C   1 
ATOM   835  O O   . GLY A 1 119 ? 6.116   -0.410  -9.656  1.00 17.99 ? 115  GLY A O   1 
ATOM   836  N N   . THR A 1 120 ? 8.191   -1.272  -9.421  1.00 15.63 ? 116  THR A N   1 
ATOM   837  C CA  . THR A 1 120 ? 7.672   -2.497  -8.792  1.00 16.33 ? 116  THR A CA  1 
ATOM   838  C C   . THR A 1 120 ? 7.327   -2.186  -7.346  1.00 15.63 ? 116  THR A C   1 
ATOM   839  O O   . THR A 1 120 ? 7.919   -1.289  -6.725  1.00 15.01 ? 116  THR A O   1 
ATOM   840  C CB  . THR A 1 120 ? 8.661   -3.682  -8.839  1.00 15.46 ? 116  THR A CB  1 
ATOM   841  O OG1 . THR A 1 120 ? 9.920   -3.308  -8.252  1.00 16.56 ? 116  THR A OG1 1 
ATOM   842  C CG2 . THR A 1 120 ? 8.885   -4.147  -10.297 1.00 17.21 ? 116  THR A CG2 1 
ATOM   843  N N   . VAL A 1 121 ? 6.402   -2.967  -6.795  1.00 13.87 ? 117  VAL A N   1 
ATOM   844  C CA  . VAL A 1 121 ? 6.008   -2.838  -5.389  1.00 13.84 ? 117  VAL A CA  1 
ATOM   845  C C   . VAL A 1 121 ? 6.229   -4.169  -4.683  1.00 14.14 ? 117  VAL A C   1 
ATOM   846  O O   . VAL A 1 121 ? 5.827   -5.226  -5.180  1.00 14.81 ? 117  VAL A O   1 
ATOM   847  C CB  . VAL A 1 121 ? 4.538   -2.377  -5.261  1.00 15.04 ? 117  VAL A CB  1 
ATOM   848  C CG1 . VAL A 1 121 ? 4.044   -2.425  -3.801  1.00 14.46 ? 117  VAL A CG1 1 
ATOM   849  C CG2 . VAL A 1 121 ? 4.403   -0.941  -5.806  1.00 15.23 ? 117  VAL A CG2 1 
ATOM   850  N N   . ASP A 1 122 ? 6.909   -4.126  -3.547  1.00 13.07 ? 118  ASP A N   1 
ATOM   851  C CA  . ASP A 1 122 ? 7.168   -5.351  -2.795  1.00 14.59 ? 118  ASP A CA  1 
ATOM   852  C C   . ASP A 1 122 ? 7.270   -5.074  -1.306  1.00 14.46 ? 118  ASP A C   1 
ATOM   853  O O   . ASP A 1 122 ? 6.982   -3.955  -0.871  1.00 14.93 ? 118  ASP A O   1 
ATOM   854  C CB  . ASP A 1 122 ? 8.397   -6.105  -3.334  1.00 13.32 ? 118  ASP A CB  1 
ATOM   855  C CG  . ASP A 1 122 ? 9.681   -5.310  -3.231  1.00 18.36 ? 118  ASP A CG  1 
ATOM   856  O OD1 . ASP A 1 122 ? 9.714   -4.204  -2.663  1.00 17.95 ? 118  ASP A OD1 1 
ATOM   857  O OD2 . ASP A 1 122 ? 10.701  -5.800  -3.747  1.00 25.37 ? 118  ASP A OD2 1 
ATOM   858  N N   . GLY A 1 123 ? 7.608   -6.093  -0.523  1.00 16.28 ? 119  GLY A N   1 
ATOM   859  C CA  . GLY A 1 123 ? 7.737   -5.948  0.914   1.00 16.48 ? 119  GLY A CA  1 
ATOM   860  C C   . GLY A 1 123 ? 9.173   -6.093  1.390   1.00 18.77 ? 119  GLY A C   1 
ATOM   861  O O   . GLY A 1 123 ? 9.988   -6.808  0.789   1.00 18.04 ? 119  GLY A O   1 
ATOM   862  N N   . THR A 1 124 ? 9.498   -5.402  2.473   1.00 17.73 ? 123  THR A N   1 
ATOM   863  C CA  . THR A 1 124 ? 10.810  -5.558  3.103   1.00 16.94 ? 123  THR A CA  1 
ATOM   864  C C   . THR A 1 124 ? 10.682  -5.438  4.614   1.00 18.33 ? 123  THR A C   1 
ATOM   865  O O   . THR A 1 124 ? 9.903   -4.628  5.118   1.00 19.08 ? 123  THR A O   1 
ATOM   866  C CB  . THR A 1 124 ? 11.845  -4.526  2.612   1.00 18.30 ? 123  THR A CB  1 
ATOM   867  O OG1 . THR A 1 124 ? 13.107  -4.786  3.246   1.00 22.20 ? 123  THR A OG1 1 
ATOM   868  C CG2 . THR A 1 124 ? 11.423  -3.120  2.972   1.00 20.30 ? 123  THR A CG2 1 
ATOM   869  N N   . ARG A 1 125 A 11.449  -6.243  5.337   1.00 20.67 ? 123  ARG A N   1 
ATOM   870  C CA  . ARG A 1 125 A 11.497  -6.108  6.792   1.00 21.45 ? 123  ARG A CA  1 
ATOM   871  C C   . ARG A 1 125 A 12.435  -4.983  7.221   1.00 25.78 ? 123  ARG A C   1 
ATOM   872  O O   . ARG A 1 125 A 12.447  -4.594  8.384   1.00 31.90 ? 123  ARG A O   1 
ATOM   873  C CB  . ARG A 1 125 A 11.942  -7.424  7.426   1.00 28.20 ? 123  ARG A CB  1 
ATOM   874  C CG  . ARG A 1 125 A 10.898  -8.524  7.334   1.00 23.53 ? 123  ARG A CG  1 
ATOM   875  C CD  . ARG A 1 125 A 11.479  -9.884  7.688   1.00 33.48 ? 123  ARG A CD  1 
ATOM   876  N NE  . ARG A 1 125 A 12.381  -10.378 6.645   1.00 42.58 ? 123  ARG A NE  1 
ATOM   877  C CZ  . ARG A 1 125 A 11.992  -11.140 5.627   1.00 50.96 ? 123  ARG A CZ  1 
ATOM   878  N NH1 . ARG A 1 125 A 10.717  -11.500 5.524   1.00 35.06 ? 123  ARG A NH1 1 
ATOM   879  N NH2 . ARG A 1 125 A 12.876  -11.544 4.718   1.00 44.92 ? 123  ARG A NH2 1 
ATOM   880  N N   . ASP A 1 126 ? 13.224  -4.459  6.288   1.00 22.62 ? 124  ASP A N   1 
ATOM   881  C CA  . ASP A 1 126 ? 14.251  -3.491  6.640   1.00 27.28 ? 124  ASP A CA  1 
ATOM   882  C C   . ASP A 1 126 ? 13.654  -2.107  6.884   1.00 24.32 ? 124  ASP A C   1 
ATOM   883  O O   . ASP A 1 126 ? 13.397  -1.345  5.951   1.00 22.81 ? 124  ASP A O   1 
ATOM   884  C CB  . ASP A 1 126 ? 15.330  -3.448  5.556   1.00 26.32 ? 124  ASP A CB  1 
ATOM   885  C CG  . ASP A 1 126 ? 16.489  -2.539  5.921   1.00 30.84 ? 124  ASP A CG  1 
ATOM   886  O OD1 . ASP A 1 126 ? 16.490  -1.999  7.047   1.00 28.46 ? 124  ASP A OD1 1 
ATOM   887  O OD2 . ASP A 1 126 ? 17.389  -2.357  5.073   1.00 30.59 ? 124  ASP A OD2 1 
ATOM   888  N N   . ARG A 1 127 ? 13.449  -1.780  8.158   1.00 24.32 ? 125  ARG A N   1 
ATOM   889  C CA  . ARG A 1 127 ? 12.852  -0.501  8.515   1.00 31.92 ? 125  ARG A CA  1 
ATOM   890  C C   . ARG A 1 127 ? 13.721  0.692   8.117   1.00 29.74 ? 125  ARG A C   1 
ATOM   891  O O   . ARG A 1 127 ? 13.256  1.828   8.124   1.00 28.13 ? 125  ARG A O   1 
ATOM   892  C CB  . ARG A 1 127 ? 12.561  -0.451  10.012  1.00 29.78 ? 125  ARG A CB  1 
ATOM   893  C CG  . ARG A 1 127 ? 11.516  0.582   10.404  1.00 37.65 ? 125  ARG A CG  1 
ATOM   894  C CD  . ARG A 1 127 ? 11.529  0.807   11.906  1.00 39.77 ? 125  ARG A CD  1 
ATOM   895  N NE  . ARG A 1 127 ? 10.259  1.318   12.415  1.00 46.54 ? 125  ARG A NE  1 
ATOM   896  C CZ  . ARG A 1 127 ? 9.916   2.602   12.422  1.00 48.04 ? 125  ARG A CZ  1 
ATOM   897  N NH1 . ARG A 1 127 ? 10.747  3.519   11.937  1.00 46.99 ? 125  ARG A NH1 1 
ATOM   898  N NH2 . ARG A 1 127 ? 8.740   2.968   12.916  1.00 47.08 ? 125  ARG A NH2 1 
ATOM   899  N N   . SER A 1 128 ? 14.981  0.443   7.765   1.00 31.97 ? 126  SER A N   1 
ATOM   900  C CA  . SER A 1 128 ? 15.870  1.535   7.371   1.00 28.92 ? 126  SER A CA  1 
ATOM   901  C C   . SER A 1 128 ? 15.890  1.784   5.857   1.00 32.54 ? 126  SER A C   1 
ATOM   902  O O   . SER A 1 128 ? 16.595  2.674   5.377   1.00 28.52 ? 126  SER A O   1 
ATOM   903  C CB  . SER A 1 128 ? 17.288  1.310   7.903   1.00 37.10 ? 126  SER A CB  1 
ATOM   904  O OG  . SER A 1 128 ? 17.921  0.236   7.236   1.00 40.41 ? 126  SER A OG  1 
ATOM   905  N N   . ASP A 1 129 ? 15.111  1.003   5.108   1.00 25.84 ? 127  ASP A N   1 
ATOM   906  C CA  . ASP A 1 129 ? 14.966  1.225   3.664   1.00 22.24 ? 127  ASP A CA  1 
ATOM   907  C C   . ASP A 1 129 ? 14.353  2.605   3.358   1.00 25.19 ? 127  ASP A C   1 
ATOM   908  O O   . ASP A 1 129 ? 13.381  3.015   3.986   1.00 26.61 ? 127  ASP A O   1 
ATOM   909  C CB  . ASP A 1 129 ? 14.113  0.096   3.058   1.00 24.12 ? 127  ASP A CB  1 
ATOM   910  C CG  . ASP A 1 129 ? 14.153  0.068   1.533   1.00 26.76 ? 127  ASP A CG  1 
ATOM   911  O OD1 . ASP A 1 129 ? 14.692  -0.911  0.968   1.00 24.77 ? 127  ASP A OD1 1 
ATOM   912  O OD2 . ASP A 1 129 ? 13.628  0.996   0.891   1.00 28.10 ? 127  ASP A OD2 1 
ATOM   913  N N   . GLN A 1 130 ? 14.908  3.328   2.390   1.00 27.50 ? 128  GLN A N   1 
ATOM   914  C CA  . GLN A 1 130 ? 14.392  4.666   2.099   1.00 28.48 ? 128  GLN A CA  1 
ATOM   915  C C   . GLN A 1 130 ? 13.180  4.702   1.158   1.00 29.25 ? 128  GLN A C   1 
ATOM   916  O O   . GLN A 1 130 ? 12.690  5.782   0.821   1.00 33.24 ? 128  GLN A O   1 
ATOM   917  C CB  . GLN A 1 130 ? 15.502  5.583   1.557   1.00 36.16 ? 128  GLN A CB  1 
ATOM   918  C CG  . GLN A 1 130 ? 16.654  5.831   2.528   1.00 46.63 ? 128  GLN A CG  1 
ATOM   919  C CD  . GLN A 1 130 ? 17.737  6.736   1.951   1.00 57.67 ? 128  GLN A CD  1 
ATOM   920  O OE1 . GLN A 1 130 ? 17.741  7.040   0.756   1.00 60.12 ? 128  GLN A OE1 1 
ATOM   921  N NE2 . GLN A 1 130 ? 18.663  7.168   2.804   1.00 44.92 ? 128  GLN A NE2 1 
ATOM   922  N N   A HIS A 1 131 ? 12.706  3.547   0.687   0.50 21.80 ? 129  HIS A N   1 
ATOM   923  N N   B HIS A 1 131 ? 12.673  3.523   0.807   0.50 21.71 ? 129  HIS A N   1 
ATOM   924  C CA  A HIS A 1 131 ? 11.575  3.558   -0.244  0.50 17.95 ? 129  HIS A CA  1 
ATOM   925  C CA  B HIS A 1 131 ? 11.628  3.415   -0.194  0.50 18.05 ? 129  HIS A CA  1 
ATOM   926  C C   A HIS A 1 131 ? 10.270  3.029   0.399   0.50 18.77 ? 129  HIS A C   1 
ATOM   927  C C   B HIS A 1 131 ? 10.293  2.975   0.409   0.50 18.73 ? 129  HIS A C   1 
ATOM   928  O O   A HIS A 1 131 ? 9.327   2.665   -0.313  0.50 18.56 ? 129  HIS A O   1 
ATOM   929  O O   B HIS A 1 131 ? 9.350   2.636   -0.315  0.50 18.59 ? 129  HIS A O   1 
ATOM   930  C CB  A HIS A 1 131 ? 11.892  2.807   -1.561  0.50 19.06 ? 129  HIS A CB  1 
ATOM   931  C CB  B HIS A 1 131 ? 12.071  2.435   -1.272  0.50 19.76 ? 129  HIS A CB  1 
ATOM   932  C CG  A HIS A 1 131 ? 12.745  3.583   -2.528  0.50 20.10 ? 129  HIS A CG  1 
ATOM   933  C CG  B HIS A 1 131 ? 13.354  2.826   -1.931  0.50 21.02 ? 129  HIS A CG  1 
ATOM   934  N ND1 A HIS A 1 131 ? 14.108  3.412   -2.621  0.50 18.92 ? 129  HIS A ND1 1 
ATOM   935  N ND1 B HIS A 1 131 ? 14.578  2.317   -1.553  0.50 18.22 ? 129  HIS A ND1 1 
ATOM   936  C CD2 A HIS A 1 131 ? 12.423  4.514   -3.459  0.50 13.10 ? 129  HIS A CD2 1 
ATOM   937  C CD2 B HIS A 1 131 ? 13.603  3.703   -2.931  0.50 13.51 ? 129  HIS A CD2 1 
ATOM   938  C CE1 A HIS A 1 131 ? 14.592  4.211   -3.556  0.50 16.28 ? 129  HIS A CE1 1 
ATOM   939  C CE1 B HIS A 1 131 ? 15.523  2.848   -2.308  0.50 19.29 ? 129  HIS A CE1 1 
ATOM   940  N NE2 A HIS A 1 131 ? 13.588  4.894   -4.078  0.50 18.37 ? 129  HIS A NE2 1 
ATOM   941  N NE2 B HIS A 1 131 ? 14.959  3.702   -3.145  0.50 18.23 ? 129  HIS A NE2 1 
ATOM   942  N N   . ILE A 1 132 ? 10.218  3.019   1.733   1.00 20.89 ? 130  ILE A N   1 
ATOM   943  C CA  . ILE A 1 132 ? 9.021   2.587   2.459   1.00 19.78 ? 130  ILE A CA  1 
ATOM   944  C C   . ILE A 1 132 ? 8.230   3.742   3.119   1.00 20.15 ? 130  ILE A C   1 
ATOM   945  O O   . ILE A 1 132 ? 7.208   3.506   3.755   1.00 17.27 ? 130  ILE A O   1 
ATOM   946  C CB  . ILE A 1 132 ? 9.383   1.558   3.538   1.00 17.44 ? 130  ILE A CB  1 
ATOM   947  C CG1 . ILE A 1 132 ? 10.242  2.201   4.627   1.00 24.43 ? 130  ILE A CG1 1 
ATOM   948  C CG2 . ILE A 1 132 ? 10.138  0.360   2.933   1.00 20.26 ? 130  ILE A CG2 1 
ATOM   949  C CD1 . ILE A 1 132 ? 10.622  1.246   5.716   1.00 23.38 ? 130  ILE A CD1 1 
ATOM   950  N N   . GLN A 1 133 ? 8.688   4.984   2.955   1.00 21.17 ? 131  GLN A N   1 
ATOM   951  C CA  . GLN A 1 133 ? 7.981   6.134   3.514   1.00 16.71 ? 131  GLN A CA  1 
ATOM   952  C C   . GLN A 1 133 ? 6.930   6.664   2.547   1.00 17.62 ? 131  GLN A C   1 
ATOM   953  O O   . GLN A 1 133 ? 7.221   6.939   1.387   1.00 24.95 ? 131  GLN A O   1 
ATOM   954  C CB  . GLN A 1 133 ? 8.970   7.263   3.852   1.00 21.70 ? 131  GLN A CB  1 
ATOM   955  C CG  . GLN A 1 133 ? 9.997   6.900   4.909   1.00 27.00 ? 131  GLN A CG  1 
ATOM   956  C CD  . GLN A 1 133 ? 11.084  5.980   4.384   1.00 25.22 ? 131  GLN A CD  1 
ATOM   957  O OE1 . GLN A 1 133 ? 11.736  5.276   5.154   1.00 40.09 ? 131  GLN A OE1 1 
ATOM   958  N NE2 . GLN A 1 133 ? 11.272  5.970   3.072   1.00 28.78 ? 131  GLN A NE2 1 
ATOM   959  N N   . PHE A 1 134 ? 5.706   6.813   3.042   1.00 16.53 ? 132  PHE A N   1 
ATOM   960  C CA  . PHE A 1 134 ? 4.589   7.287   2.242   1.00 19.93 ? 132  PHE A CA  1 
ATOM   961  C C   . PHE A 1 134 ? 4.009   8.568   2.789   1.00 20.16 ? 132  PHE A C   1 
ATOM   962  O O   . PHE A 1 134 ? 3.941   8.770   4.007   1.00 24.10 ? 132  PHE A O   1 
ATOM   963  C CB  . PHE A 1 134 ? 3.480   6.231   2.225   1.00 17.84 ? 132  PHE A CB  1 
ATOM   964  C CG  . PHE A 1 134 ? 3.827   5.020   1.430   1.00 16.79 ? 132  PHE A CG  1 
ATOM   965  C CD1 . PHE A 1 134 ? 3.446   4.927   0.104   1.00 17.62 ? 132  PHE A CD1 1 
ATOM   966  C CD2 . PHE A 1 134 ? 4.553   3.995   2.005   1.00 15.87 ? 132  PHE A CD2 1 
ATOM   967  C CE1 . PHE A 1 134 ? 3.762   3.811   -0.645  1.00 17.86 ? 132  PHE A CE1 1 
ATOM   968  C CE2 . PHE A 1 134 ? 4.875   2.868   1.268   1.00 17.60 ? 132  PHE A CE2 1 
ATOM   969  C CZ  . PHE A 1 134 ? 4.495   2.792   -0.066  1.00 18.67 ? 132  PHE A CZ  1 
ATOM   970  N N   . GLN A 1 135 ? 3.562   9.413   1.872   1.00 21.07 ? 133  GLN A N   1 
ATOM   971  C CA  . GLN A 1 135 ? 2.743   10.564  2.209   1.00 22.63 ? 133  GLN A CA  1 
ATOM   972  C C   . GLN A 1 135 ? 1.304   10.203  1.847   1.00 25.44 ? 133  GLN A C   1 
ATOM   973  O O   . GLN A 1 135 ? 1.014   9.858   0.695   1.00 24.90 ? 133  GLN A O   1 
ATOM   974  C CB  . GLN A 1 135 ? 3.205   11.791  1.419   1.00 28.72 ? 133  GLN A CB  1 
ATOM   975  C CG  . GLN A 1 135 ? 2.353   13.030  1.667   1.00 40.22 ? 133  GLN A CG  1 
ATOM   976  C CD  . GLN A 1 135 ? 2.799   14.230  0.850   1.00 52.50 ? 133  GLN A CD  1 
ATOM   977  O OE1 . GLN A 1 135 ? 3.603   14.105  -0.076  1.00 59.78 ? 133  GLN A OE1 1 
ATOM   978  N NE2 . GLN A 1 135 ? 2.274   15.401  1.187   1.00 56.36 ? 133  GLN A NE2 1 
ATOM   979  N N   . VAL A 1 136 ? 0.409   10.249  2.830   1.00 22.90 ? 134  VAL A N   1 
ATOM   980  C CA  . VAL A 1 136 ? -0.998  9.986   2.586   1.00 27.60 ? 134  VAL A CA  1 
ATOM   981  C C   . VAL A 1 136 ? -1.726  11.301  2.373   1.00 29.76 ? 134  VAL A C   1 
ATOM   982  O O   . VAL A 1 136 ? -1.706  12.162  3.250   1.00 34.93 ? 134  VAL A O   1 
ATOM   983  C CB  . VAL A 1 136 ? -1.653  9.247   3.775   1.00 27.93 ? 134  VAL A CB  1 
ATOM   984  C CG1 . VAL A 1 136 ? -3.136  9.015   3.503   1.00 28.90 ? 134  VAL A CG1 1 
ATOM   985  C CG2 . VAL A 1 136 ? -0.942  7.931   4.045   1.00 34.86 ? 134  VAL A CG2 1 
ATOM   986  N N   . SER A 1 137 ? -2.343  11.475  1.208   1.00 23.75 ? 135  SER A N   1 
ATOM   987  C CA  . SER A 1 137 ? -3.140  12.682  0.959   1.00 30.75 ? 135  SER A CA  1 
ATOM   988  C C   . SER A 1 137 ? -4.577  12.383  0.520   1.00 30.68 ? 135  SER A C   1 
ATOM   989  O O   . SER A 1 137 ? -4.830  11.410  -0.179  1.00 28.39 ? 135  SER A O   1 
ATOM   990  C CB  . SER A 1 137 ? -2.438  13.586  -0.061  1.00 36.36 ? 135  SER A CB  1 
ATOM   991  O OG  . SER A 1 137 ? -2.192  12.895  -1.273  1.00 41.04 ? 135  SER A OG  1 
ATOM   992  N N   . PRO A 1 138 ? -5.531  13.227  0.935   1.00 33.75 ? 136  PRO A N   1 
ATOM   993  C CA  . PRO A 1 138 ? -6.934  13.105  0.511   1.00 38.94 ? 136  PRO A CA  1 
ATOM   994  C C   . PRO A 1 138 ? -7.130  13.383  -0.982  1.00 47.60 ? 136  PRO A C   1 
ATOM   995  O O   . PRO A 1 138 ? -6.421  14.219  -1.543  1.00 47.43 ? 136  PRO A O   1 
ATOM   996  C CB  . PRO A 1 138 ? -7.643  14.181  1.337   1.00 43.42 ? 136  PRO A CB  1 
ATOM   997  C CG  . PRO A 1 138 ? -6.740  14.423  2.505   1.00 45.82 ? 136  PRO A CG  1 
ATOM   998  C CD  . PRO A 1 138 ? -5.357  14.258  1.972   1.00 49.32 ? 136  PRO A CD  1 
HETATM 999  C C   . TRS B 2 .   ? 4.500   -6.963  -7.976  1.00 13.09 ? 7359 TRS A C   1 
HETATM 1000 C C1  . TRS B 2 .   ? 3.500   -7.047  -9.133  1.00 12.45 ? 7359 TRS A C1  1 
HETATM 1001 C C2  . TRS B 2 .   ? 5.848   -6.405  -8.451  1.00 15.30 ? 7359 TRS A C2  1 
HETATM 1002 C C3  . TRS B 2 .   ? 4.693   -8.347  -7.357  1.00 13.67 ? 7359 TRS A C3  1 
HETATM 1003 N N   . TRS B 2 .   ? 3.928   -6.057  -6.951  1.00 12.43 ? 7359 TRS A N   1 
HETATM 1004 O O1  . TRS B 2 .   ? 2.172   -7.291  -8.671  1.00 13.66 ? 7359 TRS A O1  1 
HETATM 1005 O O2  . TRS B 2 .   ? 5.695   -5.039  -8.766  1.00 14.70 ? 7359 TRS A O2  1 
HETATM 1006 O O3  . TRS B 2 .   ? 5.294   -8.258  -6.073  1.00 13.60 ? 7359 TRS A O3  1 
HETATM 1007 S S   . SO4 C 3 .   ? -6.598  -14.768 -4.362  1.00 54.60 ? 141  SO4 A S   1 
HETATM 1008 O O1  . SO4 C 3 .   ? -7.173  -13.444 -4.615  1.00 32.71 ? 141  SO4 A O1  1 
HETATM 1009 O O2  . SO4 C 3 .   ? -5.319  -14.886 -5.065  1.00 47.09 ? 141  SO4 A O2  1 
HETATM 1010 O O3  . SO4 C 3 .   ? -6.367  -14.989 -2.932  1.00 38.23 ? 141  SO4 A O3  1 
HETATM 1011 O O4  . SO4 C 3 .   ? -7.523  -15.786 -4.856  1.00 75.34 ? 141  SO4 A O4  1 
HETATM 1012 O O   . HOH D 4 .   ? 12.346  -6.364  -7.304  1.00 42.74 ? 104  HOH A O   1 
HETATM 1013 O O   . HOH D 4 .   ? 4.872   3.117   -14.444 1.00 40.29 ? 105  HOH A O   1 
HETATM 1014 O O   . HOH D 4 .   ? 16.964  -2.183  1.739   1.00 40.47 ? 106  HOH A O   1 
HETATM 1015 O O   . HOH D 4 .   ? 8.241   12.673  -3.501  1.00 35.12 ? 120  HOH A O   1 
HETATM 1016 O O   . HOH D 4 .   ? 14.095  6.846   7.201   1.00 45.47 ? 121  HOH A O   1 
HETATM 1017 O O   . HOH D 4 .   ? 16.034  -5.216  -11.680 1.00 41.53 ? 122  HOH A O   1 
HETATM 1018 O O   . HOH D 4 .   ? 0.581   -8.279  -15.503 1.00 39.30 ? 142  HOH A O   1 
HETATM 1019 O O   . HOH D 4 .   ? -5.834  -12.778 -6.802  1.00 42.47 ? 144  HOH A O   1 
HETATM 1020 O O   . HOH D 4 .   ? 15.142  6.412   4.868   1.00 42.58 ? 145  HOH A O   1 
HETATM 1021 O O   . HOH D 4 .   ? 2.712   -4.407  -12.327 1.00 38.58 ? 146  HOH A O   1 
HETATM 1022 O O   . HOH D 4 .   ? 16.343  -5.479  -7.190  1.00 42.53 ? 147  HOH A O   1 
HETATM 1023 O O   . HOH D 4 .   ? -0.116  13.177  -13.804 1.00 39.30 ? 148  HOH A O   1 
HETATM 1024 O O   . HOH D 4 .   ? 12.865  9.093   6.426   1.00 47.21 ? 149  HOH A O   1 
HETATM 1025 O O   . HOH D 4 .   ? 5.523   -7.042  -12.472 1.00 40.09 ? 150  HOH A O   1 
HETATM 1026 O O   . HOH D 4 .   ? 19.771  -1.159  11.185  1.00 39.28 ? 151  HOH A O   1 
HETATM 1027 O O   . HOH D 4 .   ? 18.042  -5.007  -9.477  1.00 46.11 ? 152  HOH A O   1 
HETATM 1028 O O   . HOH D 4 .   ? -6.955  -11.405 -9.087  1.00 42.80 ? 153  HOH A O   1 
HETATM 1029 O O   . HOH D 4 .   ? 14.273  -0.420  -8.738  1.00 25.65 ? 154  HOH A O   1 
HETATM 1030 O O   . HOH D 4 .   ? -5.385  -4.174  2.608   1.00 14.25 ? 155  HOH A O   1 
HETATM 1031 O O   . HOH D 4 .   ? -2.005  5.937   -4.426  1.00 17.86 ? 156  HOH A O   1 
HETATM 1032 O O   . HOH D 4 .   ? -12.949 -5.952  11.343  1.00 17.15 ? 157  HOH A O   1 
HETATM 1033 O O   . HOH D 4 .   ? 5.927   1.153   4.372   1.00 16.38 ? 158  HOH A O   1 
HETATM 1034 O O   . HOH D 4 .   ? -8.899  2.981   -7.198  1.00 21.29 ? 159  HOH A O   1 
HETATM 1035 O O   . HOH D 4 .   ? -1.190  -8.633  7.640   1.00 19.62 ? 160  HOH A O   1 
HETATM 1036 O O   . HOH D 4 .   ? 1.808   -10.073 5.251   1.00 21.32 ? 161  HOH A O   1 
HETATM 1037 O O   . HOH D 4 .   ? 8.463   -11.755 7.030   1.00 20.81 ? 162  HOH A O   1 
HETATM 1038 O O   . HOH D 4 .   ? 7.982   -8.401  -6.386  1.00 19.09 ? 163  HOH A O   1 
HETATM 1039 O O   . HOH D 4 .   ? -2.893  -15.300 1.651   1.00 25.11 ? 164  HOH A O   1 
HETATM 1040 O O   . HOH D 4 .   ? 4.247   -15.977 -0.312  1.00 21.83 ? 165  HOH A O   1 
HETATM 1041 O O   . HOH D 4 .   ? 5.084   -4.769  -11.454 1.00 23.35 ? 166  HOH A O   1 
HETATM 1042 O O   . HOH D 4 .   ? -10.378 -6.938  -11.368 1.00 25.36 ? 167  HOH A O   1 
HETATM 1043 O O   . HOH D 4 .   ? 9.820   5.065   -3.933  1.00 27.62 ? 168  HOH A O   1 
HETATM 1044 O O   . HOH D 4 .   ? -7.256  0.505   -8.216  1.00 23.26 ? 169  HOH A O   1 
HETATM 1045 O O   . HOH D 4 .   ? 7.558   -13.947 5.362   1.00 23.46 ? 170  HOH A O   1 
HETATM 1046 O O   . HOH D 4 .   ? -14.402 -0.740  -4.168  1.00 24.30 ? 171  HOH A O   1 
HETATM 1047 O O   . HOH D 4 .   ? -3.778  -11.007 -7.271  1.00 24.06 ? 172  HOH A O   1 
HETATM 1048 O O   . HOH D 4 .   ? 9.867   -6.339  -6.727  1.00 29.21 ? 173  HOH A O   1 
HETATM 1049 O O   . HOH D 4 .   ? 9.905   -12.402 2.458   1.00 24.41 ? 174  HOH A O   1 
HETATM 1050 O O   . HOH D 4 .   ? -7.686  -9.853  -7.195  1.00 37.61 ? 175  HOH A O   1 
HETATM 1051 O O   . HOH D 4 .   ? -9.647  -12.189 -5.172  1.00 34.81 ? 176  HOH A O   1 
HETATM 1052 O O   . HOH D 4 .   ? -3.671  -13.977 11.584  1.00 24.53 ? 177  HOH A O   1 
HETATM 1053 O O   . HOH D 4 .   ? -14.129 -6.041  -2.179  1.00 29.30 ? 178  HOH A O   1 
HETATM 1054 O O   . HOH D 4 .   ? 11.572  6.258   -10.722 1.00 29.08 ? 179  HOH A O   1 
HETATM 1055 O O   . HOH D 4 .   ? -4.444  2.404   -14.881 1.00 31.53 ? 180  HOH A O   1 
HETATM 1056 O O   . HOH D 4 .   ? -11.650 2.459   -13.118 1.00 29.12 ? 181  HOH A O   1 
HETATM 1057 O O   . HOH D 4 .   ? -6.628  -15.677 0.612   1.00 29.95 ? 182  HOH A O   1 
HETATM 1058 O O   . HOH D 4 .   ? 10.554  -9.627  2.026   1.00 30.92 ? 183  HOH A O   1 
HETATM 1059 O O   . HOH D 4 .   ? 5.038   0.721   -12.641 1.00 27.20 ? 184  HOH A O   1 
HETATM 1060 O O   . HOH D 4 .   ? 9.823   6.618   0.248   1.00 26.15 ? 186  HOH A O   1 
HETATM 1061 O O   . HOH D 4 .   ? 10.990  -8.326  -1.078  1.00 29.15 ? 187  HOH A O   1 
HETATM 1062 O O   . HOH D 4 .   ? -9.875  6.429   3.477   1.00 30.44 ? 188  HOH A O   1 
HETATM 1063 O O   . HOH D 4 .   ? -2.562  -8.671  -17.365 1.00 32.47 ? 189  HOH A O   1 
HETATM 1064 O O   . HOH D 4 .   ? 10.877  0.219   -14.850 1.00 31.91 ? 190  HOH A O   1 
HETATM 1065 O O   . HOH D 4 .   ? -0.580  -12.940 -7.514  1.00 30.98 ? 191  HOH A O   1 
HETATM 1066 O O   . HOH D 4 .   ? 19.988  -2.352  6.775   1.00 28.51 ? 192  HOH A O   1 
HETATM 1067 O O   . HOH D 4 .   ? 1.028   11.113  5.398   1.00 35.73 ? 193  HOH A O   1 
HETATM 1068 O O   . HOH D 4 .   ? 3.064   4.830   -15.137 1.00 32.26 ? 194  HOH A O   1 
HETATM 1069 O O   . HOH D 4 .   ? -1.285  11.806  -17.113 1.00 35.54 ? 195  HOH A O   1 
HETATM 1070 O O   . HOH D 4 .   ? -13.977 -8.319  -0.677  1.00 25.98 ? 196  HOH A O   1 
HETATM 1071 O O   . HOH D 4 .   ? 0.097   11.599  -1.274  1.00 33.20 ? 197  HOH A O   1 
HETATM 1072 O O   . HOH D 4 .   ? -0.396  -14.908 0.904   1.00 33.35 ? 198  HOH A O   1 
HETATM 1073 O O   . HOH D 4 .   ? 7.050   -0.651  -13.389 1.00 26.94 ? 199  HOH A O   1 
HETATM 1074 O O   . HOH D 4 .   ? 2.454   -13.696 -5.047  1.00 33.35 ? 200  HOH A O   1 
HETATM 1075 O O   . HOH D 4 .   ? 17.331  -2.812  10.114  1.00 43.33 ? 201  HOH A O   1 
HETATM 1076 O O   . HOH D 4 .   ? 10.084  -5.450  10.230  1.00 37.99 ? 202  HOH A O   1 
HETATM 1077 O O   . HOH D 4 .   ? -10.015 -18.092 1.357   1.00 37.18 ? 203  HOH A O   1 
HETATM 1078 O O   . HOH D 4 .   ? 14.585  -2.881  10.434  1.00 37.74 ? 204  HOH A O   1 
HETATM 1079 O O   . HOH D 4 .   ? -0.864  -15.149 -2.276  1.00 36.43 ? 205  HOH A O   1 
HETATM 1080 O O   . HOH D 4 .   ? 20.440  0.472   6.231   1.00 35.92 ? 206  HOH A O   1 
HETATM 1081 O O   . HOH D 4 .   ? 15.642  -0.226  -1.563  1.00 27.73 ? 207  HOH A O   1 
HETATM 1082 O O   . HOH D 4 .   ? -2.327  1.309   12.618  1.00 30.76 ? 208  HOH A O   1 
HETATM 1083 O O   . HOH D 4 .   ? -10.718 -0.346  3.117   1.00 30.53 ? 209  HOH A O   1 
HETATM 1084 O O   . HOH D 4 .   ? -7.844  -9.609  -10.747 1.00 33.22 ? 210  HOH A O   1 
HETATM 1085 O O   . HOH D 4 .   ? -8.328  1.048   12.806  1.00 40.42 ? 211  HOH A O   1 
HETATM 1086 O O   . HOH D 4 .   ? 14.303  0.185   -3.924  1.00 28.90 ? 212  HOH A O   1 
HETATM 1087 O O   . HOH D 4 .   ? -6.581  -4.487  15.933  1.00 33.75 ? 213  HOH A O   1 
HETATM 1088 O O   . HOH D 4 .   ? 4.431   -15.722 -5.322  1.00 36.66 ? 214  HOH A O   1 
HETATM 1089 O O   . HOH D 4 .   ? 14.399  -3.497  -4.316  1.00 31.56 ? 215  HOH A O   1 
HETATM 1090 O O   . HOH D 4 .   ? -6.558  9.846   -9.822  1.00 42.42 ? 216  HOH A O   1 
HETATM 1091 O O   . HOH D 4 .   ? 1.787   2.597   -16.766 1.00 32.38 ? 217  HOH A O   1 
HETATM 1092 O O   . HOH D 4 .   ? -0.381  -14.258 -4.554  1.00 36.48 ? 218  HOH A O   1 
HETATM 1093 O O   . HOH D 4 .   ? -0.341  13.826  -3.777  1.00 38.86 ? 219  HOH A O   1 
HETATM 1094 O O   . HOH D 4 .   ? -7.372  -5.929  14.116  1.00 30.68 ? 220  HOH A O   1 
HETATM 1095 O O   . HOH D 4 .   ? -13.914 -11.629 -5.997  1.00 40.53 ? 221  HOH A O   1 
HETATM 1096 O O   . HOH D 4 .   ? 14.554  -3.354  -12.340 1.00 35.78 ? 222  HOH A O   1 
HETATM 1097 O O   . HOH D 4 .   ? 5.711   -2.923  -13.064 1.00 36.59 ? 223  HOH A O   1 
HETATM 1098 O O   . HOH D 4 .   ? 4.789   -3.857  13.883  1.00 50.36 ? 224  HOH A O   1 
HETATM 1099 O O   . HOH D 4 .   ? 11.413  10.043  3.802   1.00 40.86 ? 225  HOH A O   1 
HETATM 1100 O O   . HOH D 4 .   ? 2.207   -11.816 -6.986  1.00 34.38 ? 226  HOH A O   1 
HETATM 1101 O O   . HOH D 4 .   ? 7.286   -1.665  -16.104 1.00 37.61 ? 227  HOH A O   1 
HETATM 1102 O O   . HOH D 4 .   ? -13.997 -2.367  8.506   1.00 36.81 ? 228  HOH A O   1 
HETATM 1103 O O   . HOH D 4 .   ? 0.247   -17.322 1.942   1.00 38.75 ? 229  HOH A O   1 
HETATM 1104 O O   . HOH D 4 .   ? 3.282   -6.674  -13.520 1.00 37.73 ? 230  HOH A O   1 
HETATM 1105 O O   . HOH D 4 .   ? 6.373   4.362   -12.536 1.00 32.41 ? 231  HOH A O   1 
HETATM 1106 O O   . HOH D 4 .   ? 11.090  -8.343  -3.658  1.00 34.44 ? 232  HOH A O   1 
HETATM 1107 O O   . HOH D 4 .   ? 13.814  -6.149  -10.489 1.00 33.71 ? 233  HOH A O   1 
HETATM 1108 O O   . HOH D 4 .   ? -11.410 -11.485 -7.231  1.00 38.07 ? 234  HOH A O   1 
HETATM 1109 O O   . HOH D 4 .   ? 10.082  -3.484  12.048  1.00 40.85 ? 235  HOH A O   1 
HETATM 1110 O O   . HOH D 4 .   ? -15.781 -3.809  -2.412  1.00 33.17 ? 236  HOH A O   1 
HETATM 1111 O O   . HOH D 4 .   ? 3.408   11.013  10.370  1.00 37.73 ? 237  HOH A O   1 
HETATM 1112 O O   . HOH D 4 .   ? -4.035  -9.109  11.848  1.00 37.07 ? 238  HOH A O   1 
HETATM 1113 O O   . HOH D 4 .   ? 6.168   -18.127 0.731   1.00 37.00 ? 239  HOH A O   1 
HETATM 1114 O O   . HOH D 4 .   ? -13.736 3.114   4.883   1.00 42.43 ? 240  HOH A O   1 
HETATM 1115 O O   . HOH D 4 .   ? 7.251   4.920   12.096  1.00 40.12 ? 241  HOH A O   1 
HETATM 1116 O O   . HOH D 4 .   ? -3.992  -12.864 14.126  1.00 40.41 ? 242  HOH A O   1 
HETATM 1117 O O   . HOH D 4 .   ? 4.855   12.374  -9.203  1.00 40.16 ? 243  HOH A O   1 
HETATM 1118 O O   . HOH D 4 .   ? 13.063  -5.794  -4.758  1.00 34.44 ? 244  HOH A O   1 
HETATM 1119 O O   . HOH D 4 .   ? 7.036   0.016   12.392  1.00 41.76 ? 245  HOH A O   1 
HETATM 1120 O O   . HOH D 4 .   ? -1.393  -10.403 12.045  1.00 35.67 ? 246  HOH A O   1 
HETATM 1121 O O   . HOH D 4 .   ? 3.271   13.956  -6.758  1.00 42.70 ? 247  HOH A O   1 
HETATM 1122 O O   . HOH D 4 .   ? 9.686   3.714   -12.756 1.00 38.14 ? 248  HOH A O   1 
HETATM 1123 O O   . HOH D 4 .   ? 4.844   6.825   -13.985 1.00 27.88 ? 249  HOH A O   1 
HETATM 1124 O O   . HOH D 4 .   ? -2.584  -10.577 14.262  1.00 38.87 ? 250  HOH A O   1 
HETATM 1125 O O   . HOH D 4 .   ? 18.854  -0.395  3.606   1.00 41.99 ? 251  HOH A O   1 
HETATM 1126 O O   . HOH D 4 .   ? 12.657  -4.340  -9.044  1.00 36.92 ? 252  HOH A O   1 
HETATM 1127 O O   . HOH D 4 .   ? -12.087 10.641  -13.680 1.00 51.60 ? 253  HOH A O   1 
HETATM 1128 O O   . HOH D 4 .   ? 5.447   -18.820 3.092   1.00 36.77 ? 254  HOH A O   1 
HETATM 1129 O O   . HOH D 4 .   ? 10.251  -10.452 -2.737  1.00 37.92 ? 255  HOH A O   1 
HETATM 1130 O O   . HOH D 4 .   ? -0.968  -0.994  -15.204 1.00 37.28 ? 256  HOH A O   1 
HETATM 1131 O O   . HOH D 4 .   ? -16.450 0.588   -2.775  1.00 38.98 ? 257  HOH A O   1 
HETATM 1132 O O   . HOH D 4 .   ? -5.952  -18.142 -4.805  1.00 46.51 ? 258  HOH A O   1 
HETATM 1133 O O   . HOH D 4 .   ? 7.661   14.208  2.743   1.00 50.04 ? 259  HOH A O   1 
HETATM 1134 O O   . HOH D 4 .   ? -6.656  -11.193 17.920  1.00 25.66 ? 260  HOH A O   1 
HETATM 1135 O O   . HOH D 4 .   ? -7.148  -3.915  18.762  1.00 41.95 ? 261  HOH A O   1 
HETATM 1136 O O   . HOH D 4 .   ? -3.308  -10.475 9.834   1.00 39.33 ? 262  HOH A O   1 
HETATM 1137 O O   . HOH D 4 .   ? -8.082  5.510   -15.007 1.00 43.29 ? 263  HOH A O   1 
HETATM 1138 O O   . HOH D 4 .   ? 12.716  -8.969  -7.310  1.00 44.86 ? 264  HOH A O   1 
HETATM 1139 O O   . HOH D 4 .   ? 9.734   -12.458 -3.800  1.00 34.38 ? 265  HOH A O   1 
HETATM 1140 O O   . HOH D 4 .   ? 13.520  4.107   6.597   1.00 40.39 ? 266  HOH A O   1 
HETATM 1141 O O   . HOH D 4 .   ? -13.827 -2.744  6.058   1.00 40.14 ? 267  HOH A O   1 
HETATM 1142 O O   . HOH D 4 .   ? -13.216 0.164   2.160   1.00 40.13 ? 268  HOH A O   1 
HETATM 1143 O O   . HOH D 4 .   ? -4.559  0.072   -13.957 1.00 31.56 ? 269  HOH A O   1 
HETATM 1144 O O   . HOH D 4 .   ? 2.277   -5.380  13.691  1.00 43.20 ? 270  HOH A O   1 
HETATM 1145 O O   . HOH D 4 .   ? -6.768  -12.630 15.303  1.00 41.18 ? 271  HOH A O   1 
HETATM 1146 O O   . HOH D 4 .   ? -4.239  -15.728 4.805   1.00 40.25 ? 272  HOH A O   1 
HETATM 1147 O O   . HOH D 4 .   ? 12.521  8.230   2.450   1.00 42.99 ? 273  HOH A O   1 
HETATM 1148 O O   . HOH D 4 .   ? 11.527  -14.302 -0.700  1.00 45.16 ? 274  HOH A O   1 
HETATM 1149 O O   . HOH D 4 .   ? 13.666  -8.357  -2.297  1.00 38.63 ? 275  HOH A O   1 
HETATM 1150 O O   . HOH D 4 .   ? -6.209  3.511   -16.367 1.00 43.99 ? 276  HOH A O   1 
HETATM 1151 O O   . HOH D 4 .   ? -10.795 4.339   -14.787 1.00 43.56 ? 277  HOH A O   1 
HETATM 1152 O O   . HOH D 4 .   ? 13.306  -9.921  -4.471  1.00 47.22 ? 278  HOH A O   1 
HETATM 1153 O O   . HOH D 4 .   ? -0.212  -5.865  -15.804 1.00 43.93 ? 279  HOH A O   1 
HETATM 1154 O O   . HOH D 4 .   ? 1.044   -4.504  -14.027 1.00 35.36 ? 280  HOH A O   1 
HETATM 1155 O O   . HOH D 4 .   ? 12.592  -8.476  3.828   1.00 34.59 ? 281  HOH A O   1 
HETATM 1156 O O   . HOH D 4 .   ? -4.348  -10.391 18.670  1.00 44.56 ? 282  HOH A O   1 
HETATM 1157 O O   . HOH D 4 .   ? 17.880  -4.366  3.495   1.00 35.82 ? 283  HOH A O   1 
HETATM 1158 O O   . HOH D 4 .   ? 3.647   -7.697  13.083  1.00 40.51 ? 284  HOH A O   1 
HETATM 1159 O O   . HOH D 4 .   ? 7.006   -1.166  14.734  1.00 50.11 ? 285  HOH A O   1 
HETATM 1160 O O   . HOH D 4 .   ? 17.617  -7.484  -10.791 1.00 38.57 ? 286  HOH A O   1 
HETATM 1161 O O   . HOH D 4 .   ? -7.975  8.147   -16.569 1.00 46.48 ? 287  HOH A O   1 
HETATM 1162 O O   . HOH D 4 .   ? 6.888   14.073  -5.499  1.00 44.14 ? 288  HOH A O   1 
HETATM 1163 O O   . HOH D 4 .   ? 17.408  -5.994  -14.096 1.00 43.80 ? 289  HOH A O   1 
# 
